data_5DUK
# 
_entry.id   5DUK 
# 
_audit_conform.dict_name       mmcif_pdbx.dic 
_audit_conform.dict_version    5.397 
_audit_conform.dict_location   http://mmcif.pdb.org/dictionaries/ascii/mmcif_pdbx.dic 
# 
loop_
_database_2.database_id 
_database_2.database_code 
_database_2.pdbx_database_accession 
_database_2.pdbx_DOI 
PDB   5DUK         pdb_00005duk 10.2210/pdb5duk/pdb 
WWPDB D_1000213697 ?            ?                   
# 
loop_
_pdbx_audit_revision_history.ordinal 
_pdbx_audit_revision_history.data_content_type 
_pdbx_audit_revision_history.major_revision 
_pdbx_audit_revision_history.minor_revision 
_pdbx_audit_revision_history.revision_date 
1 'Structure model' 1 0 2015-10-07 
2 'Structure model' 1 1 2024-10-23 
# 
_pdbx_audit_revision_details.ordinal             1 
_pdbx_audit_revision_details.revision_ordinal    1 
_pdbx_audit_revision_details.data_content_type   'Structure model' 
_pdbx_audit_revision_details.provider            repository 
_pdbx_audit_revision_details.type                'Initial release' 
_pdbx_audit_revision_details.description         ? 
_pdbx_audit_revision_details.details             ? 
# 
loop_
_pdbx_audit_revision_group.ordinal 
_pdbx_audit_revision_group.revision_ordinal 
_pdbx_audit_revision_group.data_content_type 
_pdbx_audit_revision_group.group 
1 2 'Structure model' 'Data collection'      
2 2 'Structure model' 'Database references'  
3 2 'Structure model' 'Derived calculations' 
4 2 'Structure model' 'Structure summary'    
# 
loop_
_pdbx_audit_revision_category.ordinal 
_pdbx_audit_revision_category.revision_ordinal 
_pdbx_audit_revision_category.data_content_type 
_pdbx_audit_revision_category.category 
1 2 'Structure model' chem_comp_atom            
2 2 'Structure model' chem_comp_bond            
3 2 'Structure model' database_2                
4 2 'Structure model' pdbx_entry_details        
5 2 'Structure model' pdbx_modification_feature 
6 2 'Structure model' pdbx_prerelease_seq       
7 2 'Structure model' pdbx_struct_oper_list     
# 
loop_
_pdbx_audit_revision_item.ordinal 
_pdbx_audit_revision_item.revision_ordinal 
_pdbx_audit_revision_item.data_content_type 
_pdbx_audit_revision_item.item 
1 2 'Structure model' '_database_2.pdbx_DOI'                      
2 2 'Structure model' '_database_2.pdbx_database_accession'       
3 2 'Structure model' '_pdbx_struct_oper_list.symmetry_operation' 
# 
_pdbx_database_status.status_code                     REL 
_pdbx_database_status.status_code_sf                  REL 
_pdbx_database_status.status_code_mr                  ? 
_pdbx_database_status.entry_id                        5DUK 
_pdbx_database_status.recvd_initial_deposition_date   2015-09-18 
_pdbx_database_status.SG_entry                        Y 
_pdbx_database_status.deposit_site                    RCSB 
_pdbx_database_status.process_site                    RCSB 
_pdbx_database_status.status_code_cs                  ? 
_pdbx_database_status.methods_development_category    ? 
_pdbx_database_status.pdb_format_compatible           Y 
_pdbx_database_status.status_code_nmr_data            ? 
# 
_pdbx_database_related.db_name        TargetTrack 
_pdbx_database_related.details        . 
_pdbx_database_related.db_id          MCSG-APC113340 
_pdbx_database_related.content_type   unspecified 
# 
loop_
_audit_author.name 
_audit_author.pdbx_ordinal 
'Chang, C.'                                     1 
'Li, H.'                                        2 
'Clancy, S.'                                    3 
'Joachimiak, A.'                                4 
'Midwest Center for Structural Genomics (MCSG)' 5 
# 
_citation.abstract                  ? 
_citation.abstract_id_CAS           ? 
_citation.book_id_ISBN              ? 
_citation.book_publisher            ? 
_citation.book_publisher_city       ? 
_citation.book_title                ? 
_citation.coordinate_linkage        ? 
_citation.country                   ? 
_citation.database_id_Medline       ? 
_citation.details                   ? 
_citation.id                        primary 
_citation.journal_abbrev            'To Be Published' 
_citation.journal_id_ASTM           ? 
_citation.journal_id_CSD            0353 
_citation.journal_id_ISSN           ? 
_citation.journal_full              ? 
_citation.journal_issue             ? 
_citation.journal_volume            ? 
_citation.language                  ? 
_citation.page_first                ? 
_citation.page_last                 ? 
_citation.title                     
'N-terminal structure of putative DNA binding transcription factor from Thermoplasmatales archaeon SCGC AB-539-N05' 
_citation.year                      ? 
_citation.database_id_CSD           ? 
_citation.pdbx_database_id_DOI      ? 
_citation.pdbx_database_id_PubMed   ? 
_citation.unpublished_flag          ? 
# 
loop_
_citation_author.citation_id 
_citation_author.name 
_citation_author.ordinal 
_citation_author.identifier_ORCID 
primary 'Chang, C.'                                     1 ? 
primary 'Li, H.'                                        2 ? 
primary 'Clancy, S.'                                    3 ? 
primary 'Joachimiak, A.'                                4 ? 
primary 'Midwest Center for Structural Genomics (MCSG)' 5 ? 
# 
loop_
_entity.id 
_entity.type 
_entity.src_method 
_entity.pdbx_description 
_entity.formula_weight 
_entity.pdbx_number_of_molecules 
_entity.pdbx_ec 
_entity.pdbx_mutation 
_entity.pdbx_fragment 
_entity.details 
1 polymer man 'putative DNA binding protein' 9241.362 2  ? ? 'N-terminal domain (UNP residues 7-80)' ? 
2 water   nat water                          18.015   36 ? ? ?                                       ? 
# 
_entity_poly.entity_id                      1 
_entity_poly.type                           'polypeptide(L)' 
_entity_poly.nstd_linkage                   no 
_entity_poly.nstd_monomer                   yes 
_entity_poly.pdbx_seq_one_letter_code       
;SNADALELDTRREIYKHIVKSPGLHERQLAKELDVPLSTLVYHLHYLERRELI(MSE)(MSE)KSDERYARYYATKKLGA
RAKEV
;
_entity_poly.pdbx_seq_one_letter_code_can   SNADALELDTRREIYKHIVKSPGLHERQLAKELDVPLSTLVYHLHYLERRELIMMKSDERYARYYATKKLGARAKEV 
_entity_poly.pdbx_strand_id                 A,B 
_entity_poly.pdbx_target_identifier         MCSG-APC113340 
# 
_pdbx_entity_nonpoly.entity_id   2 
_pdbx_entity_nonpoly.name        water 
_pdbx_entity_nonpoly.comp_id     HOH 
# 
loop_
_entity_poly_seq.entity_id 
_entity_poly_seq.num 
_entity_poly_seq.mon_id 
_entity_poly_seq.hetero 
1 1  SER n 
1 2  ASN n 
1 3  ALA n 
1 4  ASP n 
1 5  ALA n 
1 6  LEU n 
1 7  GLU n 
1 8  LEU n 
1 9  ASP n 
1 10 THR n 
1 11 ARG n 
1 12 ARG n 
1 13 GLU n 
1 14 ILE n 
1 15 TYR n 
1 16 LYS n 
1 17 HIS n 
1 18 ILE n 
1 19 VAL n 
1 20 LYS n 
1 21 SER n 
1 22 PRO n 
1 23 GLY n 
1 24 LEU n 
1 25 HIS n 
1 26 GLU n 
1 27 ARG n 
1 28 GLN n 
1 29 LEU n 
1 30 ALA n 
1 31 LYS n 
1 32 GLU n 
1 33 LEU n 
1 34 ASP n 
1 35 VAL n 
1 36 PRO n 
1 37 LEU n 
1 38 SER n 
1 39 THR n 
1 40 LEU n 
1 41 VAL n 
1 42 TYR n 
1 43 HIS n 
1 44 LEU n 
1 45 HIS n 
1 46 TYR n 
1 47 LEU n 
1 48 GLU n 
1 49 ARG n 
1 50 ARG n 
1 51 GLU n 
1 52 LEU n 
1 53 ILE n 
1 54 MSE n 
1 55 MSE n 
1 56 LYS n 
1 57 SER n 
1 58 ASP n 
1 59 GLU n 
1 60 ARG n 
1 61 TYR n 
1 62 ALA n 
1 63 ARG n 
1 64 TYR n 
1 65 TYR n 
1 66 ALA n 
1 67 THR n 
1 68 LYS n 
1 69 LYS n 
1 70 LEU n 
1 71 GLY n 
1 72 ALA n 
1 73 ARG n 
1 74 ALA n 
1 75 LYS n 
1 76 GLU n 
1 77 VAL n 
# 
_entity_src_gen.entity_id                          1 
_entity_src_gen.pdbx_src_id                        1 
_entity_src_gen.pdbx_alt_source_flag               sample 
_entity_src_gen.pdbx_seq_type                      'Biological sequence' 
_entity_src_gen.pdbx_beg_seq_num                   1 
_entity_src_gen.pdbx_end_seq_num                   77 
_entity_src_gen.gene_src_common_name               ? 
_entity_src_gen.gene_src_genus                     ? 
_entity_src_gen.pdbx_gene_src_gene                 MBGDN05_00160 
_entity_src_gen.gene_src_species                   ? 
_entity_src_gen.gene_src_strain                    ? 
_entity_src_gen.gene_src_tissue                    ? 
_entity_src_gen.gene_src_tissue_fraction           ? 
_entity_src_gen.gene_src_details                   ? 
_entity_src_gen.pdbx_gene_src_fragment             ? 
_entity_src_gen.pdbx_gene_src_scientific_name      'Thermoplasmatales archaeon SCGC AB-539-N05' 
_entity_src_gen.pdbx_gene_src_ncbi_taxonomy_id     1198116 
_entity_src_gen.pdbx_gene_src_variant              ? 
_entity_src_gen.pdbx_gene_src_cell_line            ? 
_entity_src_gen.pdbx_gene_src_atcc                 ? 
_entity_src_gen.pdbx_gene_src_organ                ? 
_entity_src_gen.pdbx_gene_src_organelle            ? 
_entity_src_gen.pdbx_gene_src_cell                 ? 
_entity_src_gen.pdbx_gene_src_cellular_location    ? 
_entity_src_gen.host_org_common_name               ? 
_entity_src_gen.pdbx_host_org_scientific_name      'Escherichia coli' 
_entity_src_gen.pdbx_host_org_ncbi_taxonomy_id     469008 
_entity_src_gen.host_org_genus                     ? 
_entity_src_gen.pdbx_host_org_gene                 ? 
_entity_src_gen.pdbx_host_org_organ                ? 
_entity_src_gen.host_org_species                   ? 
_entity_src_gen.pdbx_host_org_tissue               ? 
_entity_src_gen.pdbx_host_org_tissue_fraction      ? 
_entity_src_gen.pdbx_host_org_strain               'BL21(DE3)magic' 
_entity_src_gen.pdbx_host_org_variant              ? 
_entity_src_gen.pdbx_host_org_cell_line            ? 
_entity_src_gen.pdbx_host_org_atcc                 ? 
_entity_src_gen.pdbx_host_org_culture_collection   ? 
_entity_src_gen.pdbx_host_org_cell                 ? 
_entity_src_gen.pdbx_host_org_organelle            ? 
_entity_src_gen.pdbx_host_org_cellular_location    ? 
_entity_src_gen.pdbx_host_org_vector_type          pMCSG68 
_entity_src_gen.pdbx_host_org_vector               ? 
_entity_src_gen.host_org_details                   ? 
_entity_src_gen.expression_system_id               ? 
_entity_src_gen.plasmid_name                       ? 
_entity_src_gen.plasmid_details                    ? 
_entity_src_gen.pdbx_description                   ? 
# 
loop_
_chem_comp.id 
_chem_comp.type 
_chem_comp.mon_nstd_flag 
_chem_comp.name 
_chem_comp.pdbx_synonyms 
_chem_comp.formula 
_chem_comp.formula_weight 
ALA 'L-peptide linking' y ALANINE          ? 'C3 H7 N O2'     89.093  
ARG 'L-peptide linking' y ARGININE         ? 'C6 H15 N4 O2 1' 175.209 
ASN 'L-peptide linking' y ASPARAGINE       ? 'C4 H8 N2 O3'    132.118 
ASP 'L-peptide linking' y 'ASPARTIC ACID'  ? 'C4 H7 N O4'     133.103 
GLN 'L-peptide linking' y GLUTAMINE        ? 'C5 H10 N2 O3'   146.144 
GLU 'L-peptide linking' y 'GLUTAMIC ACID'  ? 'C5 H9 N O4'     147.129 
GLY 'peptide linking'   y GLYCINE          ? 'C2 H5 N O2'     75.067  
HIS 'L-peptide linking' y HISTIDINE        ? 'C6 H10 N3 O2 1' 156.162 
HOH non-polymer         . WATER            ? 'H2 O'           18.015  
ILE 'L-peptide linking' y ISOLEUCINE       ? 'C6 H13 N O2'    131.173 
LEU 'L-peptide linking' y LEUCINE          ? 'C6 H13 N O2'    131.173 
LYS 'L-peptide linking' y LYSINE           ? 'C6 H15 N2 O2 1' 147.195 
MSE 'L-peptide linking' n SELENOMETHIONINE ? 'C5 H11 N O2 Se' 196.106 
PRO 'L-peptide linking' y PROLINE          ? 'C5 H9 N O2'     115.130 
SER 'L-peptide linking' y SERINE           ? 'C3 H7 N O3'     105.093 
THR 'L-peptide linking' y THREONINE        ? 'C4 H9 N O3'     119.119 
TYR 'L-peptide linking' y TYROSINE         ? 'C9 H11 N O3'    181.189 
VAL 'L-peptide linking' y VALINE           ? 'C5 H11 N O2'    117.146 
# 
loop_
_pdbx_poly_seq_scheme.asym_id 
_pdbx_poly_seq_scheme.entity_id 
_pdbx_poly_seq_scheme.seq_id 
_pdbx_poly_seq_scheme.mon_id 
_pdbx_poly_seq_scheme.ndb_seq_num 
_pdbx_poly_seq_scheme.pdb_seq_num 
_pdbx_poly_seq_scheme.auth_seq_num 
_pdbx_poly_seq_scheme.pdb_mon_id 
_pdbx_poly_seq_scheme.auth_mon_id 
_pdbx_poly_seq_scheme.pdb_strand_id 
_pdbx_poly_seq_scheme.pdb_ins_code 
_pdbx_poly_seq_scheme.hetero 
A 1 1  SER 1  4  ?  ?   ?   A . n 
A 1 2  ASN 2  5  ?  ?   ?   A . n 
A 1 3  ALA 3  6  ?  ?   ?   A . n 
A 1 4  ASP 4  7  ?  ?   ?   A . n 
A 1 5  ALA 5  8  ?  ?   ?   A . n 
A 1 6  LEU 6  9  ?  ?   ?   A . n 
A 1 7  GLU 7  10 ?  ?   ?   A . n 
A 1 8  LEU 8  11 ?  ?   ?   A . n 
A 1 9  ASP 9  12 12 ASP ASP A . n 
A 1 10 THR 10 13 13 THR THR A . n 
A 1 11 ARG 11 14 14 ARG ARG A . n 
A 1 12 ARG 12 15 15 ARG ARG A . n 
A 1 13 GLU 13 16 16 GLU GLU A . n 
A 1 14 ILE 14 17 17 ILE ILE A . n 
A 1 15 TYR 15 18 18 TYR TYR A . n 
A 1 16 LYS 16 19 19 LYS LYS A . n 
A 1 17 HIS 17 20 20 HIS HIS A . n 
A 1 18 ILE 18 21 21 ILE ILE A . n 
A 1 19 VAL 19 22 22 VAL VAL A . n 
A 1 20 LYS 20 23 23 LYS LYS A . n 
A 1 21 SER 21 24 24 SER SER A . n 
A 1 22 PRO 22 25 25 PRO PRO A . n 
A 1 23 GLY 23 26 26 GLY GLY A . n 
A 1 24 LEU 24 27 27 LEU LEU A . n 
A 1 25 HIS 25 28 28 HIS HIS A . n 
A 1 26 GLU 26 29 29 GLU GLU A . n 
A 1 27 ARG 27 30 30 ARG ARG A . n 
A 1 28 GLN 28 31 31 GLN GLN A . n 
A 1 29 LEU 29 32 32 LEU LEU A . n 
A 1 30 ALA 30 33 33 ALA ALA A . n 
A 1 31 LYS 31 34 34 LYS LYS A . n 
A 1 32 GLU 32 35 35 GLU GLU A . n 
A 1 33 LEU 33 36 36 LEU LEU A . n 
A 1 34 ASP 34 37 37 ASP ASP A . n 
A 1 35 VAL 35 38 38 VAL VAL A . n 
A 1 36 PRO 36 39 39 PRO PRO A . n 
A 1 37 LEU 37 40 40 LEU LEU A . n 
A 1 38 SER 38 41 41 SER SER A . n 
A 1 39 THR 39 42 42 THR THR A . n 
A 1 40 LEU 40 43 43 LEU LEU A . n 
A 1 41 VAL 41 44 44 VAL VAL A . n 
A 1 42 TYR 42 45 45 TYR TYR A . n 
A 1 43 HIS 43 46 46 HIS HIS A . n 
A 1 44 LEU 44 47 47 LEU LEU A . n 
A 1 45 HIS 45 48 48 HIS HIS A . n 
A 1 46 TYR 46 49 49 TYR TYR A . n 
A 1 47 LEU 47 50 50 LEU LEU A . n 
A 1 48 GLU 48 51 51 GLU GLU A . n 
A 1 49 ARG 49 52 52 ARG ARG A . n 
A 1 50 ARG 50 53 53 ARG ARG A . n 
A 1 51 GLU 51 54 54 GLU GLU A . n 
A 1 52 LEU 52 55 55 LEU LEU A . n 
A 1 53 ILE 53 56 56 ILE ILE A . n 
A 1 54 MSE 54 57 57 MSE MSE A . n 
A 1 55 MSE 55 58 58 MSE MSE A . n 
A 1 56 LYS 56 59 59 LYS LYS A . n 
A 1 57 SER 57 60 60 SER SER A . n 
A 1 58 ASP 58 61 61 ASP ASP A . n 
A 1 59 GLU 59 62 62 GLU GLU A . n 
A 1 60 ARG 60 63 63 ARG ARG A . n 
A 1 61 TYR 61 64 64 TYR TYR A . n 
A 1 62 ALA 62 65 65 ALA ALA A . n 
A 1 63 ARG 63 66 66 ARG ARG A . n 
A 1 64 TYR 64 67 67 TYR TYR A . n 
A 1 65 TYR 65 68 68 TYR TYR A . n 
A 1 66 ALA 66 69 69 ALA ALA A . n 
A 1 67 THR 67 70 70 THR THR A . n 
A 1 68 LYS 68 71 71 LYS LYS A . n 
A 1 69 LYS 69 72 ?  ?   ?   A . n 
A 1 70 LEU 70 73 ?  ?   ?   A . n 
A 1 71 GLY 71 74 ?  ?   ?   A . n 
A 1 72 ALA 72 75 ?  ?   ?   A . n 
A 1 73 ARG 73 76 ?  ?   ?   A . n 
A 1 74 ALA 74 77 ?  ?   ?   A . n 
A 1 75 LYS 75 78 ?  ?   ?   A . n 
A 1 76 GLU 76 79 ?  ?   ?   A . n 
A 1 77 VAL 77 80 ?  ?   ?   A . n 
B 1 1  SER 1  4  ?  ?   ?   B . n 
B 1 2  ASN 2  5  5  ASN ALA B . n 
B 1 3  ALA 3  6  6  ALA ALA B . n 
B 1 4  ASP 4  7  7  ASP ASP B . n 
B 1 5  ALA 5  8  8  ALA ALA B . n 
B 1 6  LEU 6  9  9  LEU LEU B . n 
B 1 7  GLU 7  10 10 GLU GLU B . n 
B 1 8  LEU 8  11 11 LEU LEU B . n 
B 1 9  ASP 9  12 12 ASP ASP B . n 
B 1 10 THR 10 13 13 THR THR B . n 
B 1 11 ARG 11 14 14 ARG ARG B . n 
B 1 12 ARG 12 15 15 ARG ARG B . n 
B 1 13 GLU 13 16 16 GLU GLU B . n 
B 1 14 ILE 14 17 17 ILE ILE B . n 
B 1 15 TYR 15 18 18 TYR TYR B . n 
B 1 16 LYS 16 19 19 LYS LYS B . n 
B 1 17 HIS 17 20 20 HIS HIS B . n 
B 1 18 ILE 18 21 21 ILE ILE B . n 
B 1 19 VAL 19 22 22 VAL VAL B . n 
B 1 20 LYS 20 23 23 LYS LYS B . n 
B 1 21 SER 21 24 24 SER SER B . n 
B 1 22 PRO 22 25 25 PRO PRO B . n 
B 1 23 GLY 23 26 26 GLY GLY B . n 
B 1 24 LEU 24 27 27 LEU LEU B . n 
B 1 25 HIS 25 28 28 HIS HIS B . n 
B 1 26 GLU 26 29 29 GLU GLU B . n 
B 1 27 ARG 27 30 30 ARG ARG B . n 
B 1 28 GLN 28 31 31 GLN GLN B . n 
B 1 29 LEU 29 32 32 LEU LEU B . n 
B 1 30 ALA 30 33 33 ALA ALA B . n 
B 1 31 LYS 31 34 34 LYS LYS B . n 
B 1 32 GLU 32 35 35 GLU GLU B . n 
B 1 33 LEU 33 36 36 LEU LEU B . n 
B 1 34 ASP 34 37 37 ASP ASP B . n 
B 1 35 VAL 35 38 38 VAL VAL B . n 
B 1 36 PRO 36 39 39 PRO PRO B . n 
B 1 37 LEU 37 40 40 LEU LEU B . n 
B 1 38 SER 38 41 41 SER SER B . n 
B 1 39 THR 39 42 42 THR THR B . n 
B 1 40 LEU 40 43 43 LEU LEU B . n 
B 1 41 VAL 41 44 44 VAL VAL B . n 
B 1 42 TYR 42 45 45 TYR TYR B . n 
B 1 43 HIS 43 46 46 HIS HIS B . n 
B 1 44 LEU 44 47 47 LEU LEU B . n 
B 1 45 HIS 45 48 48 HIS HIS B . n 
B 1 46 TYR 46 49 49 TYR TYR B . n 
B 1 47 LEU 47 50 50 LEU LEU B . n 
B 1 48 GLU 48 51 51 GLU GLU B . n 
B 1 49 ARG 49 52 52 ARG ARG B . n 
B 1 50 ARG 50 53 53 ARG ARG B . n 
B 1 51 GLU 51 54 54 GLU GLU B . n 
B 1 52 LEU 52 55 55 LEU LEU B . n 
B 1 53 ILE 53 56 56 ILE ILE B . n 
B 1 54 MSE 54 57 57 MSE MSE B . n 
B 1 55 MSE 55 58 58 MSE MSE B . n 
B 1 56 LYS 56 59 59 LYS LYS B . n 
B 1 57 SER 57 60 60 SER SER B . n 
B 1 58 ASP 58 61 61 ASP ASP B . n 
B 1 59 GLU 59 62 62 GLU GLU B . n 
B 1 60 ARG 60 63 63 ARG ARG B . n 
B 1 61 TYR 61 64 64 TYR TYR B . n 
B 1 62 ALA 62 65 65 ALA ALA B . n 
B 1 63 ARG 63 66 66 ARG ARG B . n 
B 1 64 TYR 64 67 67 TYR TYR B . n 
B 1 65 TYR 65 68 68 TYR TYR B . n 
B 1 66 ALA 66 69 69 ALA ALA B . n 
B 1 67 THR 67 70 70 THR THR B . n 
B 1 68 LYS 68 71 71 LYS LYS B . n 
B 1 69 LYS 69 72 ?  ?   ?   B . n 
B 1 70 LEU 70 73 ?  ?   ?   B . n 
B 1 71 GLY 71 74 ?  ?   ?   B . n 
B 1 72 ALA 72 75 ?  ?   ?   B . n 
B 1 73 ARG 73 76 ?  ?   ?   B . n 
B 1 74 ALA 74 77 ?  ?   ?   B . n 
B 1 75 LYS 75 78 ?  ?   ?   B . n 
B 1 76 GLU 76 79 ?  ?   ?   B . n 
B 1 77 VAL 77 80 ?  ?   ?   B . n 
# 
loop_
_pdbx_nonpoly_scheme.asym_id 
_pdbx_nonpoly_scheme.entity_id 
_pdbx_nonpoly_scheme.mon_id 
_pdbx_nonpoly_scheme.ndb_seq_num 
_pdbx_nonpoly_scheme.pdb_seq_num 
_pdbx_nonpoly_scheme.auth_seq_num 
_pdbx_nonpoly_scheme.pdb_mon_id 
_pdbx_nonpoly_scheme.auth_mon_id 
_pdbx_nonpoly_scheme.pdb_strand_id 
_pdbx_nonpoly_scheme.pdb_ins_code 
C 2 HOH 1  101 29 HOH HOH A . 
C 2 HOH 2  102 1  HOH HOH A . 
C 2 HOH 3  103 6  HOH HOH A . 
C 2 HOH 4  104 32 HOH HOH A . 
C 2 HOH 5  105 31 HOH HOH A . 
C 2 HOH 6  106 24 HOH HOH A . 
C 2 HOH 7  107 22 HOH HOH A . 
C 2 HOH 8  108 8  HOH HOH A . 
C 2 HOH 9  109 2  HOH HOH A . 
C 2 HOH 10 110 10 HOH HOH A . 
C 2 HOH 11 111 37 HOH HOH A . 
C 2 HOH 12 112 23 HOH HOH A . 
C 2 HOH 13 113 21 HOH HOH A . 
C 2 HOH 14 114 5  HOH HOH A . 
C 2 HOH 15 115 25 HOH HOH A . 
C 2 HOH 16 116 17 HOH HOH A . 
C 2 HOH 17 117 14 HOH HOH A . 
C 2 HOH 18 118 18 HOH HOH A . 
C 2 HOH 19 119 36 HOH HOH A . 
C 2 HOH 20 120 15 HOH HOH A . 
D 2 HOH 1  101 13 HOH HOH B . 
D 2 HOH 2  102 16 HOH HOH B . 
D 2 HOH 3  103 3  HOH HOH B . 
D 2 HOH 4  104 9  HOH HOH B . 
D 2 HOH 5  105 20 HOH HOH B . 
D 2 HOH 6  106 33 HOH HOH B . 
D 2 HOH 7  107 19 HOH HOH B . 
D 2 HOH 8  108 12 HOH HOH B . 
D 2 HOH 9  109 27 HOH HOH B . 
D 2 HOH 10 110 11 HOH HOH B . 
D 2 HOH 11 111 26 HOH HOH B . 
D 2 HOH 12 112 7  HOH HOH B . 
D 2 HOH 13 113 30 HOH HOH B . 
D 2 HOH 14 114 4  HOH HOH B . 
D 2 HOH 15 115 34 HOH HOH B . 
D 2 HOH 16 116 35 HOH HOH B . 
# 
loop_
_pdbx_unobs_or_zero_occ_atoms.id 
_pdbx_unobs_or_zero_occ_atoms.PDB_model_num 
_pdbx_unobs_or_zero_occ_atoms.polymer_flag 
_pdbx_unobs_or_zero_occ_atoms.occupancy_flag 
_pdbx_unobs_or_zero_occ_atoms.auth_asym_id 
_pdbx_unobs_or_zero_occ_atoms.auth_comp_id 
_pdbx_unobs_or_zero_occ_atoms.auth_seq_id 
_pdbx_unobs_or_zero_occ_atoms.PDB_ins_code 
_pdbx_unobs_or_zero_occ_atoms.auth_atom_id 
_pdbx_unobs_or_zero_occ_atoms.label_alt_id 
_pdbx_unobs_or_zero_occ_atoms.label_asym_id 
_pdbx_unobs_or_zero_occ_atoms.label_comp_id 
_pdbx_unobs_or_zero_occ_atoms.label_seq_id 
_pdbx_unobs_or_zero_occ_atoms.label_atom_id 
1  1 Y 1 A LYS 71 ? CG  ? A LYS 68 CG  
2  1 Y 1 A LYS 71 ? CD  ? A LYS 68 CD  
3  1 Y 1 A LYS 71 ? CE  ? A LYS 68 CE  
4  1 Y 1 A LYS 71 ? NZ  ? A LYS 68 NZ  
5  1 Y 1 B ASN 5  ? CG  ? B ASN 2  CG  
6  1 Y 1 B ASN 5  ? OD1 ? B ASN 2  OD1 
7  1 Y 1 B ASN 5  ? ND2 ? B ASN 2  ND2 
8  1 Y 1 B ARG 63 ? CG  ? B ARG 60 CG  
9  1 Y 1 B ARG 63 ? CD  ? B ARG 60 CD  
10 1 Y 1 B ARG 63 ? NE  ? B ARG 60 NE  
11 1 Y 1 B ARG 63 ? CZ  ? B ARG 60 CZ  
12 1 Y 1 B ARG 63 ? NH1 ? B ARG 60 NH1 
13 1 Y 1 B ARG 63 ? NH2 ? B ARG 60 NH2 
# 
loop_
_software.citation_id 
_software.classification 
_software.compiler_name 
_software.compiler_version 
_software.contact_author 
_software.contact_author_email 
_software.date 
_software.description 
_software.dependencies 
_software.hardware 
_software.language 
_software.location 
_software.mods 
_software.name 
_software.os 
_software.os_version 
_software.type 
_software.version 
_software.pdbx_ordinal 
? 'data scaling'    ? ? ? ? ? ? ? ? ? ? ? SCALEPACK   ? ? ? .            1 
? refinement        ? ? ? ? ? ? ? ? ? ? ? PHENIX      ? ? ? 1.10pre_2120 2 
? 'data extraction' ? ? ? ? ? ? ? ? ? ? ? PDB_EXTRACT ? ? ? 3.15         3 
? 'data reduction'  ? ? ? ? ? ? ? ? ? ? ? HKL-3000    ? ? ? .            4 
? phasing           ? ? ? ? ? ? ? ? ? ? ? HKL-3000    ? ? ? .            5 
? 'data collection' ? ? ? ? ? ? ? ? ? ? ? SBC-Collect ? ? ? .            6 
# 
_cell.angle_alpha                  90.000 
_cell.angle_alpha_esd              ? 
_cell.angle_beta                   90.000 
_cell.angle_beta_esd               ? 
_cell.angle_gamma                  90.000 
_cell.angle_gamma_esd              ? 
_cell.entry_id                     5DUK 
_cell.details                      ? 
_cell.formula_units_Z              ? 
_cell.length_a                     43.179 
_cell.length_a_esd                 ? 
_cell.length_b                     43.179 
_cell.length_b_esd                 ? 
_cell.length_c                     194.540 
_cell.length_c_esd                 ? 
_cell.volume                       ? 
_cell.volume_esd                   ? 
_cell.Z_PDB                        16 
_cell.reciprocal_angle_alpha       ? 
_cell.reciprocal_angle_beta        ? 
_cell.reciprocal_angle_gamma       ? 
_cell.reciprocal_angle_alpha_esd   ? 
_cell.reciprocal_angle_beta_esd    ? 
_cell.reciprocal_angle_gamma_esd   ? 
_cell.reciprocal_length_a          ? 
_cell.reciprocal_length_b          ? 
_cell.reciprocal_length_c          ? 
_cell.reciprocal_length_a_esd      ? 
_cell.reciprocal_length_b_esd      ? 
_cell.reciprocal_length_c_esd      ? 
_cell.pdbx_unique_axis             ? 
# 
_symmetry.entry_id                         5DUK 
_symmetry.cell_setting                     ? 
_symmetry.Int_Tables_number                96 
_symmetry.space_group_name_Hall            ? 
_symmetry.space_group_name_H-M             'P 43 21 2' 
_symmetry.pdbx_full_space_group_name_H-M   ? 
# 
_exptl.absorpt_coefficient_mu     ? 
_exptl.absorpt_correction_T_max   ? 
_exptl.absorpt_correction_T_min   ? 
_exptl.absorpt_correction_type    ? 
_exptl.absorpt_process_details    ? 
_exptl.entry_id                   5DUK 
_exptl.crystals_number            1 
_exptl.details                    ? 
_exptl.method                     'X-RAY DIFFRACTION' 
_exptl.method_details             ? 
# 
_exptl_crystal.colour                      ? 
_exptl_crystal.density_diffrn              ? 
_exptl_crystal.density_Matthews            2.56 
_exptl_crystal.density_method              ? 
_exptl_crystal.density_percent_sol         51.94 
_exptl_crystal.description                 ? 
_exptl_crystal.F_000                       ? 
_exptl_crystal.id                          1 
_exptl_crystal.preparation                 ? 
_exptl_crystal.size_max                    ? 
_exptl_crystal.size_mid                    ? 
_exptl_crystal.size_min                    ? 
_exptl_crystal.size_rad                    ? 
_exptl_crystal.colour_lustre               ? 
_exptl_crystal.colour_modifier             ? 
_exptl_crystal.colour_primary              ? 
_exptl_crystal.density_meas                ? 
_exptl_crystal.density_meas_esd            ? 
_exptl_crystal.density_meas_gt             ? 
_exptl_crystal.density_meas_lt             ? 
_exptl_crystal.density_meas_temp           ? 
_exptl_crystal.density_meas_temp_esd       ? 
_exptl_crystal.density_meas_temp_gt        ? 
_exptl_crystal.density_meas_temp_lt        ? 
_exptl_crystal.pdbx_crystal_image_url      ? 
_exptl_crystal.pdbx_crystal_image_format   ? 
_exptl_crystal.pdbx_mosaicity              ? 
_exptl_crystal.pdbx_mosaicity_esd          ? 
# 
_exptl_crystal_grow.apparatus       ? 
_exptl_crystal_grow.atmosphere      ? 
_exptl_crystal_grow.crystal_id      1 
_exptl_crystal_grow.details         ? 
_exptl_crystal_grow.method          'VAPOR DIFFUSION, SITTING DROP' 
_exptl_crystal_grow.method_ref      ? 
_exptl_crystal_grow.pH              5.6 
_exptl_crystal_grow.pressure        ? 
_exptl_crystal_grow.pressure_esd    ? 
_exptl_crystal_grow.seeding         ? 
_exptl_crystal_grow.seeding_ref     ? 
_exptl_crystal_grow.temp            297 
_exptl_crystal_grow.temp_details    ? 
_exptl_crystal_grow.temp_esd        ? 
_exptl_crystal_grow.time            ? 
_exptl_crystal_grow.pdbx_details    '0.2 M ammonium Sulfate, 0.1M tri-Sodium chitrate, 15% PEG4000' 
_exptl_crystal_grow.pdbx_pH_range   ? 
# 
_diffrn.ambient_environment    ? 
_diffrn.ambient_temp           100 
_diffrn.ambient_temp_details   ? 
_diffrn.ambient_temp_esd       ? 
_diffrn.crystal_id             1 
_diffrn.crystal_support        ? 
_diffrn.crystal_treatment      ? 
_diffrn.details                ? 
_diffrn.id                     1 
_diffrn.ambient_pressure       ? 
_diffrn.ambient_pressure_esd   ? 
_diffrn.ambient_pressure_gt    ? 
_diffrn.ambient_pressure_lt    ? 
_diffrn.ambient_temp_gt        ? 
_diffrn.ambient_temp_lt        ? 
# 
_diffrn_detector.details                      ? 
_diffrn_detector.detector                     CCD 
_diffrn_detector.diffrn_id                    1 
_diffrn_detector.type                         'ADSC QUANTUM 315r' 
_diffrn_detector.area_resol_mean              ? 
_diffrn_detector.dtime                        ? 
_diffrn_detector.pdbx_frames_total            ? 
_diffrn_detector.pdbx_collection_time_total   ? 
_diffrn_detector.pdbx_collection_date         2015-08-19 
# 
_diffrn_radiation.collimation                      ? 
_diffrn_radiation.diffrn_id                        1 
_diffrn_radiation.filter_edge                      ? 
_diffrn_radiation.inhomogeneity                    ? 
_diffrn_radiation.monochromator                    'Si(111) double crystal' 
_diffrn_radiation.polarisn_norm                    ? 
_diffrn_radiation.polarisn_ratio                   ? 
_diffrn_radiation.probe                            ? 
_diffrn_radiation.type                             ? 
_diffrn_radiation.xray_symbol                      ? 
_diffrn_radiation.wavelength_id                    1 
_diffrn_radiation.pdbx_monochromatic_or_laue_m_l   M 
_diffrn_radiation.pdbx_wavelength_list             ? 
_diffrn_radiation.pdbx_wavelength                  ? 
_diffrn_radiation.pdbx_diffrn_protocol             'SINGLE WAVELENGTH' 
_diffrn_radiation.pdbx_analyzer                    ? 
_diffrn_radiation.pdbx_scattering_type             x-ray 
# 
_diffrn_radiation_wavelength.id           1 
_diffrn_radiation_wavelength.wavelength   0.97934 
_diffrn_radiation_wavelength.wt           1.0 
# 
_diffrn_source.current                     ? 
_diffrn_source.details                     ? 
_diffrn_source.diffrn_id                   1 
_diffrn_source.power                       ? 
_diffrn_source.size                        ? 
_diffrn_source.source                      SYNCHROTRON 
_diffrn_source.target                      ? 
_diffrn_source.type                        'APS BEAMLINE 19-ID' 
_diffrn_source.voltage                     ? 
_diffrn_source.take-off_angle              ? 
_diffrn_source.pdbx_wavelength_list        0.97934 
_diffrn_source.pdbx_wavelength             ? 
_diffrn_source.pdbx_synchrotron_beamline   19-ID 
_diffrn_source.pdbx_synchrotron_site       APS 
# 
_reflns.B_iso_Wilson_estimate            29.890 
_reflns.entry_id                         5DUK 
_reflns.data_reduction_details           ? 
_reflns.data_reduction_method            ? 
_reflns.d_resolution_high                2.350 
_reflns.d_resolution_low                 50.000 
_reflns.details                          ? 
_reflns.limit_h_max                      ? 
_reflns.limit_h_min                      ? 
_reflns.limit_k_max                      ? 
_reflns.limit_k_min                      ? 
_reflns.limit_l_max                      ? 
_reflns.limit_l_min                      ? 
_reflns.number_all                       ? 
_reflns.number_obs                       8330 
_reflns.observed_criterion               ? 
_reflns.observed_criterion_F_max         ? 
_reflns.observed_criterion_F_min         ? 
_reflns.observed_criterion_I_max         ? 
_reflns.observed_criterion_I_min         ? 
_reflns.observed_criterion_sigma_F       ? 
_reflns.observed_criterion_sigma_I       ? 
_reflns.percent_possible_obs             99.000 
_reflns.R_free_details                   ? 
_reflns.Rmerge_F_all                     ? 
_reflns.Rmerge_F_obs                     ? 
_reflns.Friedel_coverage                 ? 
_reflns.number_gt                        ? 
_reflns.threshold_expression             ? 
_reflns.pdbx_redundancy                  19.800 
_reflns.pdbx_Rmerge_I_obs                0.125 
_reflns.pdbx_Rmerge_I_all                ? 
_reflns.pdbx_Rsym_value                  ? 
_reflns.pdbx_netI_over_av_sigmaI         25.260 
_reflns.pdbx_netI_over_sigmaI            9.900 
_reflns.pdbx_res_netI_over_av_sigmaI_2   ? 
_reflns.pdbx_res_netI_over_sigmaI_2      ? 
_reflns.pdbx_chi_squared                 1.190 
_reflns.pdbx_scaling_rejects             ? 
_reflns.pdbx_d_res_high_opt              ? 
_reflns.pdbx_d_res_low_opt               ? 
_reflns.pdbx_d_res_opt_method            ? 
_reflns.phase_calculation_details        ? 
_reflns.pdbx_Rrim_I_all                  0.128 
_reflns.pdbx_Rpim_I_all                  0.029 
_reflns.pdbx_d_opt                       ? 
_reflns.pdbx_number_measured_all         164940 
_reflns.pdbx_diffrn_id                   1 
_reflns.pdbx_ordinal                     1 
_reflns.pdbx_CC_half                     ? 
_reflns.pdbx_R_split                     ? 
# 
loop_
_reflns_shell.d_res_high 
_reflns_shell.d_res_low 
_reflns_shell.meanI_over_sigI_all 
_reflns_shell.meanI_over_sigI_obs 
_reflns_shell.number_measured_all 
_reflns_shell.number_measured_obs 
_reflns_shell.number_possible 
_reflns_shell.number_unique_all 
_reflns_shell.number_unique_obs 
_reflns_shell.percent_possible_all 
_reflns_shell.percent_possible_obs 
_reflns_shell.Rmerge_F_all 
_reflns_shell.Rmerge_F_obs 
_reflns_shell.Rmerge_I_all 
_reflns_shell.Rmerge_I_obs 
_reflns_shell.meanI_over_sigI_gt 
_reflns_shell.meanI_over_uI_all 
_reflns_shell.meanI_over_uI_gt 
_reflns_shell.number_measured_gt 
_reflns_shell.number_unique_gt 
_reflns_shell.percent_possible_gt 
_reflns_shell.Rmerge_F_gt 
_reflns_shell.Rmerge_I_gt 
_reflns_shell.pdbx_redundancy 
_reflns_shell.pdbx_Rsym_value 
_reflns_shell.pdbx_chi_squared 
_reflns_shell.pdbx_netI_over_sigmaI_all 
_reflns_shell.pdbx_netI_over_sigmaI_obs 
_reflns_shell.pdbx_Rrim_I_all 
_reflns_shell.pdbx_Rpim_I_all 
_reflns_shell.pdbx_rejects 
_reflns_shell.pdbx_ordinal 
_reflns_shell.pdbx_diffrn_id 
_reflns_shell.pdbx_CC_half 
_reflns_shell.pdbx_R_split 
2.350 2.390  ? ? ? ? ? 355 ? 89.600  ? ? ? ? 0.780 ? ? ? ? ? ? ? ? 9.500  ? 0.873 ? ? 0.814 0.221 0 1  1 0.940 ? 
2.390 2.430  ? ? ? ? ? 372 ? 93.200  ? ? ? ? 0.810 ? ? ? ? ? ? ? ? 11.700 ? 0.819 ? ? 0.843 0.221 0 2  1 0.911 ? 
2.430 2.480  ? ? ? ? ? 395 ? 99.700  ? ? ? ? 0.816 ? ? ? ? ? ? ? ? 13.800 ? 0.879 ? ? 0.845 0.212 0 3  1 0.964 ? 
2.480 2.530  ? ? ? ? ? 426 ? 100.000 ? ? ? ? 0.928 ? ? ? ? ? ? ? ? 15.600 ? 0.843 ? ? 0.958 0.231 0 4  1 0.962 ? 
2.530 2.590  ? ? ? ? ? 390 ? 99.700  ? ? ? ? 0.676 ? ? ? ? ? ? ? ? 19.000 ? 0.894 ? ? 0.694 0.157 0 5  1 0.989 ? 
2.590 2.650  ? ? ? ? ? 403 ? 100.000 ? ? ? ? 0.671 ? ? ? ? ? ? ? ? 20.400 ? 0.897 ? ? 0.688 0.151 0 6  1 0.984 ? 
2.650 2.710  ? ? ? ? ? 413 ? 100.000 ? ? ? ? 0.555 ? ? ? ? ? ? ? ? 21.800 ? 0.938 ? ? 0.569 0.121 0 7  1 0.996 ? 
2.710 2.790  ? ? ? ? ? 407 ? 100.000 ? ? ? ? 0.459 ? ? ? ? ? ? ? ? 22.500 ? 0.960 ? ? 0.470 0.099 0 8  1 0.993 ? 
2.790 2.870  ? ? ? ? ? 416 ? 100.000 ? ? ? ? 0.372 ? ? ? ? ? ? ? ? 23.000 ? 1.020 ? ? 0.380 0.080 0 9  1 0.995 ? 
2.870 2.960  ? ? ? ? ? 397 ? 100.000 ? ? ? ? 0.321 ? ? ? ? ? ? ? ? 22.800 ? 1.000 ? ? 0.328 0.069 0 10 1 0.997 ? 
2.960 3.070  ? ? ? ? ? 424 ? 100.000 ? ? ? ? 0.263 ? ? ? ? ? ? ? ? 22.600 ? 1.063 ? ? 0.269 0.057 0 11 1 0.991 ? 
3.070 3.190  ? ? ? ? ? 408 ? 100.000 ? ? ? ? 0.188 ? ? ? ? ? ? ? ? 22.800 ? 1.114 ? ? 0.192 0.041 0 12 1 0.996 ? 
3.190 3.330  ? ? ? ? ? 428 ? 100.000 ? ? ? ? 0.155 ? ? ? ? ? ? ? ? 22.400 ? 1.229 ? ? 0.158 0.034 0 13 1 0.995 ? 
3.330 3.510  ? ? ? ? ? 403 ? 100.000 ? ? ? ? 0.128 ? ? ? ? ? ? ? ? 22.400 ? 1.316 ? ? 0.131 0.028 0 14 1 0.995 ? 
3.510 3.730  ? ? ? ? ? 420 ? 100.000 ? ? ? ? 0.122 ? ? ? ? ? ? ? ? 22.200 ? 1.411 ? ? 0.126 0.027 0 15 1 0.996 ? 
3.730 4.020  ? ? ? ? ? 439 ? 100.000 ? ? ? ? 0.111 ? ? ? ? ? ? ? ? 22.000 ? 1.569 ? ? 0.113 0.025 0 16 1 0.996 ? 
4.020 4.420  ? ? ? ? ? 428 ? 99.800  ? ? ? ? 0.106 ? ? ? ? ? ? ? ? 21.200 ? 1.730 ? ? 0.109 0.024 0 17 1 0.996 ? 
4.420 5.060  ? ? ? ? ? 439 ? 100.000 ? ? ? ? 0.102 ? ? ? ? ? ? ? ? 20.800 ? 1.723 ? ? 0.105 0.023 0 18 1 0.992 ? 
5.060 6.370  ? ? ? ? ? 453 ? 99.800  ? ? ? ? 0.100 ? ? ? ? ? ? ? ? 20.000 ? 1.512 ? ? 0.102 0.023 0 19 1 0.993 ? 
6.370 50.000 ? ? ? ? ? 514 ? 98.500  ? ? ? ? 0.081 ? ? ? ? ? ? ? ? 17.600 ? 1.287 ? ? 0.084 0.020 0 20 1 0.994 ? 
# 
_refine.aniso_B[1][1]                            ? 
_refine.aniso_B[1][2]                            ? 
_refine.aniso_B[1][3]                            ? 
_refine.aniso_B[2][2]                            ? 
_refine.aniso_B[2][3]                            ? 
_refine.aniso_B[3][3]                            ? 
_refine.B_iso_max                                119.310 
_refine.B_iso_mean                               34.7873 
_refine.B_iso_min                                13.690 
_refine.correlation_coeff_Fo_to_Fc               ? 
_refine.correlation_coeff_Fo_to_Fc_free          ? 
_refine.details                                  ? 
_refine.diff_density_max                         ? 
_refine.diff_density_max_esd                     ? 
_refine.diff_density_min                         ? 
_refine.diff_density_min_esd                     ? 
_refine.diff_density_rms                         ? 
_refine.diff_density_rms_esd                     ? 
_refine.entry_id                                 5DUK 
_refine.pdbx_refine_id                           'X-RAY DIFFRACTION' 
_refine.ls_abs_structure_details                 ? 
_refine.ls_abs_structure_Flack                   ? 
_refine.ls_abs_structure_Flack_esd               ? 
_refine.ls_abs_structure_Rogers                  ? 
_refine.ls_abs_structure_Rogers_esd              ? 
_refine.ls_d_res_high                            2.3520 
_refine.ls_d_res_low                             39.4650 
_refine.ls_extinction_coef                       ? 
_refine.ls_extinction_coef_esd                   ? 
_refine.ls_extinction_expression                 ? 
_refine.ls_extinction_method                     ? 
_refine.ls_goodness_of_fit_all                   ? 
_refine.ls_goodness_of_fit_all_esd               ? 
_refine.ls_goodness_of_fit_obs                   ? 
_refine.ls_goodness_of_fit_obs_esd               ? 
_refine.ls_hydrogen_treatment                    ? 
_refine.ls_matrix_type                           ? 
_refine.ls_number_constraints                    ? 
_refine.ls_number_parameters                     ? 
_refine.ls_number_reflns_all                     ? 
_refine.ls_number_reflns_obs                     7033 
_refine.ls_number_reflns_R_free                  568 
_refine.ls_number_reflns_R_work                  11386 
_refine.ls_number_restraints                     ? 
_refine.ls_percent_reflns_obs                    81.9000 
_refine.ls_percent_reflns_R_free                 4.7500 
_refine.ls_R_factor_all                          ? 
_refine.ls_R_factor_obs                          0.2258 
_refine.ls_R_factor_R_free                       0.2534 
_refine.ls_R_factor_R_free_error                 ? 
_refine.ls_R_factor_R_free_error_details         ? 
_refine.ls_R_factor_R_work                       0.2244 
_refine.ls_R_Fsqd_factor_obs                     ? 
_refine.ls_R_I_factor_obs                        ? 
_refine.ls_redundancy_reflns_all                 ? 
_refine.ls_redundancy_reflns_obs                 ? 
_refine.ls_restrained_S_all                      ? 
_refine.ls_restrained_S_obs                      ? 
_refine.ls_shift_over_esd_max                    ? 
_refine.ls_shift_over_esd_mean                   ? 
_refine.ls_structure_factor_coef                 ? 
_refine.ls_weighting_details                     ? 
_refine.ls_weighting_scheme                      ? 
_refine.ls_wR_factor_all                         ? 
_refine.ls_wR_factor_obs                         ? 
_refine.ls_wR_factor_R_free                      ? 
_refine.ls_wR_factor_R_work                      ? 
_refine.occupancy_max                            ? 
_refine.occupancy_min                            ? 
_refine.solvent_model_details                    'FLAT BULK SOLVENT MODEL' 
_refine.solvent_model_param_bsol                 ? 
_refine.solvent_model_param_ksol                 ? 
_refine.ls_R_factor_gt                           ? 
_refine.ls_goodness_of_fit_gt                    ? 
_refine.ls_goodness_of_fit_ref                   ? 
_refine.ls_shift_over_su_max                     ? 
_refine.ls_shift_over_su_max_lt                  ? 
_refine.ls_shift_over_su_mean                    ? 
_refine.ls_shift_over_su_mean_lt                 ? 
_refine.pdbx_ls_sigma_I                          ? 
_refine.pdbx_ls_sigma_F                          1.340 
_refine.pdbx_ls_sigma_Fsqd                       ? 
_refine.pdbx_data_cutoff_high_absF               ? 
_refine.pdbx_data_cutoff_high_rms_absF           ? 
_refine.pdbx_data_cutoff_low_absF                ? 
_refine.pdbx_isotropic_thermal_model             ? 
_refine.pdbx_ls_cross_valid_method               'FREE R-VALUE' 
_refine.pdbx_method_to_determine_struct          SAD 
_refine.pdbx_starting_model                      ? 
_refine.pdbx_stereochemistry_target_values       MLHL 
_refine.pdbx_R_Free_selection_details            ? 
_refine.pdbx_stereochem_target_val_spec_case     ? 
_refine.pdbx_overall_ESU_R                       ? 
_refine.pdbx_overall_ESU_R_Free                  ? 
_refine.pdbx_solvent_vdw_probe_radii             1.1100 
_refine.pdbx_solvent_ion_probe_radii             ? 
_refine.pdbx_solvent_shrinkage_radii             0.9000 
_refine.pdbx_real_space_R                        ? 
_refine.pdbx_density_correlation                 ? 
_refine.pdbx_pd_number_of_powder_patterns        ? 
_refine.pdbx_pd_number_of_points                 ? 
_refine.pdbx_pd_meas_number_of_points            ? 
_refine.pdbx_pd_proc_ls_prof_R_factor            ? 
_refine.pdbx_pd_proc_ls_prof_wR_factor           ? 
_refine.pdbx_pd_Marquardt_correlation_coeff      ? 
_refine.pdbx_pd_Fsqrd_R_factor                   ? 
_refine.pdbx_pd_ls_matrix_band_width             ? 
_refine.pdbx_overall_phase_error                 22.7900 
_refine.pdbx_overall_SU_R_free_Cruickshank_DPI   ? 
_refine.pdbx_overall_SU_R_free_Blow_DPI          ? 
_refine.pdbx_overall_SU_R_Blow_DPI               ? 
_refine.pdbx_TLS_residual_ADP_flag               ? 
_refine.pdbx_diffrn_id                           1 
_refine.overall_SU_B                             ? 
_refine.overall_SU_ML                            0.2600 
_refine.overall_SU_R_Cruickshank_DPI             ? 
_refine.overall_SU_R_free                        ? 
_refine.overall_FOM_free_R_set                   ? 
_refine.overall_FOM_work_R_set                   ? 
_refine.pdbx_average_fsc_overall                 ? 
_refine.pdbx_average_fsc_work                    ? 
_refine.pdbx_average_fsc_free                    ? 
# 
_refine_hist.cycle_id                         final 
_refine_hist.pdbx_refine_id                   'X-RAY DIFFRACTION' 
_refine_hist.d_res_high                       2.3520 
_refine_hist.d_res_low                        39.4650 
_refine_hist.pdbx_number_atoms_ligand         0 
_refine_hist.number_atoms_solvent             36 
_refine_hist.number_atoms_total               1110 
_refine_hist.pdbx_number_residues_total       127 
_refine_hist.pdbx_B_iso_mean_solvent          35.45 
_refine_hist.pdbx_number_atoms_protein        1074 
_refine_hist.pdbx_number_atoms_nucleic_acid   0 
# 
loop_
_refine_ls_restr.pdbx_refine_id 
_refine_ls_restr.criterion 
_refine_ls_restr.dev_ideal 
_refine_ls_restr.dev_ideal_target 
_refine_ls_restr.number 
_refine_ls_restr.rejects 
_refine_ls_restr.type 
_refine_ls_restr.weight 
_refine_ls_restr.pdbx_restraint_function 
'X-RAY DIFFRACTION' ? 0.002  ? 1096 ? f_bond_d           ? ? 
'X-RAY DIFFRACTION' ? 0.494  ? 1475 ? f_angle_d          ? ? 
'X-RAY DIFFRACTION' ? 0.037  ? 161  ? f_chiral_restr     ? ? 
'X-RAY DIFFRACTION' ? 0.003  ? 184  ? f_plane_restr      ? ? 
'X-RAY DIFFRACTION' ? 19.689 ? 677  ? f_dihedral_angle_d ? ? 
# 
loop_
_refine_ls_shell.pdbx_refine_id 
_refine_ls_shell.d_res_high 
_refine_ls_shell.d_res_low 
_refine_ls_shell.number_reflns_all 
_refine_ls_shell.number_reflns_obs 
_refine_ls_shell.number_reflns_R_free 
_refine_ls_shell.number_reflns_R_work 
_refine_ls_shell.percent_reflns_obs 
_refine_ls_shell.percent_reflns_R_free 
_refine_ls_shell.R_factor_all 
_refine_ls_shell.R_factor_obs 
_refine_ls_shell.R_factor_R_free 
_refine_ls_shell.R_factor_R_free_error 
_refine_ls_shell.R_factor_R_work 
_refine_ls_shell.redundancy_reflns_all 
_refine_ls_shell.redundancy_reflns_obs 
_refine_ls_shell.wR_factor_all 
_refine_ls_shell.wR_factor_obs 
_refine_ls_shell.wR_factor_R_free 
_refine_ls_shell.wR_factor_R_work 
_refine_ls_shell.pdbx_total_number_of_bins_used 
_refine_ls_shell.pdbx_phase_error 
_refine_ls_shell.pdbx_fsc_work 
_refine_ls_shell.pdbx_fsc_free 
'X-RAY DIFFRACTION' 2.3518 2.5884  1534 . 70  1464 42.0000  . . . 0.2968 . 0.2899 . . . . . . 4 . . . 
'X-RAY DIFFRACTION' 2.5884 2.9629  3119 . 151 2968 86.0000  . . . 0.2980 . 0.2599 . . . . . . 4 . . . 
'X-RAY DIFFRACTION' 2.9629 3.7325  3643 . 166 3477 100.0000 . . . 0.2855 . 0.2294 . . . . . . 4 . . . 
'X-RAY DIFFRACTION' 3.7325 39.4708 3658 . 181 3477 100.0000 . . . 0.2161 . 0.2004 . . . . . . 4 . . . 
# 
_struct.entry_id                     5DUK 
_struct.title                        
'N-terminal structure of putative DNA binding transcription factor from Thermoplasmatales archaeon SCGC AB-539-N05' 
_struct.pdbx_model_details           ? 
_struct.pdbx_formula_weight          ? 
_struct.pdbx_formula_weight_method   ? 
_struct.pdbx_model_type_details      ? 
_struct.pdbx_CASP_flag               ? 
# 
_struct_keywords.entry_id        5DUK 
_struct_keywords.text            
'Structural Genomics, PSI-Biology, Midwest Center for Structural Genomics, MCSG, putative DNA binding protein, TRANSCRIPTION' 
_struct_keywords.pdbx_keywords   TRANSCRIPTION 
# 
loop_
_struct_asym.id 
_struct_asym.pdbx_blank_PDB_chainid_flag 
_struct_asym.pdbx_modified 
_struct_asym.entity_id 
_struct_asym.details 
A N N 1 ? 
B N N 1 ? 
C N N 2 ? 
D N N 2 ? 
# 
_struct_ref.id                         1 
_struct_ref.db_name                    UNP 
_struct_ref.db_code                    M7T6A0_9EURY 
_struct_ref.pdbx_db_accession          M7T6A0 
_struct_ref.pdbx_db_isoform            ? 
_struct_ref.entity_id                  1 
_struct_ref.pdbx_seq_one_letter_code   DALELDTRREIYKHIVKSPGLHERQLAKELDVPLSTLVYHLHYLERRELIMMKSDERYARYYATKKLGARAKEV 
_struct_ref.pdbx_align_begin           7 
# 
loop_
_struct_ref_seq.align_id 
_struct_ref_seq.ref_id 
_struct_ref_seq.pdbx_PDB_id_code 
_struct_ref_seq.pdbx_strand_id 
_struct_ref_seq.seq_align_beg 
_struct_ref_seq.pdbx_seq_align_beg_ins_code 
_struct_ref_seq.seq_align_end 
_struct_ref_seq.pdbx_seq_align_end_ins_code 
_struct_ref_seq.pdbx_db_accession 
_struct_ref_seq.db_align_beg 
_struct_ref_seq.pdbx_db_align_beg_ins_code 
_struct_ref_seq.db_align_end 
_struct_ref_seq.pdbx_db_align_end_ins_code 
_struct_ref_seq.pdbx_auth_seq_align_beg 
_struct_ref_seq.pdbx_auth_seq_align_end 
1 1 5DUK A 4 ? 77 ? M7T6A0 7 ? 80 ? 7 80 
2 1 5DUK B 4 ? 77 ? M7T6A0 7 ? 80 ? 7 80 
# 
loop_
_struct_ref_seq_dif.align_id 
_struct_ref_seq_dif.pdbx_pdb_id_code 
_struct_ref_seq_dif.mon_id 
_struct_ref_seq_dif.pdbx_pdb_strand_id 
_struct_ref_seq_dif.seq_num 
_struct_ref_seq_dif.pdbx_pdb_ins_code 
_struct_ref_seq_dif.pdbx_seq_db_name 
_struct_ref_seq_dif.pdbx_seq_db_accession_code 
_struct_ref_seq_dif.db_mon_id 
_struct_ref_seq_dif.pdbx_seq_db_seq_num 
_struct_ref_seq_dif.details 
_struct_ref_seq_dif.pdbx_auth_seq_num 
_struct_ref_seq_dif.pdbx_ordinal 
1 5DUK SER A 1 ? UNP M7T6A0 ? ? 'expression tag' 4 1 
1 5DUK ASN A 2 ? UNP M7T6A0 ? ? 'expression tag' 5 2 
1 5DUK ALA A 3 ? UNP M7T6A0 ? ? 'expression tag' 6 3 
2 5DUK SER B 1 ? UNP M7T6A0 ? ? 'expression tag' 4 4 
2 5DUK ASN B 2 ? UNP M7T6A0 ? ? 'expression tag' 5 5 
2 5DUK ALA B 3 ? UNP M7T6A0 ? ? 'expression tag' 6 6 
# 
_pdbx_struct_assembly.id                   1 
_pdbx_struct_assembly.details              author_and_software_defined_assembly 
_pdbx_struct_assembly.method_details       PISA 
_pdbx_struct_assembly.oligomeric_details   dimeric 
_pdbx_struct_assembly.oligomeric_count     2 
# 
loop_
_pdbx_struct_assembly_prop.biol_id 
_pdbx_struct_assembly_prop.type 
_pdbx_struct_assembly_prop.value 
_pdbx_struct_assembly_prop.details 
1 'ABSA (A^2)' 3110 ? 
1 MORE         -18  ? 
1 'SSA (A^2)'  8580 ? 
# 
_pdbx_struct_assembly_gen.assembly_id       1 
_pdbx_struct_assembly_gen.oper_expression   1 
_pdbx_struct_assembly_gen.asym_id_list      A,B,C,D 
# 
_pdbx_struct_oper_list.id                   1 
_pdbx_struct_oper_list.type                 'identity operation' 
_pdbx_struct_oper_list.name                 1_555 
_pdbx_struct_oper_list.symmetry_operation   x,y,z 
_pdbx_struct_oper_list.matrix[1][1]         1.0000000000 
_pdbx_struct_oper_list.matrix[1][2]         0.0000000000 
_pdbx_struct_oper_list.matrix[1][3]         0.0000000000 
_pdbx_struct_oper_list.vector[1]            0.0000000000 
_pdbx_struct_oper_list.matrix[2][1]         0.0000000000 
_pdbx_struct_oper_list.matrix[2][2]         1.0000000000 
_pdbx_struct_oper_list.matrix[2][3]         0.0000000000 
_pdbx_struct_oper_list.vector[2]            0.0000000000 
_pdbx_struct_oper_list.matrix[3][1]         0.0000000000 
_pdbx_struct_oper_list.matrix[3][2]         0.0000000000 
_pdbx_struct_oper_list.matrix[3][3]         1.0000000000 
_pdbx_struct_oper_list.vector[3]            0.0000000000 
# 
loop_
_struct_conf.conf_type_id 
_struct_conf.id 
_struct_conf.pdbx_PDB_helix_id 
_struct_conf.beg_label_comp_id 
_struct_conf.beg_label_asym_id 
_struct_conf.beg_label_seq_id 
_struct_conf.pdbx_beg_PDB_ins_code 
_struct_conf.end_label_comp_id 
_struct_conf.end_label_asym_id 
_struct_conf.end_label_seq_id 
_struct_conf.pdbx_end_PDB_ins_code 
_struct_conf.beg_auth_comp_id 
_struct_conf.beg_auth_asym_id 
_struct_conf.beg_auth_seq_id 
_struct_conf.end_auth_comp_id 
_struct_conf.end_auth_asym_id 
_struct_conf.end_auth_seq_id 
_struct_conf.pdbx_PDB_helix_class 
_struct_conf.details 
_struct_conf.pdbx_PDB_helix_length 
HELX_P HELX_P1 AA1 ASP A 9  ? SER A 21 ? ASP A 12 SER A 24 1 ? 13 
HELX_P HELX_P2 AA2 HIS A 25 ? LEU A 33 ? HIS A 28 LEU A 36 1 ? 9  
HELX_P HELX_P3 AA3 PRO A 36 ? ARG A 50 ? PRO A 39 ARG A 53 1 ? 15 
HELX_P HELX_P4 AA4 ASP A 58 ? ALA A 62 ? ASP A 61 ALA A 65 5 ? 5  
HELX_P HELX_P5 AA5 ASP B 4  ? SER B 21 ? ASP B 7  SER B 24 1 ? 18 
HELX_P HELX_P6 AA6 HIS B 25 ? ASP B 34 ? HIS B 28 ASP B 37 1 ? 10 
HELX_P HELX_P7 AA7 PRO B 36 ? ARG B 50 ? PRO B 39 ARG B 53 1 ? 15 
HELX_P HELX_P8 AA8 ASP B 58 ? ALA B 62 ? ASP B 61 ALA B 65 5 ? 5  
# 
_struct_conf_type.id          HELX_P 
_struct_conf_type.criteria    ? 
_struct_conf_type.reference   ? 
# 
loop_
_struct_conn.id 
_struct_conn.conn_type_id 
_struct_conn.pdbx_leaving_atom_flag 
_struct_conn.pdbx_PDB_id 
_struct_conn.ptnr1_label_asym_id 
_struct_conn.ptnr1_label_comp_id 
_struct_conn.ptnr1_label_seq_id 
_struct_conn.ptnr1_label_atom_id 
_struct_conn.pdbx_ptnr1_label_alt_id 
_struct_conn.pdbx_ptnr1_PDB_ins_code 
_struct_conn.pdbx_ptnr1_standard_comp_id 
_struct_conn.ptnr1_symmetry 
_struct_conn.ptnr2_label_asym_id 
_struct_conn.ptnr2_label_comp_id 
_struct_conn.ptnr2_label_seq_id 
_struct_conn.ptnr2_label_atom_id 
_struct_conn.pdbx_ptnr2_label_alt_id 
_struct_conn.pdbx_ptnr2_PDB_ins_code 
_struct_conn.ptnr1_auth_asym_id 
_struct_conn.ptnr1_auth_comp_id 
_struct_conn.ptnr1_auth_seq_id 
_struct_conn.ptnr2_auth_asym_id 
_struct_conn.ptnr2_auth_comp_id 
_struct_conn.ptnr2_auth_seq_id 
_struct_conn.ptnr2_symmetry 
_struct_conn.pdbx_ptnr3_label_atom_id 
_struct_conn.pdbx_ptnr3_label_seq_id 
_struct_conn.pdbx_ptnr3_label_comp_id 
_struct_conn.pdbx_ptnr3_label_asym_id 
_struct_conn.pdbx_ptnr3_label_alt_id 
_struct_conn.pdbx_ptnr3_PDB_ins_code 
_struct_conn.details 
_struct_conn.pdbx_dist_value 
_struct_conn.pdbx_value_order 
_struct_conn.pdbx_role 
covale1 covale both ? A ILE 53 C ? ? ? 1_555 A MSE 54 N ? ? A ILE 56 A MSE 57 1_555 ? ? ? ? ? ? ? 1.327 ? ? 
covale2 covale both ? A MSE 54 C ? ? ? 1_555 A MSE 55 N ? ? A MSE 57 A MSE 58 1_555 ? ? ? ? ? ? ? 1.326 ? ? 
covale3 covale both ? A MSE 55 C ? ? ? 1_555 A LYS 56 N ? ? A MSE 58 A LYS 59 1_555 ? ? ? ? ? ? ? 1.333 ? ? 
covale4 covale both ? B ILE 53 C ? ? ? 1_555 B MSE 54 N ? ? B ILE 56 B MSE 57 1_555 ? ? ? ? ? ? ? 1.327 ? ? 
covale5 covale both ? B MSE 54 C ? ? ? 1_555 B MSE 55 N ? ? B MSE 57 B MSE 58 1_555 ? ? ? ? ? ? ? 1.326 ? ? 
covale6 covale both ? B MSE 55 C ? ? ? 1_555 B LYS 56 N ? ? B MSE 58 B LYS 59 1_555 ? ? ? ? ? ? ? 1.331 ? ? 
# 
_struct_conn_type.id          covale 
_struct_conn_type.criteria    ? 
_struct_conn_type.reference   ? 
# 
loop_
_pdbx_modification_feature.ordinal 
_pdbx_modification_feature.label_comp_id 
_pdbx_modification_feature.label_asym_id 
_pdbx_modification_feature.label_seq_id 
_pdbx_modification_feature.label_alt_id 
_pdbx_modification_feature.modified_residue_label_comp_id 
_pdbx_modification_feature.modified_residue_label_asym_id 
_pdbx_modification_feature.modified_residue_label_seq_id 
_pdbx_modification_feature.modified_residue_label_alt_id 
_pdbx_modification_feature.auth_comp_id 
_pdbx_modification_feature.auth_asym_id 
_pdbx_modification_feature.auth_seq_id 
_pdbx_modification_feature.PDB_ins_code 
_pdbx_modification_feature.symmetry 
_pdbx_modification_feature.modified_residue_auth_comp_id 
_pdbx_modification_feature.modified_residue_auth_asym_id 
_pdbx_modification_feature.modified_residue_auth_seq_id 
_pdbx_modification_feature.modified_residue_PDB_ins_code 
_pdbx_modification_feature.modified_residue_symmetry 
_pdbx_modification_feature.comp_id_linking_atom 
_pdbx_modification_feature.modified_residue_id_linking_atom 
_pdbx_modification_feature.modified_residue_id 
_pdbx_modification_feature.ref_pcm_id 
_pdbx_modification_feature.ref_comp_id 
_pdbx_modification_feature.type 
_pdbx_modification_feature.category 
1 MSE A 54 ? . . . . MSE A 57 ? 1_555 . . . . . . . MET 1 MSE Selenomethionine 'Named protein modification' 
2 MSE A 55 ? . . . . MSE A 58 ? 1_555 . . . . . . . MET 1 MSE Selenomethionine 'Named protein modification' 
3 MSE B 54 ? . . . . MSE B 57 ? 1_555 . . . . . . . MET 1 MSE Selenomethionine 'Named protein modification' 
4 MSE B 55 ? . . . . MSE B 58 ? 1_555 . . . . . . . MET 1 MSE Selenomethionine 'Named protein modification' 
# 
loop_
_struct_sheet.id 
_struct_sheet.type 
_struct_sheet.number_strands 
_struct_sheet.details 
AA1 ? 2 ? 
AA2 ? 2 ? 
# 
loop_
_struct_sheet_order.sheet_id 
_struct_sheet_order.range_id_1 
_struct_sheet_order.range_id_2 
_struct_sheet_order.offset 
_struct_sheet_order.sense 
AA1 1 2 ? anti-parallel 
AA2 1 2 ? anti-parallel 
# 
loop_
_struct_sheet_range.sheet_id 
_struct_sheet_range.id 
_struct_sheet_range.beg_label_comp_id 
_struct_sheet_range.beg_label_asym_id 
_struct_sheet_range.beg_label_seq_id 
_struct_sheet_range.pdbx_beg_PDB_ins_code 
_struct_sheet_range.end_label_comp_id 
_struct_sheet_range.end_label_asym_id 
_struct_sheet_range.end_label_seq_id 
_struct_sheet_range.pdbx_end_PDB_ins_code 
_struct_sheet_range.beg_auth_comp_id 
_struct_sheet_range.beg_auth_asym_id 
_struct_sheet_range.beg_auth_seq_id 
_struct_sheet_range.end_auth_comp_id 
_struct_sheet_range.end_auth_asym_id 
_struct_sheet_range.end_auth_seq_id 
AA1 1 ILE A 53 ? LYS A 56 ? ILE A 56 LYS A 59 
AA1 2 ARG B 63 ? ALA B 66 ? ARG B 66 ALA B 69 
AA2 1 ARG A 63 ? ALA A 66 ? ARG A 66 ALA A 69 
AA2 2 ILE B 53 ? LYS B 56 ? ILE B 56 LYS B 59 
# 
loop_
_pdbx_struct_sheet_hbond.sheet_id 
_pdbx_struct_sheet_hbond.range_id_1 
_pdbx_struct_sheet_hbond.range_id_2 
_pdbx_struct_sheet_hbond.range_1_label_atom_id 
_pdbx_struct_sheet_hbond.range_1_label_comp_id 
_pdbx_struct_sheet_hbond.range_1_label_asym_id 
_pdbx_struct_sheet_hbond.range_1_label_seq_id 
_pdbx_struct_sheet_hbond.range_1_PDB_ins_code 
_pdbx_struct_sheet_hbond.range_1_auth_atom_id 
_pdbx_struct_sheet_hbond.range_1_auth_comp_id 
_pdbx_struct_sheet_hbond.range_1_auth_asym_id 
_pdbx_struct_sheet_hbond.range_1_auth_seq_id 
_pdbx_struct_sheet_hbond.range_2_label_atom_id 
_pdbx_struct_sheet_hbond.range_2_label_comp_id 
_pdbx_struct_sheet_hbond.range_2_label_asym_id 
_pdbx_struct_sheet_hbond.range_2_label_seq_id 
_pdbx_struct_sheet_hbond.range_2_PDB_ins_code 
_pdbx_struct_sheet_hbond.range_2_auth_atom_id 
_pdbx_struct_sheet_hbond.range_2_auth_comp_id 
_pdbx_struct_sheet_hbond.range_2_auth_asym_id 
_pdbx_struct_sheet_hbond.range_2_auth_seq_id 
AA1 1 2 N MSE A 54 ? N MSE A 57 O TYR B 65 ? O TYR B 68 
AA2 1 2 N ARG A 63 ? N ARG A 66 O LYS B 56 ? O LYS B 59 
# 
_pdbx_entry_details.entry_id                   5DUK 
_pdbx_entry_details.compound_details           ? 
_pdbx_entry_details.source_details             ? 
_pdbx_entry_details.nonpolymer_details         ? 
_pdbx_entry_details.sequence_details           ? 
_pdbx_entry_details.has_ligand_of_interest     ? 
_pdbx_entry_details.has_protein_modification   Y 
# 
_pdbx_SG_project.id                    1 
_pdbx_SG_project.project_name          PSI:Biology 
_pdbx_SG_project.full_name_of_center   'Midwest Center for Structural Genomics' 
_pdbx_SG_project.initial_of_center     MCSG 
# 
loop_
_pdbx_struct_mod_residue.id 
_pdbx_struct_mod_residue.label_asym_id 
_pdbx_struct_mod_residue.label_comp_id 
_pdbx_struct_mod_residue.label_seq_id 
_pdbx_struct_mod_residue.auth_asym_id 
_pdbx_struct_mod_residue.auth_comp_id 
_pdbx_struct_mod_residue.auth_seq_id 
_pdbx_struct_mod_residue.PDB_ins_code 
_pdbx_struct_mod_residue.parent_comp_id 
_pdbx_struct_mod_residue.details 
1 A MSE 54 A MSE 57 ? MET 'modified residue' 
2 A MSE 55 A MSE 58 ? MET 'modified residue' 
3 B MSE 54 B MSE 57 ? MET 'modified residue' 
4 B MSE 55 B MSE 58 ? MET 'modified residue' 
# 
loop_
_pdbx_unobs_or_zero_occ_residues.id 
_pdbx_unobs_or_zero_occ_residues.PDB_model_num 
_pdbx_unobs_or_zero_occ_residues.polymer_flag 
_pdbx_unobs_or_zero_occ_residues.occupancy_flag 
_pdbx_unobs_or_zero_occ_residues.auth_asym_id 
_pdbx_unobs_or_zero_occ_residues.auth_comp_id 
_pdbx_unobs_or_zero_occ_residues.auth_seq_id 
_pdbx_unobs_or_zero_occ_residues.PDB_ins_code 
_pdbx_unobs_or_zero_occ_residues.label_asym_id 
_pdbx_unobs_or_zero_occ_residues.label_comp_id 
_pdbx_unobs_or_zero_occ_residues.label_seq_id 
1  1 Y 1 A SER 4  ? A SER 1  
2  1 Y 1 A ASN 5  ? A ASN 2  
3  1 Y 1 A ALA 6  ? A ALA 3  
4  1 Y 1 A ASP 7  ? A ASP 4  
5  1 Y 1 A ALA 8  ? A ALA 5  
6  1 Y 1 A LEU 9  ? A LEU 6  
7  1 Y 1 A GLU 10 ? A GLU 7  
8  1 Y 1 A LEU 11 ? A LEU 8  
9  1 Y 1 A LYS 72 ? A LYS 69 
10 1 Y 1 A LEU 73 ? A LEU 70 
11 1 Y 1 A GLY 74 ? A GLY 71 
12 1 Y 1 A ALA 75 ? A ALA 72 
13 1 Y 1 A ARG 76 ? A ARG 73 
14 1 Y 1 A ALA 77 ? A ALA 74 
15 1 Y 1 A LYS 78 ? A LYS 75 
16 1 Y 1 A GLU 79 ? A GLU 76 
17 1 Y 1 A VAL 80 ? A VAL 77 
18 1 Y 1 B SER 4  ? B SER 1  
19 1 Y 1 B LYS 72 ? B LYS 69 
20 1 Y 1 B LEU 73 ? B LEU 70 
21 1 Y 1 B GLY 74 ? B GLY 71 
22 1 Y 1 B ALA 75 ? B ALA 72 
23 1 Y 1 B ARG 76 ? B ARG 73 
24 1 Y 1 B ALA 77 ? B ALA 74 
25 1 Y 1 B LYS 78 ? B LYS 75 
26 1 Y 1 B GLU 79 ? B GLU 76 
27 1 Y 1 B VAL 80 ? B VAL 77 
# 
loop_
_chem_comp_atom.comp_id 
_chem_comp_atom.atom_id 
_chem_comp_atom.type_symbol 
_chem_comp_atom.pdbx_aromatic_flag 
_chem_comp_atom.pdbx_stereo_config 
_chem_comp_atom.pdbx_ordinal 
ALA N    N  N N 1   
ALA CA   C  N S 2   
ALA C    C  N N 3   
ALA O    O  N N 4   
ALA CB   C  N N 5   
ALA OXT  O  N N 6   
ALA H    H  N N 7   
ALA H2   H  N N 8   
ALA HA   H  N N 9   
ALA HB1  H  N N 10  
ALA HB2  H  N N 11  
ALA HB3  H  N N 12  
ALA HXT  H  N N 13  
ARG N    N  N N 14  
ARG CA   C  N S 15  
ARG C    C  N N 16  
ARG O    O  N N 17  
ARG CB   C  N N 18  
ARG CG   C  N N 19  
ARG CD   C  N N 20  
ARG NE   N  N N 21  
ARG CZ   C  N N 22  
ARG NH1  N  N N 23  
ARG NH2  N  N N 24  
ARG OXT  O  N N 25  
ARG H    H  N N 26  
ARG H2   H  N N 27  
ARG HA   H  N N 28  
ARG HB2  H  N N 29  
ARG HB3  H  N N 30  
ARG HG2  H  N N 31  
ARG HG3  H  N N 32  
ARG HD2  H  N N 33  
ARG HD3  H  N N 34  
ARG HE   H  N N 35  
ARG HH11 H  N N 36  
ARG HH12 H  N N 37  
ARG HH21 H  N N 38  
ARG HH22 H  N N 39  
ARG HXT  H  N N 40  
ASN N    N  N N 41  
ASN CA   C  N S 42  
ASN C    C  N N 43  
ASN O    O  N N 44  
ASN CB   C  N N 45  
ASN CG   C  N N 46  
ASN OD1  O  N N 47  
ASN ND2  N  N N 48  
ASN OXT  O  N N 49  
ASN H    H  N N 50  
ASN H2   H  N N 51  
ASN HA   H  N N 52  
ASN HB2  H  N N 53  
ASN HB3  H  N N 54  
ASN HD21 H  N N 55  
ASN HD22 H  N N 56  
ASN HXT  H  N N 57  
ASP N    N  N N 58  
ASP CA   C  N S 59  
ASP C    C  N N 60  
ASP O    O  N N 61  
ASP CB   C  N N 62  
ASP CG   C  N N 63  
ASP OD1  O  N N 64  
ASP OD2  O  N N 65  
ASP OXT  O  N N 66  
ASP H    H  N N 67  
ASP H2   H  N N 68  
ASP HA   H  N N 69  
ASP HB2  H  N N 70  
ASP HB3  H  N N 71  
ASP HD2  H  N N 72  
ASP HXT  H  N N 73  
GLN N    N  N N 74  
GLN CA   C  N S 75  
GLN C    C  N N 76  
GLN O    O  N N 77  
GLN CB   C  N N 78  
GLN CG   C  N N 79  
GLN CD   C  N N 80  
GLN OE1  O  N N 81  
GLN NE2  N  N N 82  
GLN OXT  O  N N 83  
GLN H    H  N N 84  
GLN H2   H  N N 85  
GLN HA   H  N N 86  
GLN HB2  H  N N 87  
GLN HB3  H  N N 88  
GLN HG2  H  N N 89  
GLN HG3  H  N N 90  
GLN HE21 H  N N 91  
GLN HE22 H  N N 92  
GLN HXT  H  N N 93  
GLU N    N  N N 94  
GLU CA   C  N S 95  
GLU C    C  N N 96  
GLU O    O  N N 97  
GLU CB   C  N N 98  
GLU CG   C  N N 99  
GLU CD   C  N N 100 
GLU OE1  O  N N 101 
GLU OE2  O  N N 102 
GLU OXT  O  N N 103 
GLU H    H  N N 104 
GLU H2   H  N N 105 
GLU HA   H  N N 106 
GLU HB2  H  N N 107 
GLU HB3  H  N N 108 
GLU HG2  H  N N 109 
GLU HG3  H  N N 110 
GLU HE2  H  N N 111 
GLU HXT  H  N N 112 
GLY N    N  N N 113 
GLY CA   C  N N 114 
GLY C    C  N N 115 
GLY O    O  N N 116 
GLY OXT  O  N N 117 
GLY H    H  N N 118 
GLY H2   H  N N 119 
GLY HA2  H  N N 120 
GLY HA3  H  N N 121 
GLY HXT  H  N N 122 
HIS N    N  N N 123 
HIS CA   C  N S 124 
HIS C    C  N N 125 
HIS O    O  N N 126 
HIS CB   C  N N 127 
HIS CG   C  Y N 128 
HIS ND1  N  Y N 129 
HIS CD2  C  Y N 130 
HIS CE1  C  Y N 131 
HIS NE2  N  Y N 132 
HIS OXT  O  N N 133 
HIS H    H  N N 134 
HIS H2   H  N N 135 
HIS HA   H  N N 136 
HIS HB2  H  N N 137 
HIS HB3  H  N N 138 
HIS HD1  H  N N 139 
HIS HD2  H  N N 140 
HIS HE1  H  N N 141 
HIS HE2  H  N N 142 
HIS HXT  H  N N 143 
HOH O    O  N N 144 
HOH H1   H  N N 145 
HOH H2   H  N N 146 
ILE N    N  N N 147 
ILE CA   C  N S 148 
ILE C    C  N N 149 
ILE O    O  N N 150 
ILE CB   C  N S 151 
ILE CG1  C  N N 152 
ILE CG2  C  N N 153 
ILE CD1  C  N N 154 
ILE OXT  O  N N 155 
ILE H    H  N N 156 
ILE H2   H  N N 157 
ILE HA   H  N N 158 
ILE HB   H  N N 159 
ILE HG12 H  N N 160 
ILE HG13 H  N N 161 
ILE HG21 H  N N 162 
ILE HG22 H  N N 163 
ILE HG23 H  N N 164 
ILE HD11 H  N N 165 
ILE HD12 H  N N 166 
ILE HD13 H  N N 167 
ILE HXT  H  N N 168 
LEU N    N  N N 169 
LEU CA   C  N S 170 
LEU C    C  N N 171 
LEU O    O  N N 172 
LEU CB   C  N N 173 
LEU CG   C  N N 174 
LEU CD1  C  N N 175 
LEU CD2  C  N N 176 
LEU OXT  O  N N 177 
LEU H    H  N N 178 
LEU H2   H  N N 179 
LEU HA   H  N N 180 
LEU HB2  H  N N 181 
LEU HB3  H  N N 182 
LEU HG   H  N N 183 
LEU HD11 H  N N 184 
LEU HD12 H  N N 185 
LEU HD13 H  N N 186 
LEU HD21 H  N N 187 
LEU HD22 H  N N 188 
LEU HD23 H  N N 189 
LEU HXT  H  N N 190 
LYS N    N  N N 191 
LYS CA   C  N S 192 
LYS C    C  N N 193 
LYS O    O  N N 194 
LYS CB   C  N N 195 
LYS CG   C  N N 196 
LYS CD   C  N N 197 
LYS CE   C  N N 198 
LYS NZ   N  N N 199 
LYS OXT  O  N N 200 
LYS H    H  N N 201 
LYS H2   H  N N 202 
LYS HA   H  N N 203 
LYS HB2  H  N N 204 
LYS HB3  H  N N 205 
LYS HG2  H  N N 206 
LYS HG3  H  N N 207 
LYS HD2  H  N N 208 
LYS HD3  H  N N 209 
LYS HE2  H  N N 210 
LYS HE3  H  N N 211 
LYS HZ1  H  N N 212 
LYS HZ2  H  N N 213 
LYS HZ3  H  N N 214 
LYS HXT  H  N N 215 
MSE N    N  N N 216 
MSE CA   C  N S 217 
MSE C    C  N N 218 
MSE O    O  N N 219 
MSE OXT  O  N N 220 
MSE CB   C  N N 221 
MSE CG   C  N N 222 
MSE SE   SE N N 223 
MSE CE   C  N N 224 
MSE H    H  N N 225 
MSE H2   H  N N 226 
MSE HA   H  N N 227 
MSE HXT  H  N N 228 
MSE HB2  H  N N 229 
MSE HB3  H  N N 230 
MSE HG2  H  N N 231 
MSE HG3  H  N N 232 
MSE HE1  H  N N 233 
MSE HE2  H  N N 234 
MSE HE3  H  N N 235 
PRO N    N  N N 236 
PRO CA   C  N S 237 
PRO C    C  N N 238 
PRO O    O  N N 239 
PRO CB   C  N N 240 
PRO CG   C  N N 241 
PRO CD   C  N N 242 
PRO OXT  O  N N 243 
PRO H    H  N N 244 
PRO HA   H  N N 245 
PRO HB2  H  N N 246 
PRO HB3  H  N N 247 
PRO HG2  H  N N 248 
PRO HG3  H  N N 249 
PRO HD2  H  N N 250 
PRO HD3  H  N N 251 
PRO HXT  H  N N 252 
SER N    N  N N 253 
SER CA   C  N S 254 
SER C    C  N N 255 
SER O    O  N N 256 
SER CB   C  N N 257 
SER OG   O  N N 258 
SER OXT  O  N N 259 
SER H    H  N N 260 
SER H2   H  N N 261 
SER HA   H  N N 262 
SER HB2  H  N N 263 
SER HB3  H  N N 264 
SER HG   H  N N 265 
SER HXT  H  N N 266 
THR N    N  N N 267 
THR CA   C  N S 268 
THR C    C  N N 269 
THR O    O  N N 270 
THR CB   C  N R 271 
THR OG1  O  N N 272 
THR CG2  C  N N 273 
THR OXT  O  N N 274 
THR H    H  N N 275 
THR H2   H  N N 276 
THR HA   H  N N 277 
THR HB   H  N N 278 
THR HG1  H  N N 279 
THR HG21 H  N N 280 
THR HG22 H  N N 281 
THR HG23 H  N N 282 
THR HXT  H  N N 283 
TYR N    N  N N 284 
TYR CA   C  N S 285 
TYR C    C  N N 286 
TYR O    O  N N 287 
TYR CB   C  N N 288 
TYR CG   C  Y N 289 
TYR CD1  C  Y N 290 
TYR CD2  C  Y N 291 
TYR CE1  C  Y N 292 
TYR CE2  C  Y N 293 
TYR CZ   C  Y N 294 
TYR OH   O  N N 295 
TYR OXT  O  N N 296 
TYR H    H  N N 297 
TYR H2   H  N N 298 
TYR HA   H  N N 299 
TYR HB2  H  N N 300 
TYR HB3  H  N N 301 
TYR HD1  H  N N 302 
TYR HD2  H  N N 303 
TYR HE1  H  N N 304 
TYR HE2  H  N N 305 
TYR HH   H  N N 306 
TYR HXT  H  N N 307 
VAL N    N  N N 308 
VAL CA   C  N S 309 
VAL C    C  N N 310 
VAL O    O  N N 311 
VAL CB   C  N N 312 
VAL CG1  C  N N 313 
VAL CG2  C  N N 314 
VAL OXT  O  N N 315 
VAL H    H  N N 316 
VAL H2   H  N N 317 
VAL HA   H  N N 318 
VAL HB   H  N N 319 
VAL HG11 H  N N 320 
VAL HG12 H  N N 321 
VAL HG13 H  N N 322 
VAL HG21 H  N N 323 
VAL HG22 H  N N 324 
VAL HG23 H  N N 325 
VAL HXT  H  N N 326 
# 
loop_
_chem_comp_bond.comp_id 
_chem_comp_bond.atom_id_1 
_chem_comp_bond.atom_id_2 
_chem_comp_bond.value_order 
_chem_comp_bond.pdbx_aromatic_flag 
_chem_comp_bond.pdbx_stereo_config 
_chem_comp_bond.pdbx_ordinal 
ALA N   CA   sing N N 1   
ALA N   H    sing N N 2   
ALA N   H2   sing N N 3   
ALA CA  C    sing N N 4   
ALA CA  CB   sing N N 5   
ALA CA  HA   sing N N 6   
ALA C   O    doub N N 7   
ALA C   OXT  sing N N 8   
ALA CB  HB1  sing N N 9   
ALA CB  HB2  sing N N 10  
ALA CB  HB3  sing N N 11  
ALA OXT HXT  sing N N 12  
ARG N   CA   sing N N 13  
ARG N   H    sing N N 14  
ARG N   H2   sing N N 15  
ARG CA  C    sing N N 16  
ARG CA  CB   sing N N 17  
ARG CA  HA   sing N N 18  
ARG C   O    doub N N 19  
ARG C   OXT  sing N N 20  
ARG CB  CG   sing N N 21  
ARG CB  HB2  sing N N 22  
ARG CB  HB3  sing N N 23  
ARG CG  CD   sing N N 24  
ARG CG  HG2  sing N N 25  
ARG CG  HG3  sing N N 26  
ARG CD  NE   sing N N 27  
ARG CD  HD2  sing N N 28  
ARG CD  HD3  sing N N 29  
ARG NE  CZ   sing N N 30  
ARG NE  HE   sing N N 31  
ARG CZ  NH1  sing N N 32  
ARG CZ  NH2  doub N N 33  
ARG NH1 HH11 sing N N 34  
ARG NH1 HH12 sing N N 35  
ARG NH2 HH21 sing N N 36  
ARG NH2 HH22 sing N N 37  
ARG OXT HXT  sing N N 38  
ASN N   CA   sing N N 39  
ASN N   H    sing N N 40  
ASN N   H2   sing N N 41  
ASN CA  C    sing N N 42  
ASN CA  CB   sing N N 43  
ASN CA  HA   sing N N 44  
ASN C   O    doub N N 45  
ASN C   OXT  sing N N 46  
ASN CB  CG   sing N N 47  
ASN CB  HB2  sing N N 48  
ASN CB  HB3  sing N N 49  
ASN CG  OD1  doub N N 50  
ASN CG  ND2  sing N N 51  
ASN ND2 HD21 sing N N 52  
ASN ND2 HD22 sing N N 53  
ASN OXT HXT  sing N N 54  
ASP N   CA   sing N N 55  
ASP N   H    sing N N 56  
ASP N   H2   sing N N 57  
ASP CA  C    sing N N 58  
ASP CA  CB   sing N N 59  
ASP CA  HA   sing N N 60  
ASP C   O    doub N N 61  
ASP C   OXT  sing N N 62  
ASP CB  CG   sing N N 63  
ASP CB  HB2  sing N N 64  
ASP CB  HB3  sing N N 65  
ASP CG  OD1  doub N N 66  
ASP CG  OD2  sing N N 67  
ASP OD2 HD2  sing N N 68  
ASP OXT HXT  sing N N 69  
GLN N   CA   sing N N 70  
GLN N   H    sing N N 71  
GLN N   H2   sing N N 72  
GLN CA  C    sing N N 73  
GLN CA  CB   sing N N 74  
GLN CA  HA   sing N N 75  
GLN C   O    doub N N 76  
GLN C   OXT  sing N N 77  
GLN CB  CG   sing N N 78  
GLN CB  HB2  sing N N 79  
GLN CB  HB3  sing N N 80  
GLN CG  CD   sing N N 81  
GLN CG  HG2  sing N N 82  
GLN CG  HG3  sing N N 83  
GLN CD  OE1  doub N N 84  
GLN CD  NE2  sing N N 85  
GLN NE2 HE21 sing N N 86  
GLN NE2 HE22 sing N N 87  
GLN OXT HXT  sing N N 88  
GLU N   CA   sing N N 89  
GLU N   H    sing N N 90  
GLU N   H2   sing N N 91  
GLU CA  C    sing N N 92  
GLU CA  CB   sing N N 93  
GLU CA  HA   sing N N 94  
GLU C   O    doub N N 95  
GLU C   OXT  sing N N 96  
GLU CB  CG   sing N N 97  
GLU CB  HB2  sing N N 98  
GLU CB  HB3  sing N N 99  
GLU CG  CD   sing N N 100 
GLU CG  HG2  sing N N 101 
GLU CG  HG3  sing N N 102 
GLU CD  OE1  doub N N 103 
GLU CD  OE2  sing N N 104 
GLU OE2 HE2  sing N N 105 
GLU OXT HXT  sing N N 106 
GLY N   CA   sing N N 107 
GLY N   H    sing N N 108 
GLY N   H2   sing N N 109 
GLY CA  C    sing N N 110 
GLY CA  HA2  sing N N 111 
GLY CA  HA3  sing N N 112 
GLY C   O    doub N N 113 
GLY C   OXT  sing N N 114 
GLY OXT HXT  sing N N 115 
HIS N   CA   sing N N 116 
HIS N   H    sing N N 117 
HIS N   H2   sing N N 118 
HIS CA  C    sing N N 119 
HIS CA  CB   sing N N 120 
HIS CA  HA   sing N N 121 
HIS C   O    doub N N 122 
HIS C   OXT  sing N N 123 
HIS CB  CG   sing N N 124 
HIS CB  HB2  sing N N 125 
HIS CB  HB3  sing N N 126 
HIS CG  ND1  sing Y N 127 
HIS CG  CD2  doub Y N 128 
HIS ND1 CE1  doub Y N 129 
HIS ND1 HD1  sing N N 130 
HIS CD2 NE2  sing Y N 131 
HIS CD2 HD2  sing N N 132 
HIS CE1 NE2  sing Y N 133 
HIS CE1 HE1  sing N N 134 
HIS NE2 HE2  sing N N 135 
HIS OXT HXT  sing N N 136 
HOH O   H1   sing N N 137 
HOH O   H2   sing N N 138 
ILE N   CA   sing N N 139 
ILE N   H    sing N N 140 
ILE N   H2   sing N N 141 
ILE CA  C    sing N N 142 
ILE CA  CB   sing N N 143 
ILE CA  HA   sing N N 144 
ILE C   O    doub N N 145 
ILE C   OXT  sing N N 146 
ILE CB  CG1  sing N N 147 
ILE CB  CG2  sing N N 148 
ILE CB  HB   sing N N 149 
ILE CG1 CD1  sing N N 150 
ILE CG1 HG12 sing N N 151 
ILE CG1 HG13 sing N N 152 
ILE CG2 HG21 sing N N 153 
ILE CG2 HG22 sing N N 154 
ILE CG2 HG23 sing N N 155 
ILE CD1 HD11 sing N N 156 
ILE CD1 HD12 sing N N 157 
ILE CD1 HD13 sing N N 158 
ILE OXT HXT  sing N N 159 
LEU N   CA   sing N N 160 
LEU N   H    sing N N 161 
LEU N   H2   sing N N 162 
LEU CA  C    sing N N 163 
LEU CA  CB   sing N N 164 
LEU CA  HA   sing N N 165 
LEU C   O    doub N N 166 
LEU C   OXT  sing N N 167 
LEU CB  CG   sing N N 168 
LEU CB  HB2  sing N N 169 
LEU CB  HB3  sing N N 170 
LEU CG  CD1  sing N N 171 
LEU CG  CD2  sing N N 172 
LEU CG  HG   sing N N 173 
LEU CD1 HD11 sing N N 174 
LEU CD1 HD12 sing N N 175 
LEU CD1 HD13 sing N N 176 
LEU CD2 HD21 sing N N 177 
LEU CD2 HD22 sing N N 178 
LEU CD2 HD23 sing N N 179 
LEU OXT HXT  sing N N 180 
LYS N   CA   sing N N 181 
LYS N   H    sing N N 182 
LYS N   H2   sing N N 183 
LYS CA  C    sing N N 184 
LYS CA  CB   sing N N 185 
LYS CA  HA   sing N N 186 
LYS C   O    doub N N 187 
LYS C   OXT  sing N N 188 
LYS CB  CG   sing N N 189 
LYS CB  HB2  sing N N 190 
LYS CB  HB3  sing N N 191 
LYS CG  CD   sing N N 192 
LYS CG  HG2  sing N N 193 
LYS CG  HG3  sing N N 194 
LYS CD  CE   sing N N 195 
LYS CD  HD2  sing N N 196 
LYS CD  HD3  sing N N 197 
LYS CE  NZ   sing N N 198 
LYS CE  HE2  sing N N 199 
LYS CE  HE3  sing N N 200 
LYS NZ  HZ1  sing N N 201 
LYS NZ  HZ2  sing N N 202 
LYS NZ  HZ3  sing N N 203 
LYS OXT HXT  sing N N 204 
MSE N   CA   sing N N 205 
MSE N   H    sing N N 206 
MSE N   H2   sing N N 207 
MSE CA  C    sing N N 208 
MSE CA  CB   sing N N 209 
MSE CA  HA   sing N N 210 
MSE C   O    doub N N 211 
MSE C   OXT  sing N N 212 
MSE OXT HXT  sing N N 213 
MSE CB  CG   sing N N 214 
MSE CB  HB2  sing N N 215 
MSE CB  HB3  sing N N 216 
MSE CG  SE   sing N N 217 
MSE CG  HG2  sing N N 218 
MSE CG  HG3  sing N N 219 
MSE SE  CE   sing N N 220 
MSE CE  HE1  sing N N 221 
MSE CE  HE2  sing N N 222 
MSE CE  HE3  sing N N 223 
PRO N   CA   sing N N 224 
PRO N   CD   sing N N 225 
PRO N   H    sing N N 226 
PRO CA  C    sing N N 227 
PRO CA  CB   sing N N 228 
PRO CA  HA   sing N N 229 
PRO C   O    doub N N 230 
PRO C   OXT  sing N N 231 
PRO CB  CG   sing N N 232 
PRO CB  HB2  sing N N 233 
PRO CB  HB3  sing N N 234 
PRO CG  CD   sing N N 235 
PRO CG  HG2  sing N N 236 
PRO CG  HG3  sing N N 237 
PRO CD  HD2  sing N N 238 
PRO CD  HD3  sing N N 239 
PRO OXT HXT  sing N N 240 
SER N   CA   sing N N 241 
SER N   H    sing N N 242 
SER N   H2   sing N N 243 
SER CA  C    sing N N 244 
SER CA  CB   sing N N 245 
SER CA  HA   sing N N 246 
SER C   O    doub N N 247 
SER C   OXT  sing N N 248 
SER CB  OG   sing N N 249 
SER CB  HB2  sing N N 250 
SER CB  HB3  sing N N 251 
SER OG  HG   sing N N 252 
SER OXT HXT  sing N N 253 
THR N   CA   sing N N 254 
THR N   H    sing N N 255 
THR N   H2   sing N N 256 
THR CA  C    sing N N 257 
THR CA  CB   sing N N 258 
THR CA  HA   sing N N 259 
THR C   O    doub N N 260 
THR C   OXT  sing N N 261 
THR CB  OG1  sing N N 262 
THR CB  CG2  sing N N 263 
THR CB  HB   sing N N 264 
THR OG1 HG1  sing N N 265 
THR CG2 HG21 sing N N 266 
THR CG2 HG22 sing N N 267 
THR CG2 HG23 sing N N 268 
THR OXT HXT  sing N N 269 
TYR N   CA   sing N N 270 
TYR N   H    sing N N 271 
TYR N   H2   sing N N 272 
TYR CA  C    sing N N 273 
TYR CA  CB   sing N N 274 
TYR CA  HA   sing N N 275 
TYR C   O    doub N N 276 
TYR C   OXT  sing N N 277 
TYR CB  CG   sing N N 278 
TYR CB  HB2  sing N N 279 
TYR CB  HB3  sing N N 280 
TYR CG  CD1  doub Y N 281 
TYR CG  CD2  sing Y N 282 
TYR CD1 CE1  sing Y N 283 
TYR CD1 HD1  sing N N 284 
TYR CD2 CE2  doub Y N 285 
TYR CD2 HD2  sing N N 286 
TYR CE1 CZ   doub Y N 287 
TYR CE1 HE1  sing N N 288 
TYR CE2 CZ   sing Y N 289 
TYR CE2 HE2  sing N N 290 
TYR CZ  OH   sing N N 291 
TYR OH  HH   sing N N 292 
TYR OXT HXT  sing N N 293 
VAL N   CA   sing N N 294 
VAL N   H    sing N N 295 
VAL N   H2   sing N N 296 
VAL CA  C    sing N N 297 
VAL CA  CB   sing N N 298 
VAL CA  HA   sing N N 299 
VAL C   O    doub N N 300 
VAL C   OXT  sing N N 301 
VAL CB  CG1  sing N N 302 
VAL CB  CG2  sing N N 303 
VAL CB  HB   sing N N 304 
VAL CG1 HG11 sing N N 305 
VAL CG1 HG12 sing N N 306 
VAL CG1 HG13 sing N N 307 
VAL CG2 HG21 sing N N 308 
VAL CG2 HG22 sing N N 309 
VAL CG2 HG23 sing N N 310 
VAL OXT HXT  sing N N 311 
# 
_atom_sites.entry_id                    5DUK 
_atom_sites.fract_transf_matrix[1][1]   -0.01323471 
_atom_sites.fract_transf_matrix[1][2]   0.00266937 
_atom_sites.fract_transf_matrix[1][3]   0.01881638 
_atom_sites.fract_transf_matrix[2][1]   0.01867539 
_atom_sites.fract_transf_matrix[2][2]   0.00607720 
_atom_sites.fract_transf_matrix[2][3]   0.01227341 
_atom_sites.fract_transf_matrix[3][1]   -0.00078190 
_atom_sites.fract_transf_matrix[3][2]   0.00492436 
_atom_sites.fract_transf_matrix[3][3]   -0.00124855 
_atom_sites.fract_transf_vector[1]      0.096312 
_atom_sites.fract_transf_vector[2]      0.288418 
_atom_sites.fract_transf_vector[3]      0.543972 
# 
loop_
_atom_type.symbol 
C  
N  
O  
SE 
# 
loop_
_atom_site.group_PDB 
_atom_site.id 
_atom_site.type_symbol 
_atom_site.label_atom_id 
_atom_site.label_alt_id 
_atom_site.label_comp_id 
_atom_site.label_asym_id 
_atom_site.label_entity_id 
_atom_site.label_seq_id 
_atom_site.pdbx_PDB_ins_code 
_atom_site.Cartn_x 
_atom_site.Cartn_y 
_atom_site.Cartn_z 
_atom_site.occupancy 
_atom_site.B_iso_or_equiv 
_atom_site.pdbx_formal_charge 
_atom_site.auth_seq_id 
_atom_site.auth_comp_id 
_atom_site.auth_asym_id 
_atom_site.auth_atom_id 
_atom_site.pdbx_PDB_model_num 
ATOM   1    N  N   . ASP A 1 9  ? 16.505  -20.764 14.866  1.00 43.08  ? 12  ASP A N   1 
ATOM   2    C  CA  . ASP A 1 9  ? 17.525  -20.354 13.909  1.00 39.27  ? 12  ASP A CA  1 
ATOM   3    C  C   . ASP A 1 9  ? 16.920  -19.423 12.858  1.00 30.57  ? 12  ASP A C   1 
ATOM   4    O  O   . ASP A 1 9  ? 16.934  -18.203 13.020  1.00 27.60  ? 12  ASP A O   1 
ATOM   5    C  CB  . ASP A 1 9  ? 18.159  -21.582 13.245  1.00 43.68  ? 12  ASP A CB  1 
ATOM   6    C  CG  . ASP A 1 9  ? 19.554  -21.305 12.706  1.00 53.30  ? 12  ASP A CG  1 
ATOM   7    O  OD1 . ASP A 1 9  ? 19.862  -20.134 12.402  1.00 52.61  ? 12  ASP A OD1 1 
ATOM   8    O  OD2 . ASP A 1 9  ? 20.345  -22.265 12.585  1.00 57.82  ? 12  ASP A OD2 1 
ATOM   9    N  N   . THR A 1 10 ? 16.379  -20.007 11.786  1.00 32.61  ? 13  THR A N   1 
ATOM   10   C  CA  . THR A 1 10 ? 15.798  -19.207 10.710  1.00 31.37  ? 13  THR A CA  1 
ATOM   11   C  C   . THR A 1 10 ? 14.561  -18.454 11.190  1.00 34.83  ? 13  THR A C   1 
ATOM   12   O  O   . THR A 1 10 ? 14.394  -17.263 10.900  1.00 34.06  ? 13  THR A O   1 
ATOM   13   C  CB  . THR A 1 10 ? 15.450  -20.100 9.517   1.00 29.98  ? 13  THR A CB  1 
ATOM   14   O  OG1 . THR A 1 10 ? 16.621  -20.806 9.089   1.00 43.27  ? 13  THR A OG1 1 
ATOM   15   C  CG2 . THR A 1 10 ? 14.917  -19.267 8.363   1.00 27.69  ? 13  THR A CG2 1 
ATOM   16   N  N   . ARG A 1 11 ? 13.677  -19.137 11.923  1.00 36.45  ? 14  ARG A N   1 
ATOM   17   C  CA  . ARG A 1 11 ? 12.474  -18.482 12.427  1.00 25.56  ? 14  ARG A CA  1 
ATOM   18   C  C   . ARG A 1 11 ? 12.816  -17.394 13.436  1.00 25.97  ? 14  ARG A C   1 
ATOM   19   O  O   . ARG A 1 11 ? 12.237  -16.302 13.398  1.00 30.49  ? 14  ARG A O   1 
ATOM   20   C  CB  . ARG A 1 11 ? 11.535  -19.514 13.049  1.00 24.85  ? 14  ARG A CB  1 
ATOM   21   C  CG  . ARG A 1 11 ? 10.268  -18.931 13.657  1.00 20.30  ? 14  ARG A CG  1 
ATOM   22   C  CD  . ARG A 1 11 ? 9.356   -20.039 14.156  1.00 18.84  ? 14  ARG A CD  1 
ATOM   23   N  NE  . ARG A 1 11 ? 8.845   -20.845 13.053  1.00 19.03  ? 14  ARG A NE  1 
ATOM   24   C  CZ  . ARG A 1 11 ? 8.203   -21.998 13.201  1.00 16.39  ? 14  ARG A CZ  1 
ATOM   25   N  NH1 . ARG A 1 11 ? 7.992   -22.494 14.413  1.00 14.54  ? 14  ARG A NH1 1 
ATOM   26   N  NH2 . ARG A 1 11 ? 7.773   -22.657 12.133  1.00 13.74  ? 14  ARG A NH2 1 
ATOM   27   N  N   . ARG A 1 12 ? 13.756  -17.669 14.345  1.00 25.13  ? 15  ARG A N   1 
ATOM   28   C  CA  . ARG A 1 12 ? 14.137  -16.653 15.320  1.00 29.72  ? 15  ARG A CA  1 
ATOM   29   C  C   . ARG A 1 12 ? 14.825  -15.471 14.652  1.00 30.22  ? 15  ARG A C   1 
ATOM   30   O  O   . ARG A 1 12 ? 14.752  -14.345 15.157  1.00 33.17  ? 15  ARG A O   1 
ATOM   31   C  CB  . ARG A 1 12 ? 15.034  -17.259 16.401  1.00 25.36  ? 15  ARG A CB  1 
ATOM   32   C  CG  . ARG A 1 12 ? 15.318  -16.322 17.567  1.00 24.97  ? 15  ARG A CG  1 
ATOM   33   C  CD  . ARG A 1 12 ? 15.658  -17.092 18.834  1.00 47.84  ? 15  ARG A CD  1 
ATOM   34   N  NE  . ARG A 1 12 ? 14.576  -17.986 19.244  1.00 56.94  ? 15  ARG A NE  1 
ATOM   35   C  CZ  . ARG A 1 12 ? 14.591  -18.720 20.354  1.00 60.23  ? 15  ARG A CZ  1 
ATOM   36   N  NH1 . ARG A 1 12 ? 15.634  -18.664 21.173  1.00 57.97  ? 15  ARG A NH1 1 
ATOM   37   N  NH2 . ARG A 1 12 ? 13.564  -19.506 20.649  1.00 38.68  ? 15  ARG A NH2 1 
ATOM   38   N  N   . GLU A 1 13 ? 15.486  -15.701 13.516  1.00 26.09  ? 16  GLU A N   1 
ATOM   39   C  CA  . GLU A 1 13 ? 16.095  -14.594 12.788  1.00 32.09  ? 16  GLU A CA  1 
ATOM   40   C  C   . GLU A 1 13 ? 15.037  -13.761 12.073  1.00 35.04  ? 16  GLU A C   1 
ATOM   41   O  O   . GLU A 1 13 ? 15.138  -12.531 12.024  1.00 33.13  ? 16  GLU A O   1 
ATOM   42   C  CB  . GLU A 1 13 ? 17.129  -15.120 11.794  1.00 31.57  ? 16  GLU A CB  1 
ATOM   43   C  CG  . GLU A 1 13 ? 18.434  -14.353 11.813  1.00 51.22  ? 16  GLU A CG  1 
ATOM   44   C  CD  . GLU A 1 13 ? 19.218  -14.588 13.088  1.00 48.98  ? 16  GLU A CD  1 
ATOM   45   O  OE1 . GLU A 1 13 ? 19.830  -15.669 13.219  1.00 50.47  ? 16  GLU A OE1 1 
ATOM   46   O  OE2 . GLU A 1 13 ? 19.211  -13.701 13.966  1.00 57.35  ? 16  GLU A OE2 1 
ATOM   47   N  N   . ILE A 1 14 ? 14.017  -14.414 11.514  1.00 34.10  ? 17  ILE A N   1 
ATOM   48   C  CA  . ILE A 1 14 ? 12.952  -13.686 10.831  1.00 31.73  ? 17  ILE A CA  1 
ATOM   49   C  C   . ILE A 1 14 ? 12.201  -12.791 11.812  1.00 29.47  ? 17  ILE A C   1 
ATOM   50   O  O   . ILE A 1 14 ? 12.006  -11.597 11.560  1.00 28.62  ? 17  ILE A O   1 
ATOM   51   C  CB  . ILE A 1 14 ? 11.999  -14.669 10.131  1.00 28.50  ? 17  ILE A CB  1 
ATOM   52   C  CG1 . ILE A 1 14 ? 12.699  -15.360 8.958   1.00 29.93  ? 17  ILE A CG1 1 
ATOM   53   C  CG2 . ILE A 1 14 ? 10.741  -13.954 9.664   1.00 19.16  ? 17  ILE A CG2 1 
ATOM   54   C  CD1 . ILE A 1 14 ? 11.970  -16.580 8.435   1.00 21.75  ? 17  ILE A CD1 1 
ATOM   55   N  N   . TYR A 1 15 ? 11.769  -13.356 12.947  1.00 23.97  ? 18  TYR A N   1 
ATOM   56   C  CA  . TYR A 1 15 ? 11.047  -12.574 13.949  1.00 28.96  ? 18  TYR A CA  1 
ATOM   57   C  C   . TYR A 1 15 ? 11.865  -11.400 14.458  1.00 33.00  ? 18  TYR A C   1 
ATOM   58   O  O   . TYR A 1 15 ? 11.306  -10.348 14.791  1.00 34.50  ? 18  TYR A O   1 
ATOM   59   C  CB  . TYR A 1 15 ? 10.645  -13.457 15.131  1.00 24.01  ? 18  TYR A CB  1 
ATOM   60   C  CG  . TYR A 1 15 ? 10.109  -12.669 16.314  1.00 27.08  ? 18  TYR A CG  1 
ATOM   61   C  CD1 . TYR A 1 15 ? 8.793   -12.222 16.331  1.00 29.97  ? 18  TYR A CD1 1 
ATOM   62   C  CD2 . TYR A 1 15 ? 10.909  -12.379 17.415  1.00 23.88  ? 18  TYR A CD2 1 
ATOM   63   C  CE1 . TYR A 1 15 ? 8.290   -11.512 17.401  1.00 21.21  ? 18  TYR A CE1 1 
ATOM   64   C  CE2 . TYR A 1 15 ? 10.412  -11.665 18.495  1.00 23.96  ? 18  TYR A CE2 1 
ATOM   65   C  CZ  . TYR A 1 15 ? 9.100   -11.233 18.483  1.00 20.82  ? 18  TYR A CZ  1 
ATOM   66   O  OH  . TYR A 1 15 ? 8.595   -10.522 19.555  1.00 28.17  ? 18  TYR A OH  1 
ATOM   67   N  N   . LYS A 1 16 ? 13.181  -11.554 14.518  1.00 35.19  ? 19  LYS A N   1 
ATOM   68   C  CA  . LYS A 1 16 ? 14.029  -10.520 15.087  1.00 34.12  ? 19  LYS A CA  1 
ATOM   69   C  C   . LYS A 1 16 ? 14.307  -9.388  14.115  1.00 35.12  ? 19  LYS A C   1 
ATOM   70   O  O   . LYS A 1 16 ? 14.378  -8.222  14.528  1.00 32.86  ? 19  LYS A O   1 
ATOM   71   C  CB  . LYS A 1 16 ? 15.341  -11.140 15.560  1.00 39.72  ? 19  LYS A CB  1 
ATOM   72   C  CG  . LYS A 1 16 ? 15.773  -10.625 16.905  1.00 56.41  ? 19  LYS A CG  1 
ATOM   73   C  CD  . LYS A 1 16 ? 16.727  -11.589 17.591  1.00 52.15  ? 19  LYS A CD  1 
ATOM   74   C  CE  . LYS A 1 16 ? 17.458  -10.863 18.710  1.00 64.88  ? 19  LYS A CE  1 
ATOM   75   N  NZ  . LYS A 1 16 ? 16.503  -10.198 19.642  1.00 62.56  ? 19  LYS A NZ  1 
ATOM   76   N  N   . HIS A 1 17 ? 14.472  -9.728  12.834  1.00 38.01  ? 20  HIS A N   1 
ATOM   77   C  CA  . HIS A 1 17 ? 14.611  -8.721  11.795  1.00 34.53  ? 20  HIS A CA  1 
ATOM   78   C  C   . HIS A 1 17 ? 13.369  -7.850  11.736  1.00 37.00  ? 20  HIS A C   1 
ATOM   79   O  O   . HIS A 1 17 ? 13.454  -6.676  11.361  1.00 41.27  ? 20  HIS A O   1 
ATOM   80   C  CB  . HIS A 1 17 ? 14.874  -9.393  10.436  1.00 42.86  ? 20  HIS A CB  1 
ATOM   81   C  CG  . HIS A 1 17 ? 15.503  -8.479  9.429   1.00 57.42  ? 20  HIS A CG  1 
ATOM   82   N  ND1 . HIS A 1 17 ? 16.547  -7.643  9.750   1.00 55.55  ? 20  HIS A ND1 1 
ATOM   83   C  CD2 . HIS A 1 17 ? 15.222  -8.253  8.123   1.00 59.02  ? 20  HIS A CD2 1 
ATOM   84   C  CE1 . HIS A 1 17 ? 16.890  -6.942  8.683   1.00 58.75  ? 20  HIS A CE1 1 
ATOM   85   N  NE2 . HIS A 1 17 ? 16.103  -7.293  7.683   1.00 53.36  ? 20  HIS A NE2 1 
ATOM   86   N  N   . ILE A 1 18 ? 12.214  -8.403  12.122  1.00 35.06  ? 21  ILE A N   1 
ATOM   87   C  CA  . ILE A 1 18 ? 10.963  -7.647  12.117  1.00 28.49  ? 21  ILE A CA  1 
ATOM   88   C  C   . ILE A 1 18 ? 10.874  -6.713  13.322  1.00 30.52  ? 21  ILE A C   1 
ATOM   89   O  O   . ILE A 1 18 ? 10.300  -5.621  13.226  1.00 30.14  ? 21  ILE A O   1 
ATOM   90   C  CB  . ILE A 1 18 ? 9.763   -8.611  12.062  1.00 30.42  ? 21  ILE A CB  1 
ATOM   91   C  CG1 . ILE A 1 18 ? 9.752   -9.374  10.737  1.00 25.39  ? 21  ILE A CG1 1 
ATOM   92   C  CG2 . ILE A 1 18 ? 8.444   -7.875  12.277  1.00 23.99  ? 21  ILE A CG2 1 
ATOM   93   C  CD1 . ILE A 1 18 ? 8.695   -10.459 10.658  1.00 24.44  ? 21  ILE A CD1 1 
ATOM   94   N  N   . VAL A 1 19 ? 11.434  -7.112  14.465  1.00 30.93  ? 22  VAL A N   1 
ATOM   95   C  CA  . VAL A 1 19 ? 11.400  -6.254  15.645  1.00 34.17  ? 22  VAL A CA  1 
ATOM   96   C  C   . VAL A 1 19 ? 12.305  -5.042  15.452  1.00 34.55  ? 22  VAL A C   1 
ATOM   97   O  O   . VAL A 1 19 ? 11.902  -3.901  15.705  1.00 35.00  ? 22  VAL A O   1 
ATOM   98   C  CB  . VAL A 1 19 ? 11.788  -7.051  16.903  1.00 32.58  ? 22  VAL A CB  1 
ATOM   99   C  CG1 . VAL A 1 19 ? 11.821  -6.132  18.115  1.00 26.59  ? 22  VAL A CG1 1 
ATOM   100  C  CG2 . VAL A 1 19 ? 10.817  -8.195  17.127  1.00 27.64  ? 22  VAL A CG2 1 
ATOM   101  N  N   . LYS A 1 20 ? 13.541  -5.270  14.997  1.00 43.37  ? 23  LYS A N   1 
ATOM   102  C  CA  . LYS A 1 20 ? 14.490  -4.169  14.853  1.00 44.98  ? 23  LYS A CA  1 
ATOM   103  C  C   . LYS A 1 20 ? 14.162  -3.280  13.659  1.00 44.63  ? 23  LYS A C   1 
ATOM   104  O  O   . LYS A 1 20 ? 14.412  -2.071  13.704  1.00 49.62  ? 23  LYS A O   1 
ATOM   105  C  CB  . LYS A 1 20 ? 15.916  -4.710  14.727  1.00 36.87  ? 23  LYS A CB  1 
ATOM   106  C  CG  . LYS A 1 20 ? 16.764  -4.521  15.977  1.00 60.46  ? 23  LYS A CG  1 
ATOM   107  C  CD  . LYS A 1 20 ? 18.227  -4.845  15.716  1.00 73.13  ? 23  LYS A CD  1 
ATOM   108  C  CE  . LYS A 1 20 ? 19.092  -4.494  16.917  1.00 71.12  ? 23  LYS A CE  1 
ATOM   109  N  NZ  . LYS A 1 20 ? 20.529  -4.814  16.686  1.00 68.50  ? 23  LYS A NZ  1 
ATOM   110  N  N   . SER A 1 21 ? 13.606  -3.850  12.591  1.00 34.65  ? 24  SER A N   1 
ATOM   111  C  CA  . SER A 1 21 ? 13.325  -3.122  11.354  1.00 35.00  ? 24  SER A CA  1 
ATOM   112  C  C   . SER A 1 21 ? 11.849  -3.267  11.001  1.00 40.16  ? 24  SER A C   1 
ATOM   113  O  O   . SER A 1 21 ? 11.480  -4.079  10.140  1.00 40.00  ? 24  SER A O   1 
ATOM   114  C  CB  . SER A 1 21 ? 14.214  -3.622  10.215  1.00 40.78  ? 24  SER A CB  1 
ATOM   115  O  OG  . SER A 1 21 ? 13.861  -3.007  8.990   1.00 54.55  ? 24  SER A OG  1 
ATOM   116  N  N   . PRO A 1 22 ? 10.979  -2.487  11.641  1.00 34.24  ? 25  PRO A N   1 
ATOM   117  C  CA  . PRO A 1 22 ? 9.539   -2.624  11.384  1.00 30.41  ? 25  PRO A CA  1 
ATOM   118  C  C   . PRO A 1 22 ? 9.145   -2.128  10.001  1.00 30.18  ? 25  PRO A C   1 
ATOM   119  O  O   . PRO A 1 22 ? 9.743   -1.203  9.446   1.00 32.86  ? 25  PRO A O   1 
ATOM   120  C  CB  . PRO A 1 22 ? 8.899   -1.759  12.478  1.00 25.18  ? 25  PRO A CB  1 
ATOM   121  C  CG  . PRO A 1 22 ? 9.968   -1.574  13.512  1.00 23.66  ? 25  PRO A CG  1 
ATOM   122  C  CD  . PRO A 1 22 ? 11.253  -1.561  12.751  1.00 34.28  ? 25  PRO A CD  1 
ATOM   123  N  N   . GLY A 1 23 ? 8.117   -2.767  9.446   1.00 27.60  ? 26  GLY A N   1 
ATOM   124  C  CA  . GLY A 1 23 ? 7.474   -2.293  8.238   1.00 28.05  ? 26  GLY A CA  1 
ATOM   125  C  C   . GLY A 1 23 ? 7.986   -2.865  6.937   1.00 28.06  ? 26  GLY A C   1 
ATOM   126  O  O   . GLY A 1 23 ? 7.592   -2.375  5.872   1.00 34.26  ? 26  GLY A O   1 
ATOM   127  N  N   . LEU A 1 24 ? 8.835   -3.886  6.977   1.00 29.28  ? 27  LEU A N   1 
ATOM   128  C  CA  . LEU A 1 24 ? 9.418   -4.412  5.754   1.00 34.04  ? 27  LEU A CA  1 
ATOM   129  C  C   . LEU A 1 24 ? 8.397   -5.225  4.965   1.00 35.12  ? 27  LEU A C   1 
ATOM   130  O  O   . LEU A 1 24 ? 7.368   -5.666  5.484   1.00 29.20  ? 27  LEU A O   1 
ATOM   131  C  CB  . LEU A 1 24 ? 10.644  -5.273  6.062   1.00 31.64  ? 27  LEU A CB  1 
ATOM   132  C  CG  . LEU A 1 24 ? 11.779  -4.542  6.781   1.00 39.17  ? 27  LEU A CG  1 
ATOM   133  C  CD1 . LEU A 1 24 ? 13.024  -5.412  6.865   1.00 38.93  ? 27  LEU A CD1 1 
ATOM   134  C  CD2 . LEU A 1 24 ? 12.084  -3.225  6.085   1.00 40.55  ? 27  LEU A CD2 1 
ATOM   135  N  N   . HIS A 1 25 ? 8.697   -5.416  3.686   1.00 37.64  ? 28  HIS A N   1 
ATOM   136  C  CA  . HIS A 1 25 ? 7.864   -6.224  2.815   1.00 32.63  ? 28  HIS A CA  1 
ATOM   137  C  C   . HIS A 1 25 ? 8.326   -7.677  2.835   1.00 36.82  ? 28  HIS A C   1 
ATOM   138  O  O   . HIS A 1 25 ? 9.372   -8.023  3.391   1.00 36.46  ? 28  HIS A O   1 
ATOM   139  C  CB  . HIS A 1 25 ? 7.887   -5.679  1.387   1.00 39.43  ? 28  HIS A CB  1 
ATOM   140  C  CG  . HIS A 1 25 ? 7.139   -4.394  1.221   1.00 47.05  ? 28  HIS A CG  1 
ATOM   141  N  ND1 . HIS A 1 25 ? 7.314   -3.567  0.132   1.00 51.49  ? 28  HIS A ND1 1 
ATOM   142  C  CD2 . HIS A 1 25 ? 6.208   -3.796  2.002   1.00 41.12  ? 28  HIS A CD2 1 
ATOM   143  C  CE1 . HIS A 1 25 ? 6.525   -2.514  0.251   1.00 57.22  ? 28  HIS A CE1 1 
ATOM   144  N  NE2 . HIS A 1 25 ? 5.843   -2.628  1.377   1.00 51.46  ? 28  HIS A NE2 1 
ATOM   145  N  N   . GLU A 1 26 ? 7.518   -8.532  2.211   1.00 42.95  ? 29  GLU A N   1 
ATOM   146  C  CA  . GLU A 1 26 ? 7.842   -9.951  2.134   1.00 37.93  ? 29  GLU A CA  1 
ATOM   147  C  C   . GLU A 1 26 ? 9.133   -10.176 1.353   1.00 38.62  ? 29  GLU A C   1 
ATOM   148  O  O   . GLU A 1 26 ? 10.011  -10.927 1.790   1.00 42.75  ? 29  GLU A O   1 
ATOM   149  C  CB  . GLU A 1 26 ? 6.672   -10.703 1.498   1.00 36.20  ? 29  GLU A CB  1 
ATOM   150  C  CG  . GLU A 1 26 ? 6.806   -12.209 1.461   1.00 41.77  ? 29  GLU A CG  1 
ATOM   151  C  CD  . GLU A 1 26 ? 5.552   -12.872 0.925   1.00 55.28  ? 29  GLU A CD  1 
ATOM   152  O  OE1 . GLU A 1 26 ? 4.446   -12.486 1.361   1.00 57.95  ? 29  GLU A OE1 1 
ATOM   153  O  OE2 . GLU A 1 26 ? 5.669   -13.765 0.060   1.00 59.52  ? 29  GLU A OE2 1 
ATOM   154  N  N   . ARG A 1 27 ? 9.273   -9.519  0.199   1.00 36.66  ? 30  ARG A N   1 
ATOM   155  C  CA  . ARG A 1 27 ? 10.473  -9.699  -0.611  1.00 40.60  ? 30  ARG A CA  1 
ATOM   156  C  C   . ARG A 1 27 ? 11.678  -8.953  -0.047  1.00 39.47  ? 30  ARG A C   1 
ATOM   157  O  O   . ARG A 1 27 ? 12.817  -9.371  -0.280  1.00 40.82  ? 30  ARG A O   1 
ATOM   158  C  CB  . ARG A 1 27 ? 10.208  -9.272  -2.057  1.00 46.64  ? 30  ARG A CB  1 
ATOM   159  C  CG  . ARG A 1 27 ? 9.451   -7.958  -2.225  1.00 55.92  ? 30  ARG A CG  1 
ATOM   160  C  CD  . ARG A 1 27 ? 10.394  -6.773  -2.340  1.00 55.09  ? 30  ARG A CD  1 
ATOM   161  N  NE  . ARG A 1 27 ? 9.677   -5.542  -2.653  1.00 59.09  ? 30  ARG A NE  1 
ATOM   162  C  CZ  . ARG A 1 27 ? 10.247  -4.343  -2.728  1.00 74.74  ? 30  ARG A CZ  1 
ATOM   163  N  NH1 . ARG A 1 27 ? 11.549  -4.209  -2.508  1.00 65.85  ? 30  ARG A NH1 1 
ATOM   164  N  NH2 . ARG A 1 27 ? 9.515   -3.277  -3.020  1.00 73.70  ? 30  ARG A NH2 1 
ATOM   165  N  N   . GLN A 1 28 ? 11.456  -7.868  0.699   1.00 37.47  ? 31  GLN A N   1 
ATOM   166  C  CA  . GLN A 1 28 ? 12.564  -7.193  1.370   1.00 40.46  ? 31  GLN A CA  1 
ATOM   167  C  C   . GLN A 1 28 ? 13.098  -8.021  2.528   1.00 43.36  ? 31  GLN A C   1 
ATOM   168  O  O   . GLN A 1 28 ? 14.278  -7.910  2.880   1.00 44.14  ? 31  GLN A O   1 
ATOM   169  C  CB  . GLN A 1 28 ? 12.124  -5.817  1.873   1.00 46.35  ? 31  GLN A CB  1 
ATOM   170  C  CG  . GLN A 1 28 ? 11.761  -4.840  0.767   1.00 55.99  ? 31  GLN A CG  1 
ATOM   171  C  CD  . GLN A 1 28 ? 11.304  -3.499  1.309   1.00 62.85  ? 31  GLN A CD  1 
ATOM   172  O  OE1 . GLN A 1 28 ? 11.301  -3.275  2.520   1.00 49.87  ? 31  GLN A OE1 1 
ATOM   173  N  NE2 . GLN A 1 28 ? 10.914  -2.600  0.411   1.00 67.93  ? 31  GLN A NE2 1 
ATOM   174  N  N   . LEU A 1 29 ? 12.245  -8.847  3.133   1.00 40.69  ? 32  LEU A N   1 
ATOM   175  C  CA  . LEU A 1 29 ? 12.688  -9.709  4.221   1.00 38.01  ? 32  LEU A CA  1 
ATOM   176  C  C   . LEU A 1 29 ? 13.532  -10.864 3.694   1.00 33.67  ? 32  LEU A C   1 
ATOM   177  O  O   . LEU A 1 29 ? 14.594  -11.172 4.248   1.00 31.09  ? 32  LEU A O   1 
ATOM   178  C  CB  . LEU A 1 29 ? 11.471  -10.226 4.988   1.00 42.52  ? 32  LEU A CB  1 
ATOM   179  C  CG  . LEU A 1 29 ? 11.499  -10.196 6.515   1.00 40.61  ? 32  LEU A CG  1 
ATOM   180  C  CD1 . LEU A 1 29 ? 11.862  -8.819  7.015   1.00 32.86  ? 32  LEU A CD1 1 
ATOM   181  C  CD2 . LEU A 1 29 ? 10.144  -10.619 7.059   1.00 45.48  ? 32  LEU A CD2 1 
ATOM   182  N  N   . ALA A 1 30 ? 13.075  -11.511 2.618   1.00 33.40  ? 33  ALA A N   1 
ATOM   183  C  CA  . ALA A 1 30 ? 13.812  -12.624 2.030   1.00 38.50  ? 33  ALA A CA  1 
ATOM   184  C  C   . ALA A 1 30 ? 15.135  -12.195 1.408   1.00 49.89  ? 33  ALA A C   1 
ATOM   185  O  O   . ALA A 1 30 ? 16.000  -13.049 1.173   1.00 50.71  ? 33  ALA A O   1 
ATOM   186  C  CB  . ALA A 1 30 ? 12.955  -13.325 0.976   1.00 35.65  ? 33  ALA A CB  1 
ATOM   187  N  N   . LYS A 1 31 ? 15.306  -10.904 1.124   1.00 52.70  ? 34  LYS A N   1 
ATOM   188  C  CA  . LYS A 1 31 ? 16.560  -10.420 0.559   1.00 48.19  ? 34  LYS A CA  1 
ATOM   189  C  C   . LYS A 1 31 ? 17.582  -10.119 1.651   1.00 46.32  ? 34  LYS A C   1 
ATOM   190  O  O   . LYS A 1 31 ? 18.743  -10.528 1.553   1.00 51.95  ? 34  LYS A O   1 
ATOM   191  C  CB  . LYS A 1 31 ? 16.294  -9.183  -0.296  1.00 49.94  ? 34  LYS A CB  1 
ATOM   192  C  CG  . LYS A 1 31 ? 17.534  -8.412  -0.715  1.00 55.71  ? 34  LYS A CG  1 
ATOM   193  C  CD  . LYS A 1 31 ? 17.148  -7.204  -1.556  1.00 61.54  ? 34  LYS A CD  1 
ATOM   194  C  CE  . LYS A 1 31 ? 16.128  -6.331  -0.835  1.00 71.46  ? 34  LYS A CE  1 
ATOM   195  N  NZ  . LYS A 1 31 ? 15.663  -5.188  -1.675  1.00 73.85  ? 34  LYS A NZ  1 
ATOM   196  N  N   . GLU A 1 32 ? 17.159  -9.424  2.705   1.00 41.82  ? 35  GLU A N   1 
ATOM   197  C  CA  . GLU A 1 32 ? 18.039  -9.035  3.800   1.00 43.33  ? 35  GLU A CA  1 
ATOM   198  C  C   . GLU A 1 32 ? 18.382  -10.187 4.735   1.00 44.18  ? 35  GLU A C   1 
ATOM   199  O  O   . GLU A 1 32 ? 19.126  -9.979  5.700   1.00 45.63  ? 35  GLU A O   1 
ATOM   200  C  CB  . GLU A 1 32 ? 17.400  -7.888  4.589   1.00 43.65  ? 35  GLU A CB  1 
ATOM   201  C  CG  . GLU A 1 32 ? 17.190  -6.635  3.748   1.00 57.30  ? 35  GLU A CG  1 
ATOM   202  C  CD  . GLU A 1 32 ? 16.424  -5.552  4.480   1.00 62.31  ? 35  GLU A CD  1 
ATOM   203  O  OE1 . GLU A 1 32 ? 15.745  -4.747  3.807   1.00 58.47  ? 35  GLU A OE1 1 
ATOM   204  O  OE2 . GLU A 1 32 ? 16.505  -5.504  5.727   1.00 58.43  ? 35  GLU A OE2 1 
ATOM   205  N  N   . LEU A 1 33 ? 17.869  -11.391 4.475   1.00 43.87  ? 36  LEU A N   1 
ATOM   206  C  CA  . LEU A 1 33 ? 18.204  -12.563 5.270   1.00 42.53  ? 36  LEU A CA  1 
ATOM   207  C  C   . LEU A 1 33 ? 18.685  -13.734 4.426   1.00 42.70  ? 36  LEU A C   1 
ATOM   208  O  O   . LEU A 1 33 ? 19.049  -14.771 4.991   1.00 45.18  ? 36  LEU A O   1 
ATOM   209  C  CB  . LEU A 1 33 ? 16.998  -13.004 6.114   1.00 42.70  ? 36  LEU A CB  1 
ATOM   210  C  CG  . LEU A 1 33 ? 16.458  -11.980 7.117   1.00 44.92  ? 36  LEU A CG  1 
ATOM   211  C  CD1 . LEU A 1 33 ? 15.156  -12.463 7.733   1.00 37.76  ? 36  LEU A CD1 1 
ATOM   212  C  CD2 . LEU A 1 33 ? 17.488  -11.690 8.201   1.00 46.45  ? 36  LEU A CD2 1 
ATOM   213  N  N   . ASP A 1 34 ? 18.700  -13.594 3.098   1.00 53.82  ? 37  ASP A N   1 
ATOM   214  C  CA  . ASP A 1 34 ? 19.100  -14.664 2.179   1.00 59.06  ? 37  ASP A CA  1 
ATOM   215  C  C   . ASP A 1 34 ? 18.315  -15.944 2.453   1.00 52.38  ? 37  ASP A C   1 
ATOM   216  O  O   . ASP A 1 34 ? 18.864  -17.048 2.485   1.00 55.02  ? 37  ASP A O   1 
ATOM   217  C  CB  . ASP A 1 34 ? 20.608  -14.918 2.243   1.00 62.75  ? 37  ASP A CB  1 
ATOM   218  C  CG  . ASP A 1 34 ? 21.115  -15.714 1.050   1.00 68.45  ? 37  ASP A CG  1 
ATOM   219  O  OD1 . ASP A 1 34 ? 20.503  -15.613 -0.035  1.00 70.02  ? 37  ASP A OD1 1 
ATOM   220  O  OD2 . ASP A 1 34 ? 22.123  -16.439 1.197   1.00 74.88  ? 37  ASP A OD2 1 
ATOM   221  N  N   . VAL A 1 35 ? 17.018  -15.789 2.662   1.00 47.66  ? 38  VAL A N   1 
ATOM   222  C  CA  . VAL A 1 35 ? 16.101  -16.903 2.897   1.00 44.61  ? 38  VAL A CA  1 
ATOM   223  C  C   . VAL A 1 35 ? 15.197  -17.024 1.683   1.00 40.72  ? 38  VAL A C   1 
ATOM   224  O  O   . VAL A 1 35 ? 14.672  -16.009 1.211   1.00 43.73  ? 38  VAL A O   1 
ATOM   225  C  CB  . VAL A 1 35 ? 15.268  -16.696 4.178   1.00 39.74  ? 38  VAL A CB  1 
ATOM   226  C  CG1 . VAL A 1 35 ? 14.311  -17.854 4.383   1.00 37.90  ? 38  VAL A CG1 1 
ATOM   227  C  CG2 . VAL A 1 35 ? 16.183  -16.538 5.380   1.00 38.06  ? 38  VAL A CG2 1 
ATOM   228  N  N   . PRO A 1 36 ? 15.008  -18.223 1.128   1.00 35.90  ? 39  PRO A N   1 
ATOM   229  C  CA  . PRO A 1 36 ? 14.076  -18.372 0.006   1.00 38.97  ? 39  PRO A CA  1 
ATOM   230  C  C   . PRO A 1 36 ? 12.674  -17.932 0.397   1.00 42.75  ? 39  PRO A C   1 
ATOM   231  O  O   . PRO A 1 36 ? 12.248  -18.085 1.545   1.00 36.11  ? 39  PRO A O   1 
ATOM   232  C  CB  . PRO A 1 36 ? 14.129  -19.872 -0.304  1.00 37.83  ? 39  PRO A CB  1 
ATOM   233  C  CG  . PRO A 1 36 ? 15.461  -20.310 0.210   1.00 33.40  ? 39  PRO A CG  1 
ATOM   234  C  CD  . PRO A 1 36 ? 15.718  -19.477 1.431   1.00 33.67  ? 39  PRO A CD  1 
ATOM   235  N  N   . LEU A 1 37 ? 11.958  -17.368 -0.579  1.00 43.90  ? 40  LEU A N   1 
ATOM   236  C  CA  . LEU A 1 37 ? 10.643  -16.800 -0.297  1.00 43.38  ? 40  LEU A CA  1 
ATOM   237  C  C   . LEU A 1 37 ? 9.687   -17.855 0.241   1.00 42.78  ? 40  LEU A C   1 
ATOM   238  O  O   . LEU A 1 37 ? 8.876   -17.570 1.131   1.00 39.00  ? 40  LEU A O   1 
ATOM   239  C  CB  . LEU A 1 37 ? 10.074  -16.147 -1.555  1.00 43.24  ? 40  LEU A CB  1 
ATOM   240  C  CG  . LEU A 1 37 ? 8.870   -15.228 -1.343  1.00 43.85  ? 40  LEU A CG  1 
ATOM   241  C  CD1 . LEU A 1 37 ? 9.252   -14.057 -0.452  1.00 39.29  ? 40  LEU A CD1 1 
ATOM   242  C  CD2 . LEU A 1 37 ? 8.325   -14.738 -2.676  1.00 46.52  ? 40  LEU A CD2 1 
ATOM   243  N  N   . SER A 1 38 ? 9.773   -19.083 -0.276  1.00 41.82  ? 41  SER A N   1 
ATOM   244  C  CA  . SER A 1 38 ? 8.910   -20.152 0.216   1.00 42.55  ? 41  SER A CA  1 
ATOM   245  C  C   . SER A 1 38 ? 9.198   -20.463 1.679   1.00 42.75  ? 41  SER A C   1 
ATOM   246  O  O   . SER A 1 38 ? 8.270   -20.671 2.470   1.00 38.59  ? 41  SER A O   1 
ATOM   247  C  CB  . SER A 1 38 ? 9.078   -21.405 -0.645  1.00 50.75  ? 41  SER A CB  1 
ATOM   248  O  OG  . SER A 1 38 ? 8.558   -21.210 -1.949  1.00 63.18  ? 41  SER A OG  1 
ATOM   249  N  N   . THR A 1 39 ? 10.478  -20.494 2.057   1.00 39.69  ? 42  THR A N   1 
ATOM   250  C  CA  . THR A 1 39 ? 10.835  -20.744 3.451   1.00 34.14  ? 42  THR A CA  1 
ATOM   251  C  C   . THR A 1 39 ? 10.352  -19.617 4.357   1.00 31.42  ? 42  THR A C   1 
ATOM   252  O  O   . THR A 1 39 ? 9.801   -19.872 5.435   1.00 27.98  ? 42  THR A O   1 
ATOM   253  C  CB  . THR A 1 39 ? 12.349  -20.923 3.582   1.00 35.73  ? 42  THR A CB  1 
ATOM   254  O  OG1 . THR A 1 39 ? 12.775  -22.015 2.759   1.00 45.38  ? 42  THR A OG1 1 
ATOM   255  C  CG2 . THR A 1 39 ? 12.739  -21.205 5.030   1.00 28.29  ? 42  THR A CG2 1 
ATOM   256  N  N   . LEU A 1 40 ? 10.541  -18.367 3.929   1.00 27.25  ? 43  LEU A N   1 
ATOM   257  C  CA  . LEU A 1 40 ? 10.160  -17.224 4.754   1.00 32.50  ? 43  LEU A CA  1 
ATOM   258  C  C   . LEU A 1 40 ? 8.652   -17.162 4.967   1.00 34.04  ? 43  LEU A C   1 
ATOM   259  O  O   . LEU A 1 40 ? 8.184   -16.775 6.045   1.00 26.02  ? 43  LEU A O   1 
ATOM   260  C  CB  . LEU A 1 40 ? 10.662  -15.933 4.109   1.00 31.99  ? 43  LEU A CB  1 
ATOM   261  C  CG  . LEU A 1 40 ? 10.057  -14.623 4.612   1.00 33.27  ? 43  LEU A CG  1 
ATOM   262  C  CD1 . LEU A 1 40 ? 10.499  -14.332 6.035   1.00 26.52  ? 43  LEU A CD1 1 
ATOM   263  C  CD2 . LEU A 1 40 ? 10.425  -13.480 3.686   1.00 30.25  ? 43  LEU A CD2 1 
ATOM   264  N  N   . VAL A 1 41 ? 7.874   -17.539 3.951   1.00 30.15  ? 44  VAL A N   1 
ATOM   265  C  CA  . VAL A 1 41 ? 6.421   -17.465 4.061   1.00 28.38  ? 44  VAL A CA  1 
ATOM   266  C  C   . VAL A 1 41 ? 5.907   -18.471 5.086   1.00 33.10  ? 44  VAL A C   1 
ATOM   267  O  O   . VAL A 1 41 ? 4.999   -18.169 5.870   1.00 29.19  ? 44  VAL A O   1 
ATOM   268  C  CB  . VAL A 1 41 ? 5.775   -17.672 2.680   1.00 31.35  ? 44  VAL A CB  1 
ATOM   269  C  CG1 . VAL A 1 41 ? 4.300   -17.998 2.818   1.00 27.00  ? 44  VAL A CG1 1 
ATOM   270  C  CG2 . VAL A 1 41 ? 5.960   -16.428 1.830   1.00 31.36  ? 44  VAL A CG2 1 
ATOM   271  N  N   . TYR A 1 42 ? 6.484   -19.676 5.104   1.00 30.47  ? 45  TYR A N   1 
ATOM   272  C  CA  . TYR A 1 42 ? 6.080   -20.674 6.091   1.00 26.80  ? 45  TYR A CA  1 
ATOM   273  C  C   . TYR A 1 42 ? 6.291   -20.166 7.514   1.00 24.69  ? 45  TYR A C   1 
ATOM   274  O  O   . TYR A 1 42 ? 5.462   -20.415 8.398   1.00 29.49  ? 45  TYR A O   1 
ATOM   275  C  CB  . TYR A 1 42 ? 6.851   -21.978 5.872   1.00 24.67  ? 45  TYR A CB  1 
ATOM   276  C  CG  . TYR A 1 42 ? 6.912   -22.857 7.103   1.00 23.51  ? 45  TYR A CG  1 
ATOM   277  C  CD1 . TYR A 1 42 ? 5.835   -23.652 7.466   1.00 21.42  ? 45  TYR A CD1 1 
ATOM   278  C  CD2 . TYR A 1 42 ? 8.050   -22.889 7.902   1.00 21.09  ? 45  TYR A CD2 1 
ATOM   279  C  CE1 . TYR A 1 42 ? 5.885   -24.453 8.592   1.00 24.01  ? 45  TYR A CE1 1 
ATOM   280  C  CE2 . TYR A 1 42 ? 8.113   -23.688 9.027   1.00 26.04  ? 45  TYR A CE2 1 
ATOM   281  C  CZ  . TYR A 1 42 ? 7.027   -24.468 9.369   1.00 28.30  ? 45  TYR A CZ  1 
ATOM   282  O  OH  . TYR A 1 42 ? 7.085   -25.263 10.491  1.00 23.22  ? 45  TYR A OH  1 
ATOM   283  N  N   . HIS A 1 43 ? 7.393   -19.454 7.757   1.00 25.60  ? 46  HIS A N   1 
ATOM   284  C  CA  . HIS A 1 43 ? 7.655   -18.950 9.100   1.00 21.03  ? 46  HIS A CA  1 
ATOM   285  C  C   . HIS A 1 43 ? 6.804   -17.728 9.419   1.00 22.56  ? 46  HIS A C   1 
ATOM   286  O  O   . HIS A 1 43 ? 6.390   -17.546 10.570  1.00 22.43  ? 46  HIS A O   1 
ATOM   287  C  CB  . HIS A 1 43 ? 9.139   -18.627 9.260   1.00 21.01  ? 46  HIS A CB  1 
ATOM   288  C  CG  . HIS A 1 43 ? 10.018  -19.836 9.257   1.00 20.58  ? 46  HIS A CG  1 
ATOM   289  N  ND1 . HIS A 1 43 ? 10.093  -20.701 10.326  1.00 18.88  ? 46  HIS A ND1 1 
ATOM   290  C  CD2 . HIS A 1 43 ? 10.861  -20.324 8.317   1.00 23.59  ? 46  HIS A CD2 1 
ATOM   291  C  CE1 . HIS A 1 43 ? 10.942  -21.673 10.045  1.00 23.34  ? 46  HIS A CE1 1 
ATOM   292  N  NE2 . HIS A 1 43 ? 11.423  -21.466 8.833   1.00 25.45  ? 46  HIS A NE2 1 
ATOM   293  N  N   . LEU A 1 44 ? 6.552   -16.870 8.427   1.00 20.54  ? 47  LEU A N   1 
ATOM   294  C  CA  . LEU A 1 44 ? 5.667   -15.731 8.648   1.00 24.48  ? 47  LEU A CA  1 
ATOM   295  C  C   . LEU A 1 44 ? 4.267   -16.195 9.022   1.00 25.79  ? 47  LEU A C   1 
ATOM   296  O  O   . LEU A 1 44 ? 3.605   -15.581 9.868   1.00 21.69  ? 47  LEU A O   1 
ATOM   297  C  CB  . LEU A 1 44 ? 5.618   -14.848 7.401   1.00 23.00  ? 47  LEU A CB  1 
ATOM   298  C  CG  . LEU A 1 44 ? 6.857   -14.019 7.056   1.00 26.35  ? 47  LEU A CG  1 
ATOM   299  C  CD1 . LEU A 1 44 ? 6.632   -13.244 5.767   1.00 27.28  ? 47  LEU A CD1 1 
ATOM   300  C  CD2 . LEU A 1 44 ? 7.216   -13.076 8.195   1.00 14.15  ? 47  LEU A CD2 1 
ATOM   301  N  N   . HIS A 1 45 ? 3.799   -17.284 8.405   1.00 25.34  ? 48  HIS A N   1 
ATOM   302  C  CA  . HIS A 1 45 ? 2.476   -17.806 8.728   1.00 20.46  ? 48  HIS A CA  1 
ATOM   303  C  C   . HIS A 1 45 ? 2.421   -18.337 10.156  1.00 19.72  ? 48  HIS A C   1 
ATOM   304  O  O   . HIS A 1 45 ? 1.419   -18.147 10.854  1.00 17.63  ? 48  HIS A O   1 
ATOM   305  C  CB  . HIS A 1 45 ? 2.086   -18.894 7.729   1.00 18.14  ? 48  HIS A CB  1 
ATOM   306  C  CG  . HIS A 1 45 ? 1.717   -18.363 6.380   1.00 23.32  ? 48  HIS A CG  1 
ATOM   307  N  ND1 . HIS A 1 45 ? 1.568   -19.175 5.275   1.00 27.65  ? 48  HIS A ND1 1 
ATOM   308  C  CD2 . HIS A 1 45 ? 1.460   -17.102 5.959   1.00 18.05  ? 48  HIS A CD2 1 
ATOM   309  C  CE1 . HIS A 1 45 ? 1.237   -18.435 4.231   1.00 29.28  ? 48  HIS A CE1 1 
ATOM   310  N  NE2 . HIS A 1 45 ? 1.166   -17.173 4.619   1.00 25.54  ? 48  HIS A NE2 1 
ATOM   311  N  N   . TYR A 1 46 ? 3.485   -19.005 10.606  1.00 21.41  ? 49  TYR A N   1 
ATOM   312  C  CA  . TYR A 1 46 ? 3.548   -19.438 11.998  1.00 22.46  ? 49  TYR A CA  1 
ATOM   313  C  C   . TYR A 1 46 ? 3.499   -18.243 12.941  1.00 15.50  ? 49  TYR A C   1 
ATOM   314  O  O   . TYR A 1 46 ? 2.735   -18.234 13.914  1.00 15.33  ? 49  TYR A O   1 
ATOM   315  C  CB  . TYR A 1 46 ? 4.815   -20.263 12.252  1.00 15.42  ? 49  TYR A CB  1 
ATOM   316  C  CG  . TYR A 1 46 ? 4.972   -20.649 13.706  1.00 14.41  ? 49  TYR A CG  1 
ATOM   317  C  CD1 . TYR A 1 46 ? 5.634   -19.817 14.603  1.00 14.80  ? 49  TYR A CD1 1 
ATOM   318  C  CD2 . TYR A 1 46 ? 4.438   -21.835 14.188  1.00 17.86  ? 49  TYR A CD2 1 
ATOM   319  C  CE1 . TYR A 1 46 ? 5.761   -20.158 15.934  1.00 13.69  ? 49  TYR A CE1 1 
ATOM   320  C  CE2 . TYR A 1 46 ? 4.565   -22.185 15.517  1.00 17.77  ? 49  TYR A CE2 1 
ATOM   321  C  CZ  . TYR A 1 46 ? 5.225   -21.345 16.385  1.00 15.44  ? 49  TYR A CZ  1 
ATOM   322  O  OH  . TYR A 1 46 ? 5.351   -21.695 17.711  1.00 22.31  ? 49  TYR A OH  1 
ATOM   323  N  N   . LEU A 1 47 ? 4.322   -17.226 12.673  1.00 16.67  ? 50  LEU A N   1 
ATOM   324  C  CA  . LEU A 1 47 ? 4.385   -16.062 13.552  1.00 22.46  ? 50  LEU A CA  1 
ATOM   325  C  C   . LEU A 1 47 ? 3.078   -15.281 13.558  1.00 17.93  ? 50  LEU A C   1 
ATOM   326  O  O   . LEU A 1 47 ? 2.732   -14.665 14.572  1.00 20.19  ? 50  LEU A O   1 
ATOM   327  C  CB  . LEU A 1 47 ? 5.549   -15.163 13.136  1.00 15.94  ? 50  LEU A CB  1 
ATOM   328  C  CG  . LEU A 1 47 ? 6.932   -15.794 13.305  1.00 15.62  ? 50  LEU A CG  1 
ATOM   329  C  CD1 . LEU A 1 47 ? 7.992   -14.930 12.647  1.00 25.18  ? 50  LEU A CD1 1 
ATOM   330  C  CD2 . LEU A 1 47 ? 7.250   -15.999 14.779  1.00 14.53  ? 50  LEU A CD2 1 
ATOM   331  N  N   . GLU A 1 48 ? 2.341   -15.290 12.445  1.00 16.37  ? 51  GLU A N   1 
ATOM   332  C  CA  . GLU A 1 48 ? 1.014   -14.682 12.439  1.00 20.66  ? 51  GLU A CA  1 
ATOM   333  C  C   . GLU A 1 48 ? 0.014   -15.535 13.207  1.00 22.45  ? 51  GLU A C   1 
ATOM   334  O  O   . GLU A 1 48 ? -0.818  -15.006 13.955  1.00 20.93  ? 51  GLU A O   1 
ATOM   335  C  CB  . GLU A 1 48 ? 0.540   -14.473 11.004  1.00 20.59  ? 51  GLU A CB  1 
ATOM   336  C  CG  . GLU A 1 48 ? 1.257   -13.361 10.279  1.00 25.45  ? 51  GLU A CG  1 
ATOM   337  C  CD  . GLU A 1 48 ? 0.994   -13.385 8.791   1.00 44.33  ? 51  GLU A CD  1 
ATOM   338  O  OE1 . GLU A 1 48 ? 0.636   -14.461 8.267   1.00 36.95  ? 51  GLU A OE1 1 
ATOM   339  O  OE2 . GLU A 1 48 ? 1.142   -12.326 8.147   1.00 59.24  ? 51  GLU A OE2 1 
ATOM   340  N  N   . ARG A 1 49 ? 0.082   -16.857 13.033  1.00 14.71  ? 52  ARG A N   1 
ATOM   341  C  CA  . ARG A 1 49 ? -0.851  -17.745 13.712  1.00 16.02  ? 52  ARG A CA  1 
ATOM   342  C  C   . ARG A 1 49 ? -0.682  -17.683 15.224  1.00 18.97  ? 52  ARG A C   1 
ATOM   343  O  O   . ARG A 1 49 ? -1.654  -17.874 15.965  1.00 21.04  ? 52  ARG A O   1 
ATOM   344  C  CB  . ARG A 1 49 ? -0.667  -19.175 13.206  1.00 20.83  ? 52  ARG A CB  1 
ATOM   345  C  CG  . ARG A 1 49 ? -1.828  -20.096 13.507  1.00 22.81  ? 52  ARG A CG  1 
ATOM   346  C  CD  . ARG A 1 49 ? -1.738  -21.390 12.709  1.00 24.23  ? 52  ARG A CD  1 
ATOM   347  N  NE  . ARG A 1 49 ? -0.570  -22.190 13.070  1.00 30.88  ? 52  ARG A NE  1 
ATOM   348  C  CZ  . ARG A 1 49 ? 0.503   -22.348 12.299  1.00 25.59  ? 52  ARG A CZ  1 
ATOM   349  N  NH1 . ARG A 1 49 ? 0.563   -21.763 11.111  1.00 20.84  ? 52  ARG A NH1 1 
ATOM   350  N  NH2 . ARG A 1 49 ? 1.515   -23.098 12.717  1.00 21.65  ? 52  ARG A NH2 1 
ATOM   351  N  N   . ARG A 1 50 ? 0.531   -17.413 15.700  1.00 19.57  ? 53  ARG A N   1 
ATOM   352  C  CA  . ARG A 1 50 ? 0.785   -17.217 17.120  1.00 19.78  ? 53  ARG A CA  1 
ATOM   353  C  C   . ARG A 1 50 ? 0.610   -15.768 17.549  1.00 25.11  ? 53  ARG A C   1 
ATOM   354  O  O   . ARG A 1 50 ? 0.851   -15.452 18.718  1.00 27.54  ? 53  ARG A O   1 
ATOM   355  C  CB  . ARG A 1 50 ? 2.200   -17.692 17.477  1.00 24.67  ? 53  ARG A CB  1 
ATOM   356  C  CG  . ARG A 1 50 ? 2.523   -19.109 17.013  1.00 24.98  ? 53  ARG A CG  1 
ATOM   357  C  CD  . ARG A 1 50 ? 2.277   -20.166 18.093  1.00 23.67  ? 53  ARG A CD  1 
ATOM   358  N  NE  . ARG A 1 50 ? 0.875   -20.290 18.478  1.00 22.32  ? 53  ARG A NE  1 
ATOM   359  C  CZ  . ARG A 1 50 ? 0.390   -19.931 19.663  1.00 29.83  ? 53  ARG A CZ  1 
ATOM   360  N  NH1 . ARG A 1 50 ? -0.900  -20.080 19.927  1.00 36.76  ? 53  ARG A NH1 1 
ATOM   361  N  NH2 . ARG A 1 50 ? 1.195   -19.426 20.588  1.00 26.00  ? 53  ARG A NH2 1 
ATOM   362  N  N   . GLU A 1 51 ? 0.208   -14.887 16.627  1.00 26.25  ? 54  GLU A N   1 
ATOM   363  C  CA  . GLU A 1 51 ? -0.037  -13.470 16.910  1.00 25.83  ? 54  GLU A CA  1 
ATOM   364  C  C   . GLU A 1 51 ? 1.207   -12.767 17.447  1.00 24.43  ? 54  GLU A C   1 
ATOM   365  O  O   . GLU A 1 51 ? 1.111   -11.845 18.261  1.00 29.00  ? 54  GLU A O   1 
ATOM   366  C  CB  . GLU A 1 51 ? -1.215  -13.287 17.872  1.00 26.34  ? 54  GLU A CB  1 
ATOM   367  C  CG  . GLU A 1 51 ? -2.568  -13.568 17.237  1.00 28.70  ? 54  GLU A CG  1 
ATOM   368  C  CD  . GLU A 1 51 ? -3.716  -13.432 18.216  1.00 38.01  ? 54  GLU A CD  1 
ATOM   369  O  OE1 . GLU A 1 51 ? -3.508  -13.681 19.420  1.00 51.02  ? 54  GLU A OE1 1 
ATOM   370  O  OE2 . GLU A 1 51 ? -4.827  -13.070 17.778  1.00 52.27  ? 54  GLU A OE2 1 
ATOM   371  N  N   . LEU A 1 52 ? 2.382   -13.198 16.996  1.00 23.22  ? 55  LEU A N   1 
ATOM   372  C  CA  . LEU A 1 52 ? 3.626   -12.525 17.350  1.00 24.87  ? 55  LEU A CA  1 
ATOM   373  C  C   . LEU A 1 52 ? 4.003   -11.441 16.352  1.00 26.67  ? 55  LEU A C   1 
ATOM   374  O  O   . LEU A 1 52 ? 4.711   -10.493 16.713  1.00 21.16  ? 55  LEU A O   1 
ATOM   375  C  CB  . LEU A 1 52 ? 4.762   -13.544 17.458  1.00 26.00  ? 55  LEU A CB  1 
ATOM   376  C  CG  . LEU A 1 52 ? 4.577   -14.584 18.562  1.00 18.98  ? 55  LEU A CG  1 
ATOM   377  C  CD1 . LEU A 1 52 ? 5.573   -15.719 18.403  1.00 19.19  ? 55  LEU A CD1 1 
ATOM   378  C  CD2 . LEU A 1 52 ? 4.715   -13.927 19.927  1.00 20.11  ? 55  LEU A CD2 1 
ATOM   379  N  N   . ILE A 1 53 ? 3.553   -11.565 15.106  1.00 25.14  ? 56  ILE A N   1 
ATOM   380  C  CA  . ILE A 1 53 ? 3.721   -10.525 14.105  1.00 29.44  ? 56  ILE A CA  1 
ATOM   381  C  C   . ILE A 1 53 ? 2.363   -10.228 13.497  1.00 24.23  ? 56  ILE A C   1 
ATOM   382  O  O   . ILE A 1 53 ? 1.453   -11.065 13.511  1.00 27.28  ? 56  ILE A O   1 
ATOM   383  C  CB  . ILE A 1 53 ? 4.734   -10.913 13.002  1.00 23.00  ? 56  ILE A CB  1 
ATOM   384  C  CG1 . ILE A 1 53 ? 4.146   -11.990 12.092  1.00 21.02  ? 56  ILE A CG1 1 
ATOM   385  C  CG2 . ILE A 1 53 ? 6.047   -11.377 13.613  1.00 22.11  ? 56  ILE A CG2 1 
ATOM   386  C  CD1 . ILE A 1 53 ? 4.999   -12.301 10.889  1.00 17.46  ? 56  ILE A CD1 1 
HETATM 387  N  N   . MSE A 1 54 ? 2.228   -9.023  12.960  1.00 31.26  ? 57  MSE A N   1 
HETATM 388  C  CA  . MSE A 1 54 ? 1.002   -8.634  12.281  1.00 34.28  ? 57  MSE A CA  1 
HETATM 389  C  C   . MSE A 1 54 ? 1.297   -8.051  10.904  1.00 34.10  ? 57  MSE A C   1 
HETATM 390  O  O   . MSE A 1 54 ? 2.437   -8.060  10.441  1.00 36.57  ? 57  MSE A O   1 
HETATM 391  C  CB  . MSE A 1 54 ? 0.212   -7.636  13.124  1.00 30.25  ? 57  MSE A CB  1 
HETATM 392  C  CG  . MSE A 1 54 ? 1.034   -6.479  13.641  1.00 38.60  ? 57  MSE A CG  1 
HETATM 393  SE SE  . MSE A 1 54 ? -0.102  -5.013  14.223  1.00 119.31 ? 57  MSE A SE  1 
HETATM 394  C  CE  . MSE A 1 54 ? -0.882  -4.554  12.499  1.00 38.33  ? 57  MSE A CE  1 
HETATM 395  N  N   . MSE A 1 55 ? 0.261   -7.525  10.266  1.00 39.46  ? 58  MSE A N   1 
HETATM 396  C  CA  . MSE A 1 55 ? 0.299   -7.259  8.838   1.00 33.89  ? 58  MSE A CA  1 
HETATM 397  C  C   . MSE A 1 55 ? -0.540  -6.032  8.489   1.00 40.19  ? 58  MSE A C   1 
HETATM 398  O  O   . MSE A 1 55 ? -1.735  -5.987  8.784   1.00 48.35  ? 58  MSE A O   1 
HETATM 399  C  CB  . MSE A 1 55 ? -0.199  -8.500  8.093   1.00 42.24  ? 58  MSE A CB  1 
HETATM 400  C  CG  . MSE A 1 55 ? 0.130   -8.590  6.615   1.00 50.53  ? 58  MSE A CG  1 
HETATM 401  SE SE  . MSE A 1 55 ? -0.165  -10.427 6.000   1.00 91.32  ? 58  MSE A SE  1 
HETATM 402  C  CE  . MSE A 1 55 ? -0.273  -10.167 4.071   1.00 65.73  ? 58  MSE A CE  1 
ATOM   403  N  N   . LYS A 1 56 ? 0.097   -5.034  7.877   1.00 40.60  ? 59  LYS A N   1 
ATOM   404  C  CA  . LYS A 1 56 ? -0.568  -3.806  7.468   1.00 34.12  ? 59  LYS A CA  1 
ATOM   405  C  C   . LYS A 1 56 ? -0.464  -3.645  5.959   1.00 37.47  ? 59  LYS A C   1 
ATOM   406  O  O   . LYS A 1 56 ? 0.537   -4.025  5.345   1.00 33.14  ? 59  LYS A O   1 
ATOM   407  C  CB  . LYS A 1 56 ? 0.037   -2.575  8.154   1.00 30.58  ? 59  LYS A CB  1 
ATOM   408  C  CG  . LYS A 1 56 ? -0.220  -2.492  9.648   1.00 36.55  ? 59  LYS A CG  1 
ATOM   409  C  CD  . LYS A 1 56 ? 0.411   -1.241  10.241  1.00 37.54  ? 59  LYS A CD  1 
ATOM   410  C  CE  . LYS A 1 56 ? 0.407   -1.279  11.763  1.00 34.58  ? 59  LYS A CE  1 
ATOM   411  N  NZ  . LYS A 1 56 ? 1.178   -0.146  12.351  1.00 38.32  ? 59  LYS A NZ  1 
ATOM   412  N  N   . SER A 1 57 ? -1.511  -3.084  5.365   1.00 43.09  ? 60  SER A N   1 
ATOM   413  C  CA  . SER A 1 57 ? -1.510  -2.788  3.941   1.00 37.25  ? 60  SER A CA  1 
ATOM   414  C  C   . SER A 1 57 ? -0.703  -1.528  3.666   1.00 34.94  ? 60  SER A C   1 
ATOM   415  O  O   . SER A 1 57 ? -0.732  -0.571  4.446   1.00 41.10  ? 60  SER A O   1 
ATOM   416  C  CB  . SER A 1 57 ? -2.939  -2.616  3.426   1.00 36.54  ? 60  SER A CB  1 
ATOM   417  O  OG  . SER A 1 57 ? -3.594  -3.867  3.329   1.00 40.77  ? 60  SER A OG  1 
ATOM   418  N  N   . ASP A 1 58 ? 0.019   -1.532  2.550   1.00 36.84  ? 61  ASP A N   1 
ATOM   419  C  CA  . ASP A 1 58 ? 0.860   -0.408  2.157   1.00 36.46  ? 61  ASP A CA  1 
ATOM   420  C  C   . ASP A 1 58 ? 0.059   0.491   1.222   1.00 32.85  ? 61  ASP A C   1 
ATOM   421  O  O   . ASP A 1 58 ? -0.245  0.104   0.089   1.00 31.76  ? 61  ASP A O   1 
ATOM   422  C  CB  . ASP A 1 58 ? 2.136   -0.911  1.485   1.00 42.28  ? 61  ASP A CB  1 
ATOM   423  C  CG  . ASP A 1 58 ? 3.243   0.126   1.476   1.00 48.32  ? 61  ASP A CG  1 
ATOM   424  O  OD1 . ASP A 1 58 ? 2.968   1.302   1.796   1.00 46.57  ? 61  ASP A OD1 1 
ATOM   425  O  OD2 . ASP A 1 58 ? 4.390   -0.239  1.143   1.00 48.62  ? 61  ASP A OD2 1 
ATOM   426  N  N   . GLU A 1 59 ? -0.292  1.692   1.701   1.00 35.13  ? 62  GLU A N   1 
ATOM   427  C  CA  . GLU A 1 59 ? -1.020  2.641   0.862   1.00 37.44  ? 62  GLU A CA  1 
ATOM   428  C  C   . GLU A 1 59 ? -0.235  2.997   -0.392  1.00 43.21  ? 62  GLU A C   1 
ATOM   429  O  O   . GLU A 1 59 ? -0.831  3.323   -1.426  1.00 46.01  ? 62  GLU A O   1 
ATOM   430  C  CB  . GLU A 1 59 ? -1.349  3.913   1.649   1.00 38.98  ? 62  GLU A CB  1 
ATOM   431  C  CG  . GLU A 1 59 ? -2.354  3.721   2.773   1.00 48.48  ? 62  GLU A CG  1 
ATOM   432  C  CD  . GLU A 1 59 ? -1.692  3.498   4.119   1.00 60.91  ? 62  GLU A CD  1 
ATOM   433  O  OE1 . GLU A 1 59 ? -1.780  4.399   4.981   1.00 52.61  ? 62  GLU A OE1 1 
ATOM   434  O  OE2 . GLU A 1 59 ? -1.079  2.425   4.314   1.00 57.14  ? 62  GLU A OE2 1 
ATOM   435  N  N   . ARG A 1 60 ? 1.096   2.935   -0.323  1.00 39.82  ? 63  ARG A N   1 
ATOM   436  C  CA  . ARG A 1 60 ? 1.929   3.267   -1.472  1.00 39.03  ? 63  ARG A CA  1 
ATOM   437  C  C   . ARG A 1 60 ? 1.702   2.324   -2.646  1.00 41.70  ? 63  ARG A C   1 
ATOM   438  O  O   . ARG A 1 60 ? 2.060   2.667   -3.779  1.00 47.60  ? 63  ARG A O   1 
ATOM   439  C  CB  . ARG A 1 60 ? 3.404   3.246   -1.063  1.00 44.51  ? 63  ARG A CB  1 
ATOM   440  C  CG  . ARG A 1 60 ? 3.704   4.032   0.203   1.00 45.89  ? 63  ARG A CG  1 
ATOM   441  C  CD  . ARG A 1 60 ? 5.049   3.637   0.797   1.00 56.96  ? 63  ARG A CD  1 
ATOM   442  N  NE  . ARG A 1 60 ? 5.229   4.177   2.143   1.00 64.53  ? 63  ARG A NE  1 
ATOM   443  C  CZ  . ARG A 1 60 ? 5.878   5.305   2.417   1.00 77.23  ? 63  ARG A CZ  1 
ATOM   444  N  NH1 . ARG A 1 60 ? 6.420   6.017   1.437   1.00 75.11  ? 63  ARG A NH1 1 
ATOM   445  N  NH2 . ARG A 1 60 ? 5.989   5.719   3.672   1.00 66.19  ? 63  ARG A NH2 1 
ATOM   446  N  N   . TYR A 1 61 ? 1.117   1.149   -2.410  1.00 40.33  ? 64  TYR A N   1 
ATOM   447  C  CA  . TYR A 1 61 ? 0.914   0.159   -3.460  1.00 40.29  ? 64  TYR A CA  1 
ATOM   448  C  C   . TYR A 1 61 ? -0.554  -0.157  -3.705  1.00 30.38  ? 64  TYR A C   1 
ATOM   449  O  O   . TYR A 1 61 ? -0.858  -1.064  -4.490  1.00 33.61  ? 64  TYR A O   1 
ATOM   450  C  CB  . TYR A 1 61 ? 1.685   -1.124  -3.135  1.00 41.22  ? 64  TYR A CB  1 
ATOM   451  C  CG  . TYR A 1 61 ? 3.181   -0.942  -3.207  1.00 41.62  ? 64  TYR A CG  1 
ATOM   452  C  CD1 . TYR A 1 61 ? 3.901   -0.508  -2.101  1.00 38.55  ? 64  TYR A CD1 1 
ATOM   453  C  CD2 . TYR A 1 61 ? 3.872   -1.184  -4.387  1.00 40.79  ? 64  TYR A CD2 1 
ATOM   454  C  CE1 . TYR A 1 61 ? 5.269   -0.331  -2.164  1.00 49.94  ? 64  TYR A CE1 1 
ATOM   455  C  CE2 . TYR A 1 61 ? 5.241   -1.010  -4.462  1.00 45.07  ? 64  TYR A CE2 1 
ATOM   456  C  CZ  . TYR A 1 61 ? 5.935   -0.584  -3.348  1.00 56.05  ? 64  TYR A CZ  1 
ATOM   457  O  OH  . TYR A 1 61 ? 7.298   -0.409  -3.418  1.00 60.49  ? 64  TYR A OH  1 
ATOM   458  N  N   . ALA A 1 62 ? -1.471  0.562   -3.066  1.00 29.97  ? 65  ALA A N   1 
ATOM   459  C  CA  . ALA A 1 62 ? -2.883  0.409   -3.382  1.00 36.41  ? 65  ALA A CA  1 
ATOM   460  C  C   . ALA A 1 62 ? -3.168  0.907   -4.795  1.00 34.60  ? 65  ALA A C   1 
ATOM   461  O  O   . ALA A 1 62 ? -2.486  1.795   -5.316  1.00 35.23  ? 65  ALA A O   1 
ATOM   462  C  CB  . ALA A 1 62 ? -3.743  1.168   -2.375  1.00 30.00  ? 65  ALA A CB  1 
ATOM   463  N  N   . ARG A 1 63 ? -4.188  0.322   -5.417  1.00 34.00  ? 66  ARG A N   1 
ATOM   464  C  CA  . ARG A 1 63 ? -4.548  0.623   -6.796  1.00 30.98  ? 66  ARG A CA  1 
ATOM   465  C  C   . ARG A 1 63 ? -5.978  1.147   -6.854  1.00 33.20  ? 66  ARG A C   1 
ATOM   466  O  O   . ARG A 1 63 ? -6.842  0.732   -6.074  1.00 32.94  ? 66  ARG A O   1 
ATOM   467  C  CB  . ARG A 1 63 ? -4.388  -0.617  -7.679  1.00 25.03  ? 66  ARG A CB  1 
ATOM   468  C  CG  . ARG A 1 63 ? -3.115  -1.390  -7.378  1.00 33.13  ? 66  ARG A CG  1 
ATOM   469  C  CD  . ARG A 1 63 ? -2.974  -2.627  -8.241  1.00 28.61  ? 66  ARG A CD  1 
ATOM   470  N  NE  . ARG A 1 63 ? -2.642  -2.294  -9.620  1.00 31.35  ? 66  ARG A NE  1 
ATOM   471  C  CZ  . ARG A 1 63 ? -2.381  -3.195  -10.560 1.00 51.45  ? 66  ARG A CZ  1 
ATOM   472  N  NH1 . ARG A 1 63 ? -2.412  -4.489  -10.267 1.00 64.99  ? 66  ARG A NH1 1 
ATOM   473  N  NH2 . ARG A 1 63 ? -2.088  -2.806  -11.793 1.00 64.85  ? 66  ARG A NH2 1 
ATOM   474  N  N   . TYR A 1 64 ? -6.223  2.065   -7.787  1.00 25.90  ? 67  TYR A N   1 
ATOM   475  C  CA  . TYR A 1 64 ? -7.456  2.839   -7.822  1.00 30.74  ? 67  TYR A CA  1 
ATOM   476  C  C   . TYR A 1 64 ? -8.227  2.578   -9.107  1.00 31.84  ? 67  TYR A C   1 
ATOM   477  O  O   . TYR A 1 64 ? -7.650  2.551   -10.200 1.00 29.18  ? 67  TYR A O   1 
ATOM   478  C  CB  . TYR A 1 64 ? -7.165  4.339   -7.675  1.00 28.06  ? 67  TYR A CB  1 
ATOM   479  C  CG  . TYR A 1 64 ? -6.589  4.688   -6.324  1.00 25.14  ? 67  TYR A CG  1 
ATOM   480  C  CD1 . TYR A 1 64 ? -5.222  4.608   -6.090  1.00 23.57  ? 67  TYR A CD1 1 
ATOM   481  C  CD2 . TYR A 1 64 ? -7.413  5.073   -5.275  1.00 23.16  ? 67  TYR A CD2 1 
ATOM   482  C  CE1 . TYR A 1 64 ? -4.691  4.912   -4.855  1.00 23.53  ? 67  TYR A CE1 1 
ATOM   483  C  CE2 . TYR A 1 64 ? -6.891  5.380   -4.034  1.00 25.30  ? 67  TYR A CE2 1 
ATOM   484  C  CZ  . TYR A 1 64 ? -5.528  5.297   -3.830  1.00 26.46  ? 67  TYR A CZ  1 
ATOM   485  O  OH  . TYR A 1 64 ? -4.998  5.602   -2.599  1.00 31.68  ? 67  TYR A OH  1 
ATOM   486  N  N   . TYR A 1 65 ? -9.539  2.399   -8.963  1.00 27.55  ? 68  TYR A N   1 
ATOM   487  C  CA  . TYR A 1 65 ? -10.422 2.117   -10.082 1.00 30.44  ? 68  TYR A CA  1 
ATOM   488  C  C   . TYR A 1 65 ? -11.688 2.945   -9.941  1.00 28.08  ? 68  TYR A C   1 
ATOM   489  O  O   . TYR A 1 65 ? -12.142 3.231   -8.830  1.00 26.39  ? 68  TYR A O   1 
ATOM   490  C  CB  . TYR A 1 65 ? -10.794 0.629   -10.154 1.00 27.58  ? 68  TYR A CB  1 
ATOM   491  C  CG  . TYR A 1 65 ? -9.610  -0.302  -10.180 1.00 28.18  ? 68  TYR A CG  1 
ATOM   492  C  CD1 . TYR A 1 65 ? -9.031  -0.751  -8.999  1.00 32.62  ? 68  TYR A CD1 1 
ATOM   493  C  CD2 . TYR A 1 65 ? -9.072  -0.739  -11.382 1.00 26.50  ? 68  TYR A CD2 1 
ATOM   494  C  CE1 . TYR A 1 65 ? -7.943  -1.606  -9.020  1.00 34.21  ? 68  TYR A CE1 1 
ATOM   495  C  CE2 . TYR A 1 65 ? -7.989  -1.596  -11.411 1.00 28.68  ? 68  TYR A CE2 1 
ATOM   496  C  CZ  . TYR A 1 65 ? -7.428  -2.024  -10.227 1.00 23.55  ? 68  TYR A CZ  1 
ATOM   497  O  OH  . TYR A 1 65 ? -6.349  -2.875  -10.251 1.00 33.85  ? 68  TYR A OH  1 
ATOM   498  N  N   . ALA A 1 66 ? -12.256 3.326   -11.080 1.00 29.95  ? 69  ALA A N   1 
ATOM   499  C  CA  . ALA A 1 66 ? -13.560 3.972   -11.075 1.00 38.01  ? 69  ALA A CA  1 
ATOM   500  C  C   . ALA A 1 66 ? -14.650 2.948   -10.783 1.00 39.33  ? 69  ALA A C   1 
ATOM   501  O  O   . ALA A 1 66 ? -14.591 1.803   -11.246 1.00 38.81  ? 69  ALA A O   1 
ATOM   502  C  CB  . ALA A 1 66 ? -13.823 4.660   -12.414 1.00 22.75  ? 69  ALA A CB  1 
ATOM   503  N  N   . THR A 1 67 ? -15.643 3.360   -10.002 1.00 41.21  ? 70  THR A N   1 
ATOM   504  C  CA  . THR A 1 67 ? -16.763 2.490   -9.684  1.00 44.23  ? 70  THR A CA  1 
ATOM   505  C  C   . THR A 1 67 ? -17.758 2.457   -10.842 1.00 42.13  ? 70  THR A C   1 
ATOM   506  O  O   . THR A 1 67 ? -17.831 3.376   -11.663 1.00 38.45  ? 70  THR A O   1 
ATOM   507  C  CB  . THR A 1 67 ? -17.453 2.954   -8.402  1.00 38.19  ? 70  THR A CB  1 
ATOM   508  O  OG1 . THR A 1 67 ? -17.818 4.334   -8.529  1.00 36.54  ? 70  THR A OG1 1 
ATOM   509  C  CG2 . THR A 1 67 ? -16.522 2.793   -7.209  1.00 32.08  ? 70  THR A CG2 1 
ATOM   510  N  N   . LYS A 1 68 ? -18.527 1.373   -10.904 1.00 58.21  ? 71  LYS A N   1 
ATOM   511  C  CA  . LYS A 1 68 ? -19.492 1.177   -11.984 1.00 55.76  ? 71  LYS A CA  1 
ATOM   512  C  C   . LYS A 1 68 ? -20.632 2.187   -11.906 1.00 55.41  ? 71  LYS A C   1 
ATOM   513  O  O   . LYS A 1 68 ? -21.462 2.271   -12.813 1.00 58.73  ? 71  LYS A O   1 
ATOM   514  C  CB  . LYS A 1 68 ? -20.052 -0.247  -11.950 1.00 45.23  ? 71  LYS A CB  1 
ATOM   515  N  N   . ASN B 1 2  ? -18.718 25.570  -1.441  1.00 58.89  ? 5   ASN B N   1 
ATOM   516  C  CA  . ASN B 1 2  ? -17.595 26.365  -1.921  1.00 59.51  ? 5   ASN B CA  1 
ATOM   517  C  C   . ASN B 1 2  ? -16.418 25.470  -2.272  1.00 64.60  ? 5   ASN B C   1 
ATOM   518  O  O   . ASN B 1 2  ? -16.006 24.616  -1.484  1.00 69.87  ? 5   ASN B O   1 
ATOM   519  C  CB  . ASN B 1 2  ? -17.185 27.401  -0.885  1.00 54.11  ? 5   ASN B CB  1 
ATOM   520  N  N   . ALA B 1 3  ? -15.886 25.678  -3.473  1.00 55.12  ? 6   ALA B N   1 
ATOM   521  C  CA  . ALA B 1 3  ? -14.720 24.941  -3.949  1.00 47.90  ? 6   ALA B CA  1 
ATOM   522  C  C   . ALA B 1 3  ? -14.105 25.720  -5.099  1.00 43.65  ? 6   ALA B C   1 
ATOM   523  O  O   . ALA B 1 3  ? -14.794 26.016  -6.081  1.00 50.35  ? 6   ALA B O   1 
ATOM   524  C  CB  . ALA B 1 3  ? -15.103 23.530  -4.388  1.00 41.36  ? 6   ALA B CB  1 
ATOM   525  N  N   . ASP B 1 4  ? -12.822 26.050  -4.978  1.00 37.81  ? 7   ASP B N   1 
ATOM   526  C  CA  . ASP B 1 4  ? -12.157 26.855  -5.992  1.00 43.51  ? 7   ASP B CA  1 
ATOM   527  C  C   . ASP B 1 4  ? -12.183 26.159  -7.349  1.00 34.72  ? 7   ASP B C   1 
ATOM   528  O  O   . ASP B 1 4  ? -12.421 24.953  -7.462  1.00 26.61  ? 7   ASP B O   1 
ATOM   529  C  CB  . ASP B 1 4  ? -10.707 27.135  -5.598  1.00 41.92  ? 7   ASP B CB  1 
ATOM   530  C  CG  . ASP B 1 4  ? -10.584 28.217  -4.550  1.00 62.45  ? 7   ASP B CG  1 
ATOM   531  O  OD1 . ASP B 1 4  ? -11.563 28.968  -4.344  1.00 73.41  ? 7   ASP B OD1 1 
ATOM   532  O  OD2 . ASP B 1 4  ? -9.501  28.323  -3.937  1.00 75.19  ? 7   ASP B OD2 1 
ATOM   533  N  N   . ALA B 1 5  ? -11.942 26.952  -8.395  1.00 30.49  ? 8   ALA B N   1 
ATOM   534  C  CA  . ALA B 1 5  ? -11.721 26.379  -9.715  1.00 24.23  ? 8   ALA B CA  1 
ATOM   535  C  C   . ALA B 1 5  ? -10.528 25.437  -9.709  1.00 25.08  ? 8   ALA B C   1 
ATOM   536  O  O   . ALA B 1 5  ? -10.513 24.451  -10.452 1.00 22.79  ? 8   ALA B O   1 
ATOM   537  C  CB  . ALA B 1 5  ? -11.516 27.489  -10.742 1.00 15.97  ? 8   ALA B CB  1 
ATOM   538  N  N   . LEU B 1 6  ? -9.523  25.722  -8.874  1.00 22.93  ? 9   LEU B N   1 
ATOM   539  C  CA  . LEU B 1 6  ? -8.359  24.847  -8.784  1.00 24.07  ? 9   LEU B CA  1 
ATOM   540  C  C   . LEU B 1 6  ? -8.721  23.508  -8.154  1.00 26.54  ? 9   LEU B C   1 
ATOM   541  O  O   . LEU B 1 6  ? -8.273  22.455  -8.623  1.00 30.23  ? 9   LEU B O   1 
ATOM   542  C  CB  . LEU B 1 6  ? -7.247  25.532  -7.988  1.00 19.39  ? 9   LEU B CB  1 
ATOM   543  C  CG  . LEU B 1 6  ? -6.042  24.670  -7.607  1.00 21.59  ? 9   LEU B CG  1 
ATOM   544  C  CD1 . LEU B 1 6  ? -5.374  24.080  -8.836  1.00 21.93  ? 9   LEU B CD1 1 
ATOM   545  C  CD2 . LEU B 1 6  ? -5.042  25.476  -6.789  1.00 24.02  ? 9   LEU B CD2 1 
ATOM   546  N  N   . GLU B 1 7  ? -9.533  23.525  -7.093  1.00 25.33  ? 10  GLU B N   1 
ATOM   547  C  CA  . GLU B 1 7  ? -9.929  22.271  -6.460  1.00 26.44  ? 10  GLU B CA  1 
ATOM   548  C  C   . GLU B 1 7  ? -10.806 21.436  -7.386  1.00 27.13  ? 10  GLU B C   1 
ATOM   549  O  O   . GLU B 1 7  ? -10.596 20.225  -7.520  1.00 26.38  ? 10  GLU B O   1 
ATOM   550  C  CB  . GLU B 1 7  ? -10.647 22.543  -5.139  1.00 33.69  ? 10  GLU B CB  1 
ATOM   551  C  CG  . GLU B 1 7  ? -11.017 21.275  -4.379  1.00 30.69  ? 10  GLU B CG  1 
ATOM   552  C  CD  . GLU B 1 7  ? -11.673 21.556  -3.042  1.00 44.09  ? 10  GLU B CD  1 
ATOM   553  O  OE1 . GLU B 1 7  ? -11.655 22.724  -2.601  1.00 58.07  ? 10  GLU B OE1 1 
ATOM   554  O  OE2 . GLU B 1 7  ? -12.210 20.605  -2.434  1.00 47.30  ? 10  GLU B OE2 1 
ATOM   555  N  N   . LEU B 1 8  ? -11.784 22.067  -8.041  1.00 24.74  ? 11  LEU B N   1 
ATOM   556  C  CA  . LEU B 1 8  ? -12.661 21.332  -8.949  1.00 29.72  ? 11  LEU B CA  1 
ATOM   557  C  C   . LEU B 1 8  ? -11.895 20.790  -10.149 1.00 23.33  ? 11  LEU B C   1 
ATOM   558  O  O   . LEU B 1 8  ? -12.119 19.652  -10.574 1.00 26.27  ? 11  LEU B O   1 
ATOM   559  C  CB  . LEU B 1 8  ? -13.805 22.231  -9.414  1.00 29.02  ? 11  LEU B CB  1 
ATOM   560  C  CG  . LEU B 1 8  ? -14.861 22.551  -8.363  1.00 36.05  ? 11  LEU B CG  1 
ATOM   561  C  CD1 . LEU B 1 8  ? -15.786 23.645  -8.867  1.00 35.35  ? 11  LEU B CD1 1 
ATOM   562  C  CD2 . LEU B 1 8  ? -15.644 21.295  -8.012  1.00 34.06  ? 11  LEU B CD2 1 
ATOM   563  N  N   . ASP B 1 9  ? -10.992 21.594  -10.712 1.00 22.15  ? 12  ASP B N   1 
ATOM   564  C  CA  . ASP B 1 9  ? -10.217 21.133  -11.859 1.00 23.66  ? 12  ASP B CA  1 
ATOM   565  C  C   . ASP B 1 9  ? -9.291  19.985  -11.478 1.00 27.99  ? 12  ASP B C   1 
ATOM   566  O  O   . ASP B 1 9  ? -9.188  18.994  -12.212 1.00 28.10  ? 12  ASP B O   1 
ATOM   567  C  CB  . ASP B 1 9  ? -9.416  22.289  -12.452 1.00 17.15  ? 12  ASP B CB  1 
ATOM   568  C  CG  . ASP B 1 9  ? -8.582  21.866  -13.639 1.00 26.94  ? 12  ASP B CG  1 
ATOM   569  O  OD1 . ASP B 1 9  ? -9.138  21.783  -14.756 1.00 34.60  ? 12  ASP B OD1 1 
ATOM   570  O  OD2 . ASP B 1 9  ? -7.372  21.611  -13.458 1.00 21.27  ? 12  ASP B OD2 1 
ATOM   571  N  N   . THR B 1 10 ? -8.605  20.102  -10.338 1.00 25.84  ? 13  THR B N   1 
ATOM   572  C  CA  . THR B 1 10 ? -7.720  19.030  -9.895  1.00 22.24  ? 13  THR B CA  1 
ATOM   573  C  C   . THR B 1 10 ? -8.504  17.755  -9.611  1.00 23.01  ? 13  THR B C   1 
ATOM   574  O  O   . THR B 1 10 ? -8.068  16.656  -9.975  1.00 20.34  ? 13  THR B O   1 
ATOM   575  C  CB  . THR B 1 10 ? -6.940  19.470  -8.655  1.00 25.95  ? 13  THR B CB  1 
ATOM   576  O  OG1 . THR B 1 10 ? -6.191  20.655  -8.954  1.00 26.40  ? 13  THR B OG1 1 
ATOM   577  C  CG2 . THR B 1 10 ? -5.983  18.371  -8.206  1.00 20.05  ? 13  THR B CG2 1 
ATOM   578  N  N   . ARG B 1 11 ? -9.670  17.882  -8.975  1.00 20.45  ? 14  ARG B N   1 
ATOM   579  C  CA  . ARG B 1 11 ? -10.488 16.712  -8.674  1.00 17.23  ? 14  ARG B CA  1 
ATOM   580  C  C   . ARG B 1 11 ? -10.923 15.998  -9.947  1.00 23.00  ? 14  ARG B C   1 
ATOM   581  O  O   . ARG B 1 11 ? -10.761 14.780  -10.079 1.00 21.21  ? 14  ARG B O   1 
ATOM   582  C  CB  . ARG B 1 11 ? -11.707 17.129  -7.855  1.00 21.01  ? 14  ARG B CB  1 
ATOM   583  C  CG  . ARG B 1 11 ? -12.726 16.025  -7.657  1.00 26.24  ? 14  ARG B CG  1 
ATOM   584  C  CD  . ARG B 1 11 ? -14.052 16.601  -7.204  1.00 29.25  ? 14  ARG B CD  1 
ATOM   585  N  NE  . ARG B 1 11 ? -13.891 17.484  -6.055  1.00 35.78  ? 14  ARG B NE  1 
ATOM   586  C  CZ  . ARG B 1 11 ? -14.855 18.260  -5.569  1.00 35.67  ? 14  ARG B CZ  1 
ATOM   587  N  NH1 . ARG B 1 11 ? -16.056 18.260  -6.134  1.00 33.79  ? 14  ARG B NH1 1 
ATOM   588  N  NH2 . ARG B 1 11 ? -14.619 19.034  -4.518  1.00 33.96  ? 14  ARG B NH2 1 
ATOM   589  N  N   . ARG B 1 12 ? -11.483 16.746  -10.901 1.00 25.18  ? 15  ARG B N   1 
ATOM   590  C  CA  . ARG B 1 12 ? -11.998 16.122  -12.116 1.00 22.46  ? 15  ARG B CA  1 
ATOM   591  C  C   . ARG B 1 12 ? -10.872 15.556  -12.971 1.00 25.64  ? 15  ARG B C   1 
ATOM   592  O  O   . ARG B 1 12 ? -11.030 14.499  -13.594 1.00 32.18  ? 15  ARG B O   1 
ATOM   593  C  CB  . ARG B 1 12 ? -12.829 17.127  -12.914 1.00 22.63  ? 15  ARG B CB  1 
ATOM   594  C  CG  . ARG B 1 12 ? -14.168 17.457  -12.275 1.00 37.51  ? 15  ARG B CG  1 
ATOM   595  C  CD  . ARG B 1 12 ? -15.108 18.128  -13.267 1.00 52.13  ? 15  ARG B CD  1 
ATOM   596  N  NE  . ARG B 1 12 ? -15.122 19.582  -13.129 1.00 49.85  ? 15  ARG B NE  1 
ATOM   597  C  CZ  . ARG B 1 12 ? -16.033 20.257  -12.436 1.00 48.66  ? 15  ARG B CZ  1 
ATOM   598  N  NH1 . ARG B 1 12 ? -17.009 19.611  -11.810 1.00 51.59  ? 15  ARG B NH1 1 
ATOM   599  N  NH2 . ARG B 1 12 ? -15.969 21.580  -12.367 1.00 50.83  ? 15  ARG B NH2 1 
ATOM   600  N  N   . GLU B 1 13 ? -9.728  16.243  -13.016 1.00 26.20  ? 16  GLU B N   1 
ATOM   601  C  CA  . GLU B 1 13 ? -8.591  15.716  -13.761 1.00 29.93  ? 16  GLU B CA  1 
ATOM   602  C  C   . GLU B 1 13 ? -8.094  14.409  -13.157 1.00 30.40  ? 16  GLU B C   1 
ATOM   603  O  O   . GLU B 1 13 ? -7.635  13.522  -13.885 1.00 26.86  ? 16  GLU B O   1 
ATOM   604  C  CB  . GLU B 1 13 ? -7.466  16.750  -13.804 1.00 28.86  ? 16  GLU B CB  1 
ATOM   605  C  CG  . GLU B 1 13 ? -6.499  16.563  -14.961 1.00 41.39  ? 16  GLU B CG  1 
ATOM   606  C  CD  . GLU B 1 13 ? -7.142  16.857  -16.302 1.00 42.76  ? 16  GLU B CD  1 
ATOM   607  O  OE1 . GLU B 1 13 ? -6.621  16.379  -17.332 1.00 56.65  ? 16  GLU B OE1 1 
ATOM   608  O  OE2 . GLU B 1 13 ? -8.170  17.566  -16.327 1.00 31.33  ? 16  GLU B OE2 1 
ATOM   609  N  N   . ILE B 1 14 ? -8.194  14.267  -11.837 1.00 27.61  ? 17  ILE B N   1 
ATOM   610  C  CA  . ILE B 1 14 ? -7.763  13.037  -11.176 1.00 24.36  ? 17  ILE B CA  1 
ATOM   611  C  C   . ILE B 1 14 ? -8.744  11.904  -11.449 1.00 28.07  ? 17  ILE B C   1 
ATOM   612  O  O   . ILE B 1 14 ? -8.343  10.787  -11.797 1.00 20.69  ? 17  ILE B O   1 
ATOM   613  C  CB  . ILE B 1 14 ? -7.592  13.275  -9.663  1.00 19.03  ? 17  ILE B CB  1 
ATOM   614  C  CG1 . ILE B 1 14 ? -6.357  14.128  -9.380  1.00 18.38  ? 17  ILE B CG1 1 
ATOM   615  C  CG2 . ILE B 1 14 ? -7.517  11.948  -8.918  1.00 17.90  ? 17  ILE B CG2 1 
ATOM   616  C  CD1 . ILE B 1 14 ? -6.234  14.570  -7.937  1.00 17.63  ? 17  ILE B CD1 1 
ATOM   617  N  N   . TYR B 1 15 ? -10.044 12.179  -11.310 1.00 25.40  ? 18  TYR B N   1 
ATOM   618  C  CA  . TYR B 1 15 ? -11.069 11.145  -11.415 1.00 32.16  ? 18  TYR B CA  1 
ATOM   619  C  C   . TYR B 1 15 ? -11.059 10.471  -12.775 1.00 28.46  ? 18  TYR B C   1 
ATOM   620  O  O   . TYR B 1 15 ? -11.325 9.267   -12.891 1.00 28.31  ? 18  TYR B O   1 
ATOM   621  C  CB  . TYR B 1 15 ? -12.458 11.727  -11.171 1.00 25.82  ? 18  TYR B CB  1 
ATOM   622  C  CG  . TYR B 1 15 ? -13.571 10.801  -11.615 1.00 24.49  ? 18  TYR B CG  1 
ATOM   623  C  CD1 . TYR B 1 15 ? -13.865 9.654   -10.898 1.00 22.85  ? 18  TYR B CD1 1 
ATOM   624  C  CD2 . TYR B 1 15 ? -14.328 11.073  -12.753 1.00 35.24  ? 18  TYR B CD2 1 
ATOM   625  C  CE1 . TYR B 1 15 ? -14.874 8.798   -11.291 1.00 25.71  ? 18  TYR B CE1 1 
ATOM   626  C  CE2 . TYR B 1 15 ? -15.347 10.219  -13.158 1.00 29.91  ? 18  TYR B CE2 1 
ATOM   627  C  CZ  . TYR B 1 15 ? -15.612 9.082   -12.419 1.00 25.72  ? 18  TYR B CZ  1 
ATOM   628  O  OH  . TYR B 1 15 ? -16.615 8.224   -12.801 1.00 30.03  ? 18  TYR B OH  1 
ATOM   629  N  N   . LYS B 1 16 ? -10.787 11.259  -13.808 1.00 27.67  ? 19  LYS B N   1 
ATOM   630  C  CA  . LYS B 1 16 ? -10.899 10.793  -15.177 1.00 30.00  ? 19  LYS B CA  1 
ATOM   631  C  C   . LYS B 1 16 ? -9.571  10.338  -15.757 1.00 31.27  ? 19  LYS B C   1 
ATOM   632  O  O   . LYS B 1 16 ? -9.556  9.739   -16.841 1.00 29.62  ? 19  LYS B O   1 
ATOM   633  C  CB  . LYS B 1 16 ? -11.525 11.887  -16.046 1.00 27.97  ? 19  LYS B CB  1 
ATOM   634  C  CG  . LYS B 1 16 ? -10.565 12.692  -16.912 1.00 30.84  ? 19  LYS B CG  1 
ATOM   635  C  CD  . LYS B 1 16 ? -11.233 14.011  -17.295 1.00 37.87  ? 19  LYS B CD  1 
ATOM   636  C  CE  . LYS B 1 16 ? -11.512 14.132  -18.786 1.00 58.22  ? 19  LYS B CE  1 
ATOM   637  N  NZ  . LYS B 1 16 ? -12.757 13.416  -19.166 1.00 59.52  ? 19  LYS B NZ  1 
ATOM   638  N  N   . HIS B 1 17 ? -8.463  10.593  -15.056 1.00 31.37  ? 20  HIS B N   1 
ATOM   639  C  CA  . HIS B 1 17 ? -7.254  9.828   -15.318 1.00 27.80  ? 20  HIS B CA  1 
ATOM   640  C  C   . HIS B 1 17 ? -7.383  8.425   -14.741 1.00 25.75  ? 20  HIS B C   1 
ATOM   641  O  O   . HIS B 1 17 ? -6.795  7.472   -15.269 1.00 28.11  ? 20  HIS B O   1 
ATOM   642  C  CB  . HIS B 1 17 ? -6.022  10.531  -14.745 1.00 22.71  ? 20  HIS B CB  1 
ATOM   643  C  CG  . HIS B 1 17 ? -4.736  9.929   -15.213 1.00 27.96  ? 20  HIS B CG  1 
ATOM   644  N  ND1 . HIS B 1 17 ? -4.173  10.243  -16.431 1.00 35.71  ? 20  HIS B ND1 1 
ATOM   645  C  CD2 . HIS B 1 17 ? -3.937  8.984   -14.661 1.00 33.44  ? 20  HIS B CD2 1 
ATOM   646  C  CE1 . HIS B 1 17 ? -3.068  9.538   -16.597 1.00 37.04  ? 20  HIS B CE1 1 
ATOM   647  N  NE2 . HIS B 1 17 ? -2.901  8.766   -15.538 1.00 35.36  ? 20  HIS B NE2 1 
ATOM   648  N  N   . ILE B 1 18 ? -8.155  8.282   -13.659 1.00 21.80  ? 21  ILE B N   1 
ATOM   649  C  CA  . ILE B 1 18 ? -8.473  6.957   -13.127 1.00 25.27  ? 21  ILE B CA  1 
ATOM   650  C  C   . ILE B 1 18 ? -9.266  6.153   -14.153 1.00 31.35  ? 21  ILE B C   1 
ATOM   651  O  O   . ILE B 1 18 ? -9.006  4.963   -14.380 1.00 29.86  ? 21  ILE B O   1 
ATOM   652  C  CB  . ILE B 1 18 ? -9.254  7.081   -11.804 1.00 22.97  ? 21  ILE B CB  1 
ATOM   653  C  CG1 . ILE B 1 18 ? -8.471  7.880   -10.768 1.00 22.87  ? 21  ILE B CG1 1 
ATOM   654  C  CG2 . ILE B 1 18 ? -9.634  5.710   -11.279 1.00 20.45  ? 21  ILE B CG2 1 
ATOM   655  C  CD1 . ILE B 1 18 ? -7.424  7.090   -10.059 1.00 31.06  ? 21  ILE B CD1 1 
ATOM   656  N  N   . VAL B 1 19 ? -10.268 6.786   -14.766 1.00 30.92  ? 22  VAL B N   1 
ATOM   657  C  CA  . VAL B 1 19 ? -11.115 6.090   -15.729 1.00 26.01  ? 22  VAL B CA  1 
ATOM   658  C  C   . VAL B 1 19 ? -10.316 5.709   -16.968 1.00 32.21  ? 22  VAL B C   1 
ATOM   659  O  O   . VAL B 1 19 ? -10.457 4.600   -17.499 1.00 28.96  ? 22  VAL B O   1 
ATOM   660  C  CB  . VAL B 1 19 ? -12.331 6.962   -16.088 1.00 27.56  ? 22  VAL B CB  1 
ATOM   661  C  CG1 . VAL B 1 19 ? -13.172 6.282   -17.150 1.00 30.49  ? 22  VAL B CG1 1 
ATOM   662  C  CG2 . VAL B 1 19 ? -13.154 7.258   -14.845 1.00 25.90  ? 22  VAL B CG2 1 
ATOM   663  N  N   . LYS B 1 20 ? -9.468  6.620   -17.448 1.00 33.76  ? 23  LYS B N   1 
ATOM   664  C  CA  . LYS B 1 20 ? -8.678  6.348   -18.644 1.00 30.59  ? 23  LYS B CA  1 
ATOM   665  C  C   . LYS B 1 20 ? -7.532  5.383   -18.368 1.00 34.22  ? 23  LYS B C   1 
ATOM   666  O  O   . LYS B 1 20 ? -7.060  4.708   -19.288 1.00 39.26  ? 23  LYS B O   1 
ATOM   667  C  CB  . LYS B 1 20 ? -8.135  7.656   -19.215 1.00 28.53  ? 23  LYS B CB  1 
ATOM   668  C  CG  . LYS B 1 20 ? -9.162  8.485   -19.966 1.00 45.46  ? 23  LYS B CG  1 
ATOM   669  C  CD  . LYS B 1 20 ? -9.557  7.814   -21.273 1.00 60.47  ? 23  LYS B CD  1 
ATOM   670  C  CE  . LYS B 1 20 ? -10.212 8.803   -22.222 1.00 72.67  ? 23  LYS B CE  1 
ATOM   671  N  NZ  . LYS B 1 20 ? -9.300  9.937   -22.552 1.00 68.71  ? 23  LYS B NZ  1 
ATOM   672  N  N   . SER B 1 21 ? -7.070  5.301   -17.123 1.00 39.29  ? 24  SER B N   1 
ATOM   673  C  CA  . SER B 1 21 ? -5.903  4.492   -16.769 1.00 31.36  ? 24  SER B CA  1 
ATOM   674  C  C   . SER B 1 21 ? -6.138  3.833   -15.418 1.00 33.25  ? 24  SER B C   1 
ATOM   675  O  O   . SER B 1 21 ? -5.665  4.313   -14.381 1.00 33.29  ? 24  SER B O   1 
ATOM   676  C  CB  . SER B 1 21 ? -4.632  5.345   -16.752 1.00 30.35  ? 24  SER B CB  1 
ATOM   677  O  OG  . SER B 1 21 ? -3.491  4.546   -16.502 1.00 41.54  ? 24  SER B OG  1 
ATOM   678  N  N   . PRO B 1 22 ? -6.857  2.714   -15.396 1.00 36.08  ? 25  PRO B N   1 
ATOM   679  C  CA  . PRO B 1 22 ? -7.185  2.069   -14.119 1.00 32.51  ? 25  PRO B CA  1 
ATOM   680  C  C   . PRO B 1 22 ? -5.979  1.380   -13.498 1.00 31.71  ? 25  PRO B C   1 
ATOM   681  O  O   . PRO B 1 22 ? -5.010  1.024   -14.170 1.00 33.25  ? 25  PRO B O   1 
ATOM   682  C  CB  . PRO B 1 22 ? -8.264  1.045   -14.501 1.00 29.45  ? 25  PRO B CB  1 
ATOM   683  C  CG  . PRO B 1 22 ? -8.690  1.400   -15.903 1.00 35.32  ? 25  PRO B CG  1 
ATOM   684  C  CD  . PRO B 1 22 ? -7.503  2.046   -16.536 1.00 33.66  ? 25  PRO B CD  1 
ATOM   685  N  N   . GLY B 1 23 ? -6.054  1.202   -12.179 1.00 26.94  ? 26  GLY B N   1 
ATOM   686  C  CA  . GLY B 1 23 ? -5.096  0.377   -11.468 1.00 29.57  ? 26  GLY B CA  1 
ATOM   687  C  C   . GLY B 1 23 ? -3.753  1.001   -11.169 1.00 32.34  ? 26  GLY B C   1 
ATOM   688  O  O   . GLY B 1 23 ? -2.794  0.269   -10.907 1.00 30.51  ? 26  GLY B O   1 
ATOM   689  N  N   . LEU B 1 24 ? -3.648  2.326   -11.185 1.00 29.39  ? 27  LEU B N   1 
ATOM   690  C  CA  . LEU B 1 24 ? -2.386  2.985   -10.886 1.00 28.40  ? 27  LEU B CA  1 
ATOM   691  C  C   . LEU B 1 24 ? -2.235  3.207   -9.383  1.00 29.98  ? 27  LEU B C   1 
ATOM   692  O  O   . LEU B 1 24 ? -3.214  3.251   -8.634  1.00 32.19  ? 27  LEU B O   1 
ATOM   693  C  CB  . LEU B 1 24 ? -2.285  4.323   -11.619 1.00 33.51  ? 27  LEU B CB  1 
ATOM   694  C  CG  . LEU B 1 24 ? -2.329  4.319   -13.150 1.00 30.91  ? 27  LEU B CG  1 
ATOM   695  C  CD1 . LEU B 1 24 ? -2.353  5.740   -13.687 1.00 27.59  ? 27  LEU B CD1 1 
ATOM   696  C  CD2 . LEU B 1 24 ? -1.150  3.551   -13.728 1.00 29.65  ? 27  LEU B CD2 1 
ATOM   697  N  N   . HIS B 1 25 ? -0.986  3.339   -8.949  1.00 30.88  ? 28  HIS B N   1 
ATOM   698  C  CA  . HIS B 1 25 ? -0.671  3.728   -7.583  1.00 32.79  ? 28  HIS B CA  1 
ATOM   699  C  C   . HIS B 1 25 ? -0.670  5.250   -7.467  1.00 31.05  ? 28  HIS B C   1 
ATOM   700  O  O   . HIS B 1 25 ? -0.622  5.975   -8.463  1.00 27.32  ? 28  HIS B O   1 
ATOM   701  C  CB  . HIS B 1 25 ? 0.683   3.158   -7.159  1.00 35.22  ? 28  HIS B CB  1 
ATOM   702  C  CG  . HIS B 1 25 ? 0.816   1.685   -7.384  1.00 41.54  ? 28  HIS B CG  1 
ATOM   703  N  ND1 . HIS B 1 25 ? 2.024   1.083   -7.664  1.00 52.05  ? 28  HIS B ND1 1 
ATOM   704  C  CD2 . HIS B 1 25 ? -0.104  0.692   -7.369  1.00 39.89  ? 28  HIS B CD2 1 
ATOM   705  C  CE1 . HIS B 1 25 ? 1.841   -0.218  -7.812  1.00 46.16  ? 28  HIS B CE1 1 
ATOM   706  N  NE2 . HIS B 1 25 ? 0.559   -0.481  -7.638  1.00 39.68  ? 28  HIS B NE2 1 
ATOM   707  N  N   . GLU B 1 26 ? -0.708  5.739   -6.224  1.00 27.27  ? 29  GLU B N   1 
ATOM   708  C  CA  . GLU B 1 26 ? -0.860  7.175   -6.018  1.00 29.03  ? 29  GLU B CA  1 
ATOM   709  C  C   . GLU B 1 26 ? 0.393   7.952   -6.413  1.00 29.77  ? 29  GLU B C   1 
ATOM   710  O  O   . GLU B 1 26 ? 0.293   9.115   -6.819  1.00 24.34  ? 29  GLU B O   1 
ATOM   711  C  CB  . GLU B 1 26 ? -1.246  7.459   -4.565  1.00 24.80  ? 29  GLU B CB  1 
ATOM   712  C  CG  . GLU B 1 26 ? -0.222  7.033   -3.539  1.00 36.64  ? 29  GLU B CG  1 
ATOM   713  C  CD  . GLU B 1 26 ? -0.761  7.120   -2.125  1.00 45.91  ? 29  GLU B CD  1 
ATOM   714  O  OE1 . GLU B 1 26 ? -2.001  7.197   -1.966  1.00 46.25  ? 29  GLU B OE1 1 
ATOM   715  O  OE2 . GLU B 1 26 ? 0.050   7.112   -1.174  1.00 38.54  ? 29  GLU B OE2 1 
ATOM   716  N  N   . ARG B 1 27 ? 1.577   7.341   -6.316  1.00 28.88  ? 30  ARG B N   1 
ATOM   717  C  CA  . ARG B 1 27 ? 2.776   8.036   -6.775  1.00 27.63  ? 30  ARG B CA  1 
ATOM   718  C  C   . ARG B 1 27 ? 2.818   8.128   -8.295  1.00 27.34  ? 30  ARG B C   1 
ATOM   719  O  O   . ARG B 1 27 ? 3.299   9.129   -8.838  1.00 26.52  ? 30  ARG B O   1 
ATOM   720  C  CB  . ARG B 1 27 ? 4.033   7.356   -6.226  1.00 30.53  ? 30  ARG B CB  1 
ATOM   721  C  CG  . ARG B 1 27 ? 4.376   7.786   -4.800  1.00 38.33  ? 30  ARG B CG  1 
ATOM   722  C  CD  . ARG B 1 27 ? 5.572   7.034   -4.238  1.00 42.83  ? 30  ARG B CD  1 
ATOM   723  N  NE  . ARG B 1 27 ? 5.408   5.589   -4.360  1.00 59.95  ? 30  ARG B NE  1 
ATOM   724  C  CZ  . ARG B 1 27 ? 6.121   4.693   -3.686  1.00 56.39  ? 30  ARG B CZ  1 
ATOM   725  N  NH1 . ARG B 1 27 ? 5.901   3.395   -3.865  1.00 51.06  ? 30  ARG B NH1 1 
ATOM   726  N  NH2 . ARG B 1 27 ? 7.047   5.092   -2.824  1.00 51.04  ? 30  ARG B NH2 1 
ATOM   727  N  N   . GLN B 1 28 ? 2.317   7.109   -9.000  1.00 31.64  ? 31  GLN B N   1 
ATOM   728  C  CA  . GLN B 1 28 ? 2.150   7.231   -10.444 1.00 28.77  ? 31  GLN B CA  1 
ATOM   729  C  C   . GLN B 1 28 ? 1.058   8.237   -10.780 1.00 24.61  ? 31  GLN B C   1 
ATOM   730  O  O   . GLN B 1 28 ? 1.206   9.029   -11.717 1.00 26.20  ? 31  GLN B O   1 
ATOM   731  C  CB  . GLN B 1 28 ? 1.834   5.868   -11.060 1.00 24.76  ? 31  GLN B CB  1 
ATOM   732  C  CG  . GLN B 1 28 ? 3.049   4.985   -11.262 1.00 43.91  ? 31  GLN B CG  1 
ATOM   733  C  CD  . GLN B 1 28 ? 2.755   3.519   -11.007 1.00 51.96  ? 31  GLN B CD  1 
ATOM   734  O  OE1 . GLN B 1 28 ? 1.601   3.092   -11.039 1.00 44.00  ? 31  GLN B OE1 1 
ATOM   735  N  NE2 . GLN B 1 28 ? 3.801   2.743   -10.734 1.00 53.22  ? 31  GLN B NE2 1 
ATOM   736  N  N   . LEU B 1 29 ? -0.045  8.214   -10.026 1.00 21.22  ? 32  LEU B N   1 
ATOM   737  C  CA  . LEU B 1 29 ? -1.109  9.194   -10.214 1.00 25.16  ? 32  LEU B CA  1 
ATOM   738  C  C   . LEU B 1 29 ? -0.579  10.614  -10.080 1.00 23.36  ? 32  LEU B C   1 
ATOM   739  O  O   . LEU B 1 29 ? -0.925  11.492  -10.877 1.00 23.94  ? 32  LEU B O   1 
ATOM   740  C  CB  . LEU B 1 29 ? -2.221  8.941   -9.197  1.00 24.97  ? 32  LEU B CB  1 
ATOM   741  C  CG  . LEU B 1 29 ? -3.627  8.598   -9.680  1.00 34.12  ? 32  LEU B CG  1 
ATOM   742  C  CD1 . LEU B 1 29 ? -3.581  7.714   -10.910 1.00 28.13  ? 32  LEU B CD1 1 
ATOM   743  C  CD2 . LEU B 1 29 ? -4.375  7.903   -8.554  1.00 29.00  ? 32  LEU B CD2 1 
ATOM   744  N  N   . ALA B 1 30 ? 0.270   10.855  -9.079  1.00 22.52  ? 33  ALA B N   1 
ATOM   745  C  CA  . ALA B 1 30 ? 0.776   12.200  -8.840  1.00 22.66  ? 33  ALA B CA  1 
ATOM   746  C  C   . ALA B 1 30 ? 1.727   12.642  -9.944  1.00 25.32  ? 33  ALA B C   1 
ATOM   747  O  O   . ALA B 1 30 ? 1.632   13.773  -10.435 1.00 25.80  ? 33  ALA B O   1 
ATOM   748  C  CB  . ALA B 1 30 ? 1.463   12.261  -7.477  1.00 18.93  ? 33  ALA B CB  1 
ATOM   749  N  N   . LYS B 1 31 ? 2.651   11.767  -10.350 1.00 21.48  ? 34  LYS B N   1 
ATOM   750  C  CA  . LYS B 1 31 ? 3.628   12.152  -11.362 1.00 25.71  ? 34  LYS B CA  1 
ATOM   751  C  C   . LYS B 1 31 ? 2.991   12.318  -12.737 1.00 26.06  ? 34  LYS B C   1 
ATOM   752  O  O   . LYS B 1 31 ? 3.419   13.181  -13.513 1.00 26.28  ? 34  LYS B O   1 
ATOM   753  C  CB  . LYS B 1 31 ? 4.764   11.128  -11.404 1.00 27.18  ? 34  LYS B CB  1 
ATOM   754  C  CG  . LYS B 1 31 ? 5.839   11.377  -10.352 1.00 33.26  ? 34  LYS B CG  1 
ATOM   755  C  CD  . LYS B 1 31 ? 6.999   10.396  -10.457 1.00 34.67  ? 34  LYS B CD  1 
ATOM   756  C  CE  . LYS B 1 31 ? 6.691   9.092   -9.746  1.00 36.63  ? 34  LYS B CE  1 
ATOM   757  N  NZ  . LYS B 1 31 ? 7.892   8.214   -9.667  1.00 47.10  ? 34  LYS B NZ  1 
ATOM   758  N  N   . GLU B 1 32 ? 1.969   11.521  -13.057 1.00 26.37  ? 35  GLU B N   1 
ATOM   759  C  CA  . GLU B 1 32 ? 1.307   11.633  -14.352 1.00 18.88  ? 35  GLU B CA  1 
ATOM   760  C  C   . GLU B 1 32 ? 0.347   12.813  -14.422 1.00 18.97  ? 35  GLU B C   1 
ATOM   761  O  O   . GLU B 1 32 ? 0.049   13.292  -15.522 1.00 20.33  ? 35  GLU B O   1 
ATOM   762  C  CB  . GLU B 1 32 ? 0.556   10.337  -14.679 1.00 27.06  ? 35  GLU B CB  1 
ATOM   763  C  CG  . GLU B 1 32 ? 1.467   9.147   -14.917 1.00 33.78  ? 35  GLU B CG  1 
ATOM   764  C  CD  . GLU B 1 32 ? 0.706   7.871   -15.223 1.00 35.73  ? 35  GLU B CD  1 
ATOM   765  O  OE1 . GLU B 1 32 ? 1.273   6.772   -15.025 1.00 34.13  ? 35  GLU B OE1 1 
ATOM   766  O  OE2 . GLU B 1 32 ? -0.462  7.964   -15.659 1.00 44.63  ? 35  GLU B OE2 1 
ATOM   767  N  N   . LEU B 1 33 ? -0.149  13.289  -13.281 1.00 24.87  ? 36  LEU B N   1 
ATOM   768  C  CA  . LEU B 1 33 ? -1.024  14.451  -13.241 1.00 19.78  ? 36  LEU B CA  1 
ATOM   769  C  C   . LEU B 1 33 ? -0.301  15.726  -12.831 1.00 23.28  ? 36  LEU B C   1 
ATOM   770  O  O   . LEU B 1 33 ? -0.923  16.795  -12.805 1.00 26.73  ? 36  LEU B O   1 
ATOM   771  C  CB  . LEU B 1 33 ? -2.195  14.189  -12.291 1.00 21.07  ? 36  LEU B CB  1 
ATOM   772  C  CG  . LEU B 1 33 ? -3.237  13.205  -12.822 1.00 27.89  ? 36  LEU B CG  1 
ATOM   773  C  CD1 . LEU B 1 33 ? -4.027  12.586  -11.686 1.00 26.43  ? 36  LEU B CD1 1 
ATOM   774  C  CD2 . LEU B 1 33 ? -4.168  13.906  -13.805 1.00 26.28  ? 36  LEU B CD2 1 
ATOM   775  N  N   . ASP B 1 34 ? 0.993   15.639  -12.511 1.00 18.52  ? 37  ASP B N   1 
ATOM   776  C  CA  . ASP B 1 34 ? 1.792   16.791  -12.092 1.00 21.04  ? 37  ASP B CA  1 
ATOM   777  C  C   . ASP B 1 34 ? 1.181   17.470  -10.867 1.00 19.94  ? 37  ASP B C   1 
ATOM   778  O  O   . ASP B 1 34 ? 1.145   18.698  -10.761 1.00 21.27  ? 37  ASP B O   1 
ATOM   779  C  CB  . ASP B 1 34 ? 1.975   17.785  -13.239 1.00 23.29  ? 37  ASP B CB  1 
ATOM   780  C  CG  . ASP B 1 34 ? 3.116   18.752  -12.996 1.00 26.38  ? 37  ASP B CG  1 
ATOM   781  O  OD1 . ASP B 1 34 ? 4.073   18.379  -12.282 1.00 29.47  ? 37  ASP B OD1 1 
ATOM   782  O  OD2 . ASP B 1 34 ? 3.057   19.883  -13.523 1.00 23.37  ? 37  ASP B OD2 1 
ATOM   783  N  N   . VAL B 1 35 ? 0.694   16.657  -9.938  1.00 18.79  ? 38  VAL B N   1 
ATOM   784  C  CA  . VAL B 1 35 ? 0.075   17.136  -8.706  1.00 20.11  ? 38  VAL B CA  1 
ATOM   785  C  C   . VAL B 1 35 ? 0.926   16.666  -7.532  1.00 24.37  ? 38  VAL B C   1 
ATOM   786  O  O   . VAL B 1 35 ? 1.423   15.531  -7.551  1.00 24.74  ? 38  VAL B O   1 
ATOM   787  C  CB  . VAL B 1 35 ? -1.376  16.636  -8.591  1.00 22.11  ? 38  VAL B CB  1 
ATOM   788  C  CG1 . VAL B 1 35 ? -1.965  16.967  -7.232  1.00 25.84  ? 38  VAL B CG1 1 
ATOM   789  C  CG2 . VAL B 1 35 ? -2.226  17.231  -9.706  1.00 20.69  ? 38  VAL B CG2 1 
ATOM   790  N  N   . PRO B 1 36 ? 1.150   17.501  -6.515  1.00 25.43  ? 39  PRO B N   1 
ATOM   791  C  CA  . PRO B 1 36 ? 1.837   17.020  -5.311  1.00 22.02  ? 39  PRO B CA  1 
ATOM   792  C  C   . PRO B 1 36 ? 1.087   15.853  -4.683  1.00 26.45  ? 39  PRO B C   1 
ATOM   793  O  O   . PRO B 1 36 ? -0.141  15.764  -4.753  1.00 27.51  ? 39  PRO B O   1 
ATOM   794  C  CB  . PRO B 1 36 ? 1.839   18.246  -4.390  1.00 20.14  ? 39  PRO B CB  1 
ATOM   795  C  CG  . PRO B 1 36 ? 1.715   19.413  -5.316  1.00 16.55  ? 39  PRO B CG  1 
ATOM   796  C  CD  . PRO B 1 36 ? 0.861   18.944  -6.453  1.00 21.26  ? 39  PRO B CD  1 
ATOM   797  N  N   . LEU B 1 37 ? 1.850   14.949  -4.060  1.00 25.31  ? 40  LEU B N   1 
ATOM   798  C  CA  . LEU B 1 37 ? 1.258   13.734  -3.508  1.00 20.67  ? 40  LEU B CA  1 
ATOM   799  C  C   . LEU B 1 37 ? 0.233   14.051  -2.425  1.00 22.10  ? 40  LEU B C   1 
ATOM   800  O  O   . LEU B 1 37 ? -0.807  13.389  -2.334  1.00 21.81  ? 40  LEU B O   1 
ATOM   801  C  CB  . LEU B 1 37 ? 2.353   12.819  -2.959  1.00 19.20  ? 40  LEU B CB  1 
ATOM   802  C  CG  . LEU B 1 37 ? 1.894   11.452  -2.435  1.00 26.31  ? 40  LEU B CG  1 
ATOM   803  C  CD1 . LEU B 1 37 ? 1.106   10.697  -3.498  1.00 23.40  ? 40  LEU B CD1 1 
ATOM   804  C  CD2 . LEU B 1 37 ? 3.079   10.623  -1.964  1.00 18.95  ? 40  LEU B CD2 1 
ATOM   805  N  N   . SER B 1 38 ? 0.505   15.064  -1.598  1.00 22.35  ? 41  SER B N   1 
ATOM   806  C  CA  . SER B 1 38 ? -0.419  15.406  -0.522  1.00 20.84  ? 41  SER B CA  1 
ATOM   807  C  C   . SER B 1 38 ? -1.771  15.840  -1.072  1.00 22.99  ? 41  SER B C   1 
ATOM   808  O  O   . SER B 1 38 ? -2.819  15.416  -0.572  1.00 26.17  ? 41  SER B O   1 
ATOM   809  C  CB  . SER B 1 38 ? 0.176   16.508  0.355   1.00 21.58  ? 41  SER B CB  1 
ATOM   810  O  OG  . SER B 1 38 ? 1.416   16.105  0.912   1.00 47.30  ? 41  SER B OG  1 
ATOM   811  N  N   . THR B 1 39 ? -1.767  16.685  -2.106  1.00 23.09  ? 42  THR B N   1 
ATOM   812  C  CA  . THR B 1 39 ? -3.026  17.135  -2.691  1.00 21.72  ? 42  THR B CA  1 
ATOM   813  C  C   . THR B 1 39 ? -3.766  15.981  -3.354  1.00 22.21  ? 42  THR B C   1 
ATOM   814  O  O   . THR B 1 39 ? -4.994  15.880  -3.243  1.00 21.27  ? 42  THR B O   1 
ATOM   815  C  CB  . THR B 1 39 ? -2.776  18.255  -3.701  1.00 27.73  ? 42  THR B CB  1 
ATOM   816  O  OG1 . THR B 1 39 ? -1.918  19.247  -3.123  1.00 28.22  ? 42  THR B OG1 1 
ATOM   817  C  CG2 . THR B 1 39 ? -4.090  18.908  -4.100  1.00 25.17  ? 42  THR B CG2 1 
ATOM   818  N  N   . LEU B 1 40 ? -3.037  15.097  -4.041  1.00 20.38  ? 43  LEU B N   1 
ATOM   819  C  CA  . LEU B 1 40 ? -3.670  13.962  -4.704  1.00 20.03  ? 43  LEU B CA  1 
ATOM   820  C  C   . LEU B 1 40 ? -4.394  13.071  -3.701  1.00 21.51  ? 43  LEU B C   1 
ATOM   821  O  O   . LEU B 1 40 ? -5.550  12.685  -3.918  1.00 19.47  ? 43  LEU B O   1 
ATOM   822  C  CB  . LEU B 1 40 ? -2.629  13.155  -5.475  1.00 21.01  ? 43  LEU B CB  1 
ATOM   823  C  CG  . LEU B 1 40 ? -3.193  11.886  -6.112  1.00 18.83  ? 43  LEU B CG  1 
ATOM   824  C  CD1 . LEU B 1 40 ? -3.555  12.119  -7.569  1.00 23.88  ? 43  LEU B CD1 1 
ATOM   825  C  CD2 . LEU B 1 40 ? -2.215  10.741  -5.970  1.00 24.11  ? 43  LEU B CD2 1 
ATOM   826  N  N   . VAL B 1 41 ? -3.725  12.728  -2.596  1.00 21.16  ? 44  VAL B N   1 
ATOM   827  C  CA  . VAL B 1 41 ? -4.351  11.901  -1.568  1.00 19.93  ? 44  VAL B CA  1 
ATOM   828  C  C   . VAL B 1 41 ? -5.550  12.618  -0.963  1.00 21.69  ? 44  VAL B C   1 
ATOM   829  O  O   . VAL B 1 41 ? -6.532  11.980  -0.558  1.00 15.91  ? 44  VAL B O   1 
ATOM   830  C  CB  . VAL B 1 41 ? -3.308  11.515  -0.498  1.00 21.79  ? 44  VAL B CB  1 
ATOM   831  C  CG1 . VAL B 1 41 ? -3.947  10.700  0.614   1.00 23.28  ? 44  VAL B CG1 1 
ATOM   832  C  CG2 . VAL B 1 41 ? -2.166  10.737  -1.132  1.00 18.09  ? 44  VAL B CG2 1 
ATOM   833  N  N   . TYR B 1 42 ? -5.498  13.951  -0.903  1.00 19.10  ? 45  TYR B N   1 
ATOM   834  C  CA  . TYR B 1 42 ? -6.647  14.731  -0.459  1.00 23.44  ? 45  TYR B CA  1 
ATOM   835  C  C   . TYR B 1 42 ? -7.850  14.510  -1.372  1.00 22.63  ? 45  TYR B C   1 
ATOM   836  O  O   . TYR B 1 42 ? -8.983  14.366  -0.896  1.00 17.67  ? 45  TYR B O   1 
ATOM   837  C  CB  . TYR B 1 42 ? -6.258  16.212  -0.399  1.00 19.16  ? 45  TYR B CB  1 
ATOM   838  C  CG  . TYR B 1 42 ? -7.405  17.197  -0.415  1.00 26.16  ? 45  TYR B CG  1 
ATOM   839  C  CD1 . TYR B 1 42 ? -8.029  17.585  0.763   1.00 30.15  ? 45  TYR B CD1 1 
ATOM   840  C  CD2 . TYR B 1 42 ? -7.846  17.764  -1.608  1.00 31.09  ? 45  TYR B CD2 1 
ATOM   841  C  CE1 . TYR B 1 42 ? -9.075  18.495  0.753   1.00 35.82  ? 45  TYR B CE1 1 
ATOM   842  C  CE2 . TYR B 1 42 ? -8.890  18.673  -1.628  1.00 30.77  ? 45  TYR B CE2 1 
ATOM   843  C  CZ  . TYR B 1 42 ? -9.501  19.036  -0.444  1.00 35.13  ? 45  TYR B CZ  1 
ATOM   844  O  OH  . TYR B 1 42 ? -10.540 19.941  -0.453  1.00 34.75  ? 45  TYR B OH  1 
ATOM   845  N  N   . HIS B 1 43 ? -7.623  14.468  -2.686  1.00 17.38  ? 46  HIS B N   1 
ATOM   846  C  CA  . HIS B 1 43 ? -8.720  14.273  -3.626  1.00 21.24  ? 46  HIS B CA  1 
ATOM   847  C  C   . HIS B 1 43 ? -9.131  12.809  -3.747  1.00 19.36  ? 46  HIS B C   1 
ATOM   848  O  O   . HIS B 1 43 ? -10.292 12.525  -4.065  1.00 21.60  ? 46  HIS B O   1 
ATOM   849  C  CB  . HIS B 1 43 ? -8.337  14.820  -5.001  1.00 27.09  ? 46  HIS B CB  1 
ATOM   850  C  CG  . HIS B 1 43 ? -8.189  16.308  -5.041  1.00 22.17  ? 46  HIS B CG  1 
ATOM   851  N  ND1 . HIS B 1 43 ? -9.271  17.160  -5.106  1.00 24.00  ? 46  HIS B ND1 1 
ATOM   852  C  CD2 . HIS B 1 43 ? -7.089  17.097  -5.030  1.00 23.85  ? 46  HIS B CD2 1 
ATOM   853  C  CE1 . HIS B 1 43 ? -8.843  18.409  -5.129  1.00 23.91  ? 46  HIS B CE1 1 
ATOM   854  N  NE2 . HIS B 1 43 ? -7.522  18.398  -5.085  1.00 24.83  ? 46  HIS B NE2 1 
ATOM   855  N  N   . LEU B 1 44 ? -8.209  11.872  -3.512  1.00 22.06  ? 47  LEU B N   1 
ATOM   856  C  CA  . LEU B 1 44 ? -8.577  10.458  -3.551  1.00 22.54  ? 47  LEU B CA  1 
ATOM   857  C  C   . LEU B 1 44 ? -9.548  10.110  -2.429  1.00 20.15  ? 47  LEU B C   1 
ATOM   858  O  O   . LEU B 1 44 ? -10.518 9.374   -2.647  1.00 23.50  ? 47  LEU B O   1 
ATOM   859  C  CB  . LEU B 1 44 ? -7.328  9.579   -3.470  1.00 15.72  ? 47  LEU B CB  1 
ATOM   860  C  CG  . LEU B 1 44 ? -6.372  9.606   -4.665  1.00 23.48  ? 47  LEU B CG  1 
ATOM   861  C  CD1 . LEU B 1 44 ? -5.146  8.744   -4.398  1.00 22.19  ? 47  LEU B CD1 1 
ATOM   862  C  CD2 . LEU B 1 44 ? -7.079  9.158   -5.933  1.00 18.52  ? 47  LEU B CD2 1 
ATOM   863  N  N   . HIS B 1 45 ? -9.300  10.624  -1.221  1.00 18.16  ? 48  HIS B N   1 
ATOM   864  C  CA  . HIS B 1 45 ? -10.209 10.373  -0.108  1.00 20.98  ? 48  HIS B CA  1 
ATOM   865  C  C   . HIS B 1 45 ? -11.593 10.940  -0.393  1.00 21.70  ? 48  HIS B C   1 
ATOM   866  O  O   . HIS B 1 45 ? -12.607 10.344  -0.014  1.00 22.22  ? 48  HIS B O   1 
ATOM   867  C  CB  . HIS B 1 45 ? -9.644  10.970  1.181   1.00 21.20  ? 48  HIS B CB  1 
ATOM   868  C  CG  . HIS B 1 45 ? -8.370  10.331  1.637   1.00 23.75  ? 48  HIS B CG  1 
ATOM   869  N  ND1 . HIS B 1 45 ? -7.962  9.089   1.202   1.00 24.36  ? 48  HIS B ND1 1 
ATOM   870  C  CD2 . HIS B 1 45 ? -7.414  10.764  2.493   1.00 20.95  ? 48  HIS B CD2 1 
ATOM   871  C  CE1 . HIS B 1 45 ? -6.807  8.783   1.771   1.00 24.61  ? 48  HIS B CE1 1 
ATOM   872  N  NE2 . HIS B 1 45 ? -6.455  9.782   2.559   1.00 20.64  ? 48  HIS B NE2 1 
ATOM   873  N  N   . TYR B 1 46 ? -11.652 12.088  -1.067  1.00 22.93  ? 49  TYR B N   1 
ATOM   874  C  CA  . TYR B 1 46 ? -12.940 12.689  -1.391  1.00 23.37  ? 49  TYR B CA  1 
ATOM   875  C  C   . TYR B 1 46 ? -13.692 11.854  -2.422  1.00 18.76  ? 49  TYR B C   1 
ATOM   876  O  O   . TYR B 1 46 ? -14.873 11.542  -2.236  1.00 22.29  ? 49  TYR B O   1 
ATOM   877  C  CB  . TYR B 1 46 ? -12.740 14.118  -1.895  1.00 24.02  ? 49  TYR B CB  1 
ATOM   878  C  CG  . TYR B 1 46 ? -14.028 14.813  -2.260  1.00 34.57  ? 49  TYR B CG  1 
ATOM   879  C  CD1 . TYR B 1 46 ? -14.833 15.384  -1.282  1.00 34.80  ? 49  TYR B CD1 1 
ATOM   880  C  CD2 . TYR B 1 46 ? -14.444 14.898  -3.582  1.00 33.88  ? 49  TYR B CD2 1 
ATOM   881  C  CE1 . TYR B 1 46 ? -16.014 16.020  -1.610  1.00 37.16  ? 49  TYR B CE1 1 
ATOM   882  C  CE2 . TYR B 1 46 ? -15.625 15.531  -3.920  1.00 42.48  ? 49  TYR B CE2 1 
ATOM   883  C  CZ  . TYR B 1 46 ? -16.406 16.092  -2.930  1.00 42.30  ? 49  TYR B CZ  1 
ATOM   884  O  OH  . TYR B 1 46 ? -17.583 16.724  -3.260  1.00 48.92  ? 49  TYR B OH  1 
ATOM   885  N  N   . LEU B 1 47 ? -13.021 11.488  -3.519  1.00 21.62  ? 50  LEU B N   1 
ATOM   886  C  CA  . LEU B 1 47 ? -13.659 10.669  -4.545  1.00 19.97  ? 50  LEU B CA  1 
ATOM   887  C  C   . LEU B 1 47 ? -14.083 9.313   -3.995  1.00 23.11  ? 50  LEU B C   1 
ATOM   888  O  O   . LEU B 1 47 ? -15.077 8.741   -4.454  1.00 26.36  ? 50  LEU B O   1 
ATOM   889  C  CB  . LEU B 1 47 ? -12.714 10.486  -5.733  1.00 20.02  ? 50  LEU B CB  1 
ATOM   890  C  CG  . LEU B 1 47 ? -12.351 11.729  -6.550  1.00 20.67  ? 50  LEU B CG  1 
ATOM   891  C  CD1 . LEU B 1 47 ? -11.143 11.450  -7.427  1.00 22.44  ? 50  LEU B CD1 1 
ATOM   892  C  CD2 . LEU B 1 47 ? -13.527 12.185  -7.403  1.00 17.21  ? 50  LEU B CD2 1 
ATOM   893  N  N   . GLU B 1 48 ? -13.344 8.786   -3.017  1.00 21.43  ? 51  GLU B N   1 
ATOM   894  C  CA  . GLU B 1 48 ? -13.722 7.523   -2.395  1.00 25.15  ? 51  GLU B CA  1 
ATOM   895  C  C   . GLU B 1 48 ? -14.905 7.703   -1.448  1.00 24.02  ? 51  GLU B C   1 
ATOM   896  O  O   . GLU B 1 48 ? -15.765 6.818   -1.352  1.00 20.16  ? 51  GLU B O   1 
ATOM   897  C  CB  . GLU B 1 48 ? -12.526 6.924   -1.655  1.00 19.94  ? 51  GLU B CB  1 
ATOM   898  C  CG  . GLU B 1 48 ? -12.777 5.537   -1.090  1.00 27.32  ? 51  GLU B CG  1 
ATOM   899  C  CD  . GLU B 1 48 ? -11.605 5.013   -0.277  1.00 38.48  ? 51  GLU B CD  1 
ATOM   900  O  OE1 . GLU B 1 48 ? -10.619 5.762   -0.092  1.00 32.99  ? 51  GLU B OE1 1 
ATOM   901  O  OE2 . GLU B 1 48 ? -11.671 3.849   0.177   1.00 29.48  ? 51  GLU B OE2 1 
ATOM   902  N  N   . ARG B 1 49 ? -14.965 8.834   -0.740  1.00 24.46  ? 52  ARG B N   1 
ATOM   903  C  CA  . ARG B 1 49 ? -16.121 9.110   0.108   1.00 24.94  ? 52  ARG B CA  1 
ATOM   904  C  C   . ARG B 1 49 ? -17.389 9.231   -0.724  1.00 26.63  ? 52  ARG B C   1 
ATOM   905  O  O   . ARG B 1 49 ? -18.454 8.747   -0.325  1.00 24.32  ? 52  ARG B O   1 
ATOM   906  C  CB  . ARG B 1 49 ? -15.897 10.385  0.923   1.00 26.73  ? 52  ARG B CB  1 
ATOM   907  C  CG  . ARG B 1 49 ? -17.060 10.710  1.849   1.00 35.84  ? 52  ARG B CG  1 
ATOM   908  C  CD  . ARG B 1 49 ? -16.773 11.875  2.784   1.00 40.19  ? 52  ARG B CD  1 
ATOM   909  N  NE  . ARG B 1 49 ? -17.085 13.170  2.188   1.00 45.61  ? 52  ARG B NE  1 
ATOM   910  C  CZ  . ARG B 1 49 ? -16.196 14.138  1.997   1.00 51.94  ? 52  ARG B CZ  1 
ATOM   911  N  NH1 . ARG B 1 49 ? -14.933 13.965  2.367   1.00 41.40  ? 52  ARG B NH1 1 
ATOM   912  N  NH2 . ARG B 1 49 ? -16.572 15.287  1.446   1.00 49.66  ? 52  ARG B NH2 1 
ATOM   913  N  N   . ARG B 1 50 ? -17.293 9.871   -1.887  1.00 25.15  ? 53  ARG B N   1 
ATOM   914  C  CA  . ARG B 1 50 ? -18.417 9.959   -2.808  1.00 26.26  ? 53  ARG B CA  1 
ATOM   915  C  C   . ARG B 1 50 ? -18.609 8.693   -3.631  1.00 29.76  ? 53  ARG B C   1 
ATOM   916  O  O   . ARG B 1 50 ? -19.456 8.685   -4.531  1.00 32.58  ? 53  ARG B O   1 
ATOM   917  C  CB  . ARG B 1 50 ? -18.240 11.160  -3.739  1.00 30.62  ? 53  ARG B CB  1 
ATOM   918  C  CG  . ARG B 1 50 ? -18.502 12.501  -3.072  1.00 35.16  ? 53  ARG B CG  1 
ATOM   919  C  CD  . ARG B 1 50 ? -18.498 13.619  -4.097  1.00 51.17  ? 53  ARG B CD  1 
ATOM   920  N  NE  . ARG B 1 50 ? -19.460 13.382  -5.170  1.00 54.88  ? 53  ARG B NE  1 
ATOM   921  C  CZ  . ARG B 1 50 ? -19.512 14.088  -6.297  1.00 54.39  ? 53  ARG B CZ  1 
ATOM   922  N  NH1 . ARG B 1 50 ? -20.421 13.800  -7.219  1.00 55.12  ? 53  ARG B NH1 1 
ATOM   923  N  NH2 . ARG B 1 50 ? -18.652 15.078  -6.503  1.00 41.58  ? 53  ARG B NH2 1 
ATOM   924  N  N   . GLU B 1 51 ? -17.845 7.635   -3.355  1.00 30.36  ? 54  GLU B N   1 
ATOM   925  C  CA  . GLU B 1 51 ? -17.990 6.347   -4.035  1.00 28.98  ? 54  GLU B CA  1 
ATOM   926  C  C   . GLU B 1 51 ? -17.851 6.474   -5.550  1.00 26.51  ? 54  GLU B C   1 
ATOM   927  O  O   . GLU B 1 51 ? -18.419 5.677   -6.301  1.00 30.13  ? 54  GLU B O   1 
ATOM   928  C  CB  . GLU B 1 51 ? -19.318 5.679   -3.666  1.00 21.39  ? 54  GLU B CB  1 
ATOM   929  C  CG  . GLU B 1 51 ? -19.247 4.864   -2.388  1.00 39.73  ? 54  GLU B CG  1 
ATOM   930  C  CD  . GLU B 1 51 ? -20.538 4.893   -1.594  1.00 53.17  ? 54  GLU B CD  1 
ATOM   931  O  OE1 . GLU B 1 51 ? -20.878 5.965   -1.050  1.00 60.82  ? 54  GLU B OE1 1 
ATOM   932  O  OE2 . GLU B 1 51 ? -21.215 3.845   -1.515  1.00 57.52  ? 54  GLU B OE2 1 
ATOM   933  N  N   . LEU B 1 52 ? -17.102 7.478   -6.016  1.00 26.47  ? 55  LEU B N   1 
ATOM   934  C  CA  . LEU B 1 52 ? -16.809 7.568   -7.441  1.00 30.98  ? 55  LEU B CA  1 
ATOM   935  C  C   . LEU B 1 52 ? -15.619 6.700   -7.823  1.00 28.55  ? 55  LEU B C   1 
ATOM   936  O  O   . LEU B 1 52 ? -15.505 6.279   -8.980  1.00 31.05  ? 55  LEU B O   1 
ATOM   937  C  CB  . LEU B 1 52 ? -16.552 9.019   -7.842  1.00 21.03  ? 55  LEU B CB  1 
ATOM   938  C  CG  . LEU B 1 52 ? -17.779 9.922   -7.828  1.00 28.97  ? 55  LEU B CG  1 
ATOM   939  C  CD1 . LEU B 1 52 ? -17.389 11.364  -8.100  1.00 31.07  ? 55  LEU B CD1 1 
ATOM   940  C  CD2 . LEU B 1 52 ? -18.802 9.443   -8.850  1.00 28.03  ? 55  LEU B CD2 1 
ATOM   941  N  N   . ILE B 1 53 ? -14.725 6.423   -6.875  1.00 24.86  ? 56  ILE B N   1 
ATOM   942  C  CA  . ILE B 1 53 ? -13.617 5.503   -7.079  1.00 25.31  ? 56  ILE B CA  1 
ATOM   943  C  C   . ILE B 1 53 ? -13.558 4.559   -5.887  1.00 28.56  ? 56  ILE B C   1 
ATOM   944  O  O   . ILE B 1 53 ? -14.100 4.834   -4.814  1.00 23.61  ? 56  ILE B O   1 
ATOM   945  C  CB  . ILE B 1 53 ? -12.259 6.219   -7.262  1.00 25.19  ? 56  ILE B CB  1 
ATOM   946  C  CG1 . ILE B 1 53 ? -11.813 6.862   -5.947  1.00 27.13  ? 56  ILE B CG1 1 
ATOM   947  C  CG2 . ILE B 1 53 ? -12.336 7.250   -8.374  1.00 18.87  ? 56  ILE B CG2 1 
ATOM   948  C  CD1 . ILE B 1 53 ? -10.470 7.549   -6.028  1.00 20.92  ? 56  ILE B CD1 1 
HETATM 949  N  N   . MSE B 1 54 ? -12.893 3.429   -6.095  1.00 30.52  ? 57  MSE B N   1 
HETATM 950  C  CA  . MSE B 1 54 ? -12.687 2.469   -5.023  1.00 31.40  ? 57  MSE B CA  1 
HETATM 951  C  C   . MSE B 1 54 ? -11.205 2.131   -4.918  1.00 30.76  ? 57  MSE B C   1 
HETATM 952  O  O   . MSE B 1 54 ? -10.464 2.202   -5.902  1.00 24.62  ? 57  MSE B O   1 
HETATM 953  C  CB  . MSE B 1 54 ? -13.523 1.209   -5.252  1.00 40.10  ? 57  MSE B CB  1 
HETATM 954  C  CG  . MSE B 1 54 ? -12.896 0.197   -6.193  1.00 49.21  ? 57  MSE B CG  1 
HETATM 955  SE SE  . MSE B 1 54 ? -14.232 -0.886  -7.110  1.00 118.45 ? 57  MSE B SE  1 
HETATM 956  C  CE  . MSE B 1 54 ? -15.476 -1.177  -5.634  1.00 41.95  ? 57  MSE B CE  1 
HETATM 957  N  N   . MSE B 1 55 ? -10.781 1.778   -3.712  1.00 30.49  ? 58  MSE B N   1 
HETATM 958  C  CA  . MSE B 1 55 ? -9.375  1.547   -3.416  1.00 34.90  ? 58  MSE B CA  1 
HETATM 959  C  C   . MSE B 1 55 ? -9.125  0.081   -3.083  1.00 36.21  ? 58  MSE B C   1 
HETATM 960  O  O   . MSE B 1 55 ? -9.666  -0.439  -2.108  1.00 39.76  ? 58  MSE B O   1 
HETATM 961  C  CB  . MSE B 1 55 ? -8.938  2.449   -2.258  1.00 28.88  ? 58  MSE B CB  1 
HETATM 962  C  CG  . MSE B 1 55 ? -7.551  2.182   -1.706  1.00 40.52  ? 58  MSE B CG  1 
HETATM 963  SE SE  . MSE B 1 55 ? -7.201  3.293   -0.134  1.00 79.54  ? 58  MSE B SE  1 
HETATM 964  C  CE  . MSE B 1 55 ? -5.444  2.611   0.365   1.00 44.59  ? 58  MSE B CE  1 
ATOM   965  N  N   . LYS B 1 56 ? -8.313  -0.583  -3.902  1.00 43.57  ? 59  LYS B N   1 
ATOM   966  C  CA  . LYS B 1 56 ? -7.999  -1.997  -3.731  1.00 41.03  ? 59  LYS B CA  1 
ATOM   967  C  C   . LYS B 1 56 ? -6.584  -2.131  -3.185  1.00 39.37  ? 59  LYS B C   1 
ATOM   968  O  O   . LYS B 1 56 ? -5.623  -1.685  -3.823  1.00 47.47  ? 59  LYS B O   1 
ATOM   969  C  CB  . LYS B 1 56 ? -8.136  -2.757  -5.052  1.00 44.33  ? 59  LYS B CB  1 
ATOM   970  C  CG  . LYS B 1 56 ? -9.563  -2.901  -5.567  1.00 51.18  ? 59  LYS B CG  1 
ATOM   971  C  CD  . LYS B 1 56 ? -9.593  -3.767  -6.823  1.00 60.93  ? 59  LYS B CD  1 
ATOM   972  C  CE  . LYS B 1 56 ? -10.971 -3.791  -7.468  1.00 72.53  ? 59  LYS B CE  1 
ATOM   973  N  NZ  . LYS B 1 56 ? -10.955 -4.496  -8.784  1.00 57.67  ? 59  LYS B NZ  1 
ATOM   974  N  N   . SER B 1 57 ? -6.459  -2.742  -2.011  1.00 38.90  ? 60  SER B N   1 
ATOM   975  C  CA  . SER B 1 57 ? -5.146  -2.992  -1.440  1.00 43.45  ? 60  SER B CA  1 
ATOM   976  C  C   . SER B 1 57 ? -4.432  -4.098  -2.211  1.00 42.26  ? 60  SER B C   1 
ATOM   977  O  O   . SER B 1 57 ? -5.051  -4.919  -2.892  1.00 44.51  ? 60  SER B O   1 
ATOM   978  C  CB  . SER B 1 57 ? -5.266  -3.373  0.037   1.00 36.92  ? 60  SER B CB  1 
ATOM   979  O  OG  . SER B 1 57 ? -5.907  -2.345  0.770   1.00 48.30  ? 60  SER B OG  1 
ATOM   980  N  N   . ASP B 1 58 ? -3.107  -4.107  -2.105  1.00 36.36  ? 61  ASP B N   1 
ATOM   981  C  CA  . ASP B 1 58 ? -2.274  -5.137  -2.721  1.00 41.82  ? 61  ASP B CA  1 
ATOM   982  C  C   . ASP B 1 58 ? -1.494  -5.819  -1.604  1.00 41.52  ? 61  ASP B C   1 
ATOM   983  O  O   . ASP B 1 58 ? -0.496  -5.285  -1.111  1.00 38.10  ? 61  ASP B O   1 
ATOM   984  C  CB  . ASP B 1 58 ? -1.347  -4.545  -3.779  1.00 47.44  ? 61  ASP B CB  1 
ATOM   985  C  CG  . ASP B 1 58 ? -0.684  -5.609  -4.633  1.00 54.47  ? 61  ASP B CG  1 
ATOM   986  O  OD1 . ASP B 1 58 ? -1.089  -6.789  -4.541  1.00 57.41  ? 61  ASP B OD1 1 
ATOM   987  O  OD2 . ASP B 1 58 ? 0.234   -5.264  -5.406  1.00 51.83  ? 61  ASP B OD2 1 
ATOM   988  N  N   . GLU B 1 59 ? -1.958  -7.004  -1.208  1.00 46.91  ? 62  GLU B N   1 
ATOM   989  C  CA  . GLU B 1 59 ? -1.391  -7.708  -0.065  1.00 52.14  ? 62  GLU B CA  1 
ATOM   990  C  C   . GLU B 1 59 ? -0.040  -8.339  -0.365  1.00 54.71  ? 62  GLU B C   1 
ATOM   991  O  O   . GLU B 1 59 ? 0.609   -8.837  0.562   1.00 52.44  ? 62  GLU B O   1 
ATOM   992  C  CB  . GLU B 1 59 ? -2.379  -8.766  0.410   1.00 58.08  ? 62  GLU B CB  1 
ATOM   993  C  CG  . GLU B 1 59 ? -3.755  -8.188  0.649   1.00 65.70  ? 62  GLU B CG  1 
ATOM   994  C  CD  . GLU B 1 59 ? -3.812  -7.330  1.894   1.00 72.96  ? 62  GLU B CD  1 
ATOM   995  O  OE1 . GLU B 1 59 ? -3.077  -7.636  2.857   1.00 83.59  ? 62  GLU B OE1 1 
ATOM   996  O  OE2 . GLU B 1 59 ? -4.586  -6.350  1.907   1.00 65.67  ? 62  GLU B OE2 1 
ATOM   997  N  N   . ARG B 1 60 ? 0.395   -8.335  -1.626  1.00 51.72  ? 63  ARG B N   1 
ATOM   998  C  CA  . ARG B 1 60 ? 1.763   -8.729  -1.932  1.00 45.49  ? 63  ARG B CA  1 
ATOM   999  C  C   . ARG B 1 60 ? 2.777   -7.739  -1.374  1.00 46.68  ? 63  ARG B C   1 
ATOM   1000 O  O   . ARG B 1 60 ? 3.958   -8.081  -1.257  1.00 49.20  ? 63  ARG B O   1 
ATOM   1001 C  CB  . ARG B 1 60 ? 1.946   -8.871  -3.445  1.00 38.18  ? 63  ARG B CB  1 
ATOM   1002 N  N   . TYR B 1 61 ? 2.340   -6.527  -1.023  1.00 38.65  ? 64  TYR B N   1 
ATOM   1003 C  CA  . TYR B 1 61 ? 3.209   -5.490  -0.481  1.00 38.14  ? 64  TYR B CA  1 
ATOM   1004 C  C   . TYR B 1 61 ? 2.860   -5.157  0.964   1.00 38.58  ? 64  TYR B C   1 
ATOM   1005 O  O   . TYR B 1 61 ? 2.998   -4.010  1.396   1.00 40.27  ? 64  TYR B O   1 
ATOM   1006 C  CB  . TYR B 1 61 ? 3.147   -4.234  -1.347  1.00 35.59  ? 64  TYR B CB  1 
ATOM   1007 C  CG  . TYR B 1 61 ? 3.682   -4.450  -2.740  1.00 45.47  ? 64  TYR B CG  1 
ATOM   1008 C  CD1 . TYR B 1 61 ? 2.852   -4.889  -3.763  1.00 45.91  ? 64  TYR B CD1 1 
ATOM   1009 C  CD2 . TYR B 1 61 ? 5.023   -4.233  -3.031  1.00 45.86  ? 64  TYR B CD2 1 
ATOM   1010 C  CE1 . TYR B 1 61 ? 3.338   -5.097  -5.037  1.00 49.06  ? 64  TYR B CE1 1 
ATOM   1011 C  CE2 . TYR B 1 61 ? 5.518   -4.437  -4.301  1.00 46.02  ? 64  TYR B CE2 1 
ATOM   1012 C  CZ  . TYR B 1 61 ? 4.672   -4.868  -5.302  1.00 58.99  ? 64  TYR B CZ  1 
ATOM   1013 O  OH  . TYR B 1 61 ? 5.159   -5.074  -6.573  1.00 66.14  ? 64  TYR B OH  1 
ATOM   1014 N  N   . ALA B 1 62 ? 2.407   -6.148  1.721   1.00 32.35  ? 65  ALA B N   1 
ATOM   1015 C  CA  . ALA B 1 62 ? 2.057   -5.904  3.109   1.00 27.70  ? 65  ALA B CA  1 
ATOM   1016 C  C   . ALA B 1 62 ? 3.307   -5.676  3.945   1.00 25.29  ? 65  ALA B C   1 
ATOM   1017 O  O   . ALA B 1 62 ? 4.368   -6.248  3.687   1.00 29.13  ? 65  ALA B O   1 
ATOM   1018 C  CB  . ALA B 1 62 ? 1.256   -7.071  3.669   1.00 37.97  ? 65  ALA B CB  1 
ATOM   1019 N  N   . ARG B 1 63 ? 3.170   -4.826  4.955   1.00 32.26  ? 66  ARG B N   1 
ATOM   1020 C  CA  . ARG B 1 63 ? 4.260   -4.477  5.855   1.00 27.31  ? 66  ARG B CA  1 
ATOM   1021 C  C   . ARG B 1 63 ? 4.109   -5.269  7.146   1.00 28.98  ? 66  ARG B C   1 
ATOM   1022 O  O   . ARG B 1 63 ? 3.007   -5.362  7.696   1.00 31.45  ? 66  ARG B O   1 
ATOM   1023 C  CB  . ARG B 1 63 ? 4.255   -2.976  6.144   1.00 30.96  ? 66  ARG B CB  1 
ATOM   1024 C  CG  . ARG B 1 63 ? 3.791   -2.121  4.969   1.00 39.40  ? 66  ARG B CG  1 
ATOM   1025 C  CD  . ARG B 1 63 ? 4.951   -1.407  4.304   1.00 40.43  ? 66  ARG B CD  1 
ATOM   1026 N  NE  . ARG B 1 63 ? 5.651   -0.536  5.244   1.00 53.74  ? 66  ARG B NE  1 
ATOM   1027 C  CZ  . ARG B 1 63 ? 5.325   0.732   5.468   1.00 50.29  ? 66  ARG B CZ  1 
ATOM   1028 N  NH1 . ARG B 1 63 ? 4.310   1.281   4.817   1.00 60.44  ? 66  ARG B NH1 1 
ATOM   1029 N  NH2 . ARG B 1 63 ? 6.016   1.451   6.342   1.00 45.81  ? 66  ARG B NH2 1 
ATOM   1030 N  N   . TYR B 1 64 ? 5.212   -5.837  7.628   1.00 25.82  ? 67  TYR B N   1 
ATOM   1031 C  CA  . TYR B 1 64 ? 5.182   -6.728  8.781   1.00 22.34  ? 67  TYR B CA  1 
ATOM   1032 C  C   . TYR B 1 64 ? 5.692   -6.006  10.019  1.00 25.76  ? 67  TYR B C   1 
ATOM   1033 O  O   . TYR B 1 64 ? 6.752   -5.372  9.985   1.00 38.28  ? 67  TYR B O   1 
ATOM   1034 C  CB  . TYR B 1 64 ? 6.004   -7.988  8.513   1.00 23.34  ? 67  TYR B CB  1 
ATOM   1035 C  CG  . TYR B 1 64 ? 5.355   -8.895  7.493   1.00 30.18  ? 67  TYR B CG  1 
ATOM   1036 C  CD1 . TYR B 1 64 ? 5.640   -8.769  6.141   1.00 29.17  ? 67  TYR B CD1 1 
ATOM   1037 C  CD2 . TYR B 1 64 ? 4.439   -9.864  7.882   1.00 27.90  ? 67  TYR B CD2 1 
ATOM   1038 C  CE1 . TYR B 1 64 ? 5.041   -9.589  5.205   1.00 29.84  ? 67  TYR B CE1 1 
ATOM   1039 C  CE2 . TYR B 1 64 ? 3.834   -10.688 6.954   1.00 24.55  ? 67  TYR B CE2 1 
ATOM   1040 C  CZ  . TYR B 1 64 ? 4.138   -10.548 5.617   1.00 33.92  ? 67  TYR B CZ  1 
ATOM   1041 O  OH  . TYR B 1 64 ? 3.541   -11.368 4.687   1.00 41.59  ? 67  TYR B OH  1 
ATOM   1042 N  N   . TYR B 1 65 ? 4.929   -6.102  11.104  1.00 24.99  ? 68  TYR B N   1 
ATOM   1043 C  CA  . TYR B 1 65 ? 5.258   -5.473  12.373  1.00 21.00  ? 68  TYR B CA  1 
ATOM   1044 C  C   . TYR B 1 65 ? 5.126   -6.504  13.481  1.00 27.11  ? 68  TYR B C   1 
ATOM   1045 O  O   . TYR B 1 65 ? 4.337   -7.446  13.379  1.00 29.56  ? 68  TYR B O   1 
ATOM   1046 C  CB  . TYR B 1 65 ? 4.340   -4.277  12.675  1.00 25.93  ? 68  TYR B CB  1 
ATOM   1047 C  CG  . TYR B 1 65 ? 4.365   -3.188  11.625  1.00 28.30  ? 68  TYR B CG  1 
ATOM   1048 C  CD1 . TYR B 1 65 ? 3.617   -3.302  10.459  1.00 26.49  ? 68  TYR B CD1 1 
ATOM   1049 C  CD2 . TYR B 1 65 ? 5.129   -2.040  11.804  1.00 31.43  ? 68  TYR B CD2 1 
ATOM   1050 C  CE1 . TYR B 1 65 ? 3.636   -2.309  9.496   1.00 32.97  ? 68  TYR B CE1 1 
ATOM   1051 C  CE2 . TYR B 1 65 ? 5.152   -1.040  10.847  1.00 37.28  ? 68  TYR B CE2 1 
ATOM   1052 C  CZ  . TYR B 1 65 ? 4.403   -1.180  9.695   1.00 36.38  ? 68  TYR B CZ  1 
ATOM   1053 O  OH  . TYR B 1 65 ? 4.423   -0.190  8.739   1.00 38.05  ? 68  TYR B OH  1 
ATOM   1054 N  N   . ALA B 1 66 ? 5.905   -6.319  14.542  1.00 28.09  ? 69  ALA B N   1 
ATOM   1055 C  CA  . ALA B 1 66 ? 5.806   -7.185  15.706  1.00 22.66  ? 69  ALA B CA  1 
ATOM   1056 C  C   . ALA B 1 66 ? 4.696   -6.700  16.629  1.00 32.06  ? 69  ALA B C   1 
ATOM   1057 O  O   . ALA B 1 66 ? 4.532   -5.496  16.849  1.00 41.91  ? 69  ALA B O   1 
ATOM   1058 C  CB  . ALA B 1 66 ? 7.134   -7.227  16.459  1.00 22.42  ? 69  ALA B CB  1 
ATOM   1059 N  N   . THR B 1 67 ? 3.926   -7.643  17.163  1.00 29.32  ? 70  THR B N   1 
ATOM   1060 C  CA  . THR B 1 67 ? 2.842   -7.291  18.064  1.00 33.96  ? 70  THR B CA  1 
ATOM   1061 C  C   . THR B 1 67 ? 3.391   -6.945  19.445  1.00 36.67  ? 70  THR B C   1 
ATOM   1062 O  O   . THR B 1 67 ? 4.496   -7.341  19.823  1.00 39.25  ? 70  THR B O   1 
ATOM   1063 C  CB  . THR B 1 67 ? 1.828   -8.430  18.170  1.00 34.40  ? 70  THR B CB  1 
ATOM   1064 O  OG1 . THR B 1 67 ? 2.399   -9.515  18.911  1.00 36.74  ? 70  THR B OG1 1 
ATOM   1065 C  CG2 . THR B 1 67 ? 1.439   -8.923  16.781  1.00 33.60  ? 70  THR B CG2 1 
ATOM   1066 N  N   . LYS B 1 68 ? 2.597   -6.194  20.200  1.00 47.54  ? 71  LYS B N   1 
ATOM   1067 C  CA  . LYS B 1 68 ? 3.011   -5.736  21.521  1.00 51.58  ? 71  LYS B CA  1 
ATOM   1068 C  C   . LYS B 1 68 ? 2.374   -6.571  22.626  1.00 47.53  ? 71  LYS B C   1 
ATOM   1069 O  O   . LYS B 1 68 ? 2.932   -6.701  23.716  1.00 50.53  ? 71  LYS B O   1 
ATOM   1070 C  CB  . LYS B 1 68 ? 2.655   -4.260  21.705  1.00 52.14  ? 71  LYS B CB  1 
ATOM   1071 C  CG  . LYS B 1 68 ? 3.240   -3.352  20.636  1.00 57.57  ? 71  LYS B CG  1 
ATOM   1072 C  CD  . LYS B 1 68 ? 2.736   -1.925  20.783  1.00 77.61  ? 71  LYS B CD  1 
ATOM   1073 C  CE  . LYS B 1 68 ? 3.232   -1.043  19.648  1.00 80.92  ? 71  LYS B CE  1 
ATOM   1074 N  NZ  . LYS B 1 68 ? 2.713   0.349   19.761  1.00 81.12  ? 71  LYS B NZ  1 
HETATM 1075 O  O   . HOH C 2 .  ? 11.625  -20.329 19.984  1.00 27.58  ? 101 HOH A O   1 
HETATM 1076 O  O   . HOH C 2 .  ? 5.510   -19.768 19.071  1.00 21.82  ? 102 HOH A O   1 
HETATM 1077 O  O   . HOH C 2 .  ? 9.050   -25.708 11.780  1.00 25.96  ? 103 HOH A O   1 
HETATM 1078 O  O   . HOH C 2 .  ? -1.064  -21.194 9.450   1.00 26.13  ? 104 HOH A O   1 
HETATM 1079 O  O   . HOH C 2 .  ? 2.240   5.014   -4.268  1.00 37.45  ? 105 HOH A O   1 
HETATM 1080 O  O   . HOH C 2 .  ? 9.524   -1.340  -1.252  1.00 57.71  ? 106 HOH A O   1 
HETATM 1081 O  O   . HOH C 2 .  ? -1.757  -1.769  -0.867  1.00 34.83  ? 107 HOH A O   1 
HETATM 1082 O  O   . HOH C 2 .  ? -6.174  4.440   -11.477 1.00 26.00  ? 108 HOH A O   1 
HETATM 1083 O  O   . HOH C 2 .  ? -0.915  3.792   -4.273  1.00 31.49  ? 109 HOH A O   1 
HETATM 1084 O  O   . HOH C 2 .  ? 4.833   -8.083  1.545   1.00 34.31  ? 110 HOH A O   1 
HETATM 1085 O  O   . HOH C 2 .  ? 0.026   -15.337 2.826   1.00 35.17  ? 111 HOH A O   1 
HETATM 1086 O  O   . HOH C 2 .  ? 20.178  -7.543  17.268  1.00 49.37  ? 112 HOH A O   1 
HETATM 1087 O  O   . HOH C 2 .  ? 8.686   -1.951  3.287   1.00 39.54  ? 113 HOH A O   1 
HETATM 1088 O  O   . HOH C 2 .  ? 5.720   -10.074 19.336  1.00 21.49  ? 114 HOH A O   1 
HETATM 1089 O  O   . HOH C 2 .  ? 12.522  -0.464  9.145   1.00 43.14  ? 115 HOH A O   1 
HETATM 1090 O  O   . HOH C 2 .  ? 13.932  -21.713 13.192  1.00 30.12  ? 116 HOH A O   1 
HETATM 1091 O  O   . HOH C 2 .  ? 9.111   -21.343 17.134  1.00 23.22  ? 117 HOH A O   1 
HETATM 1092 O  O   . HOH C 2 .  ? 17.730  -4.552  1.323   1.00 60.67  ? 118 HOH A O   1 
HETATM 1093 O  O   . HOH C 2 .  ? 5.656   -20.093 -0.884  1.00 43.97  ? 119 HOH A O   1 
HETATM 1094 O  O   . HOH C 2 .  ? 16.140  -24.004 14.201  1.00 39.74  ? 120 HOH A O   1 
HETATM 1095 O  O   . HOH D 2 .  ? -9.048  7.145   -0.973  1.00 28.73  ? 101 HOH B O   1 
HETATM 1096 O  O   . HOH D 2 .  ? -12.631 13.365  2.381   1.00 28.86  ? 102 HOH B O   1 
HETATM 1097 O  O   . HOH D 2 .  ? 3.686   15.634  -8.596  1.00 33.18  ? 103 HOH B O   1 
HETATM 1098 O  O   . HOH D 2 .  ? 6.479   -8.094  -1.058  1.00 41.36  ? 104 HOH B O   1 
HETATM 1099 O  O   . HOH D 2 .  ? 0.276   -3.283  -7.004  1.00 34.15  ? 105 HOH B O   1 
HETATM 1100 O  O   . HOH D 2 .  ? 5.477   14.650  -14.130 1.00 27.07  ? 106 HOH B O   1 
HETATM 1101 O  O   . HOH D 2 .  ? -3.526  -8.362  -2.848  1.00 54.08  ? 107 HOH B O   1 
HETATM 1102 O  O   . HOH D 2 .  ? -11.308 -4.016  -11.480 1.00 45.29  ? 108 HOH B O   1 
HETATM 1103 O  O   . HOH D 2 .  ? -10.741 2.928   -13.632 1.00 32.16  ? 109 HOH B O   1 
HETATM 1104 O  O   . HOH D 2 .  ? -10.159 31.373  -4.515  1.00 37.19  ? 110 HOH B O   1 
HETATM 1105 O  O   . HOH D 2 .  ? -3.235  17.824  -14.005 1.00 30.73  ? 111 HOH B O   1 
HETATM 1106 O  O   . HOH D 2 .  ? -11.926 17.016  -4.078  1.00 26.52  ? 112 HOH B O   1 
HETATM 1107 O  O   . HOH D 2 .  ? -18.551 18.163  -0.714  1.00 31.74  ? 113 HOH B O   1 
HETATM 1108 O  O   . HOH D 2 .  ? -18.047 17.261  -9.142  1.00 34.70  ? 114 HOH B O   1 
HETATM 1109 O  O   . HOH D 2 .  ? 5.284   15.630  -4.154  1.00 35.26  ? 115 HOH B O   1 
HETATM 1110 O  O   . HOH D 2 .  ? 0.504   -4.056  18.049  1.00 45.36  ? 116 HOH B O   1 
# 
